data_1B9O
# 
_entry.id   1B9O 
# 
_audit_conform.dict_name       mmcif_pdbx.dic 
_audit_conform.dict_version    5.398 
_audit_conform.dict_location   http://mmcif.pdb.org/dictionaries/ascii/mmcif_pdbx.dic 
# 
loop_
_database_2.database_id 
_database_2.database_code 
_database_2.pdbx_database_accession 
_database_2.pdbx_DOI 
PDB   1B9O         pdb_00001b9o 10.2210/pdb1b9o/pdb 
RCSB  RCSB000485   ?            ?                   
WWPDB D_1000000485 ?            ?                   
# 
loop_
_pdbx_audit_revision_history.ordinal 
_pdbx_audit_revision_history.data_content_type 
_pdbx_audit_revision_history.major_revision 
_pdbx_audit_revision_history.minor_revision 
_pdbx_audit_revision_history.revision_date 
1 'Structure model' 1 0 1999-03-31 
2 'Structure model' 1 1 2008-04-26 
3 'Structure model' 1 2 2011-07-13 
4 'Structure model' 1 3 2017-10-04 
5 'Structure model' 1 4 2023-12-27 
6 'Structure model' 1 5 2024-10-30 
# 
_pdbx_audit_revision_details.ordinal             1 
_pdbx_audit_revision_details.revision_ordinal    1 
_pdbx_audit_revision_details.data_content_type   'Structure model' 
_pdbx_audit_revision_details.provider            repository 
_pdbx_audit_revision_details.type                'Initial release' 
_pdbx_audit_revision_details.description         ? 
_pdbx_audit_revision_details.details             ? 
# 
loop_
_pdbx_audit_revision_group.ordinal 
_pdbx_audit_revision_group.revision_ordinal 
_pdbx_audit_revision_group.data_content_type 
_pdbx_audit_revision_group.group 
1 2 'Structure model' 'Version format compliance' 
2 3 'Structure model' 'Version format compliance' 
3 4 'Structure model' 'Refinement description'    
4 5 'Structure model' 'Data collection'           
5 5 'Structure model' 'Database references'       
6 5 'Structure model' 'Derived calculations'      
7 6 'Structure model' 'Structure summary'         
# 
loop_
_pdbx_audit_revision_category.ordinal 
_pdbx_audit_revision_category.revision_ordinal 
_pdbx_audit_revision_category.data_content_type 
_pdbx_audit_revision_category.category 
1 4 'Structure model' software                  
2 5 'Structure model' chem_comp_atom            
3 5 'Structure model' chem_comp_bond            
4 5 'Structure model' database_2                
5 5 'Structure model' pdbx_struct_conn_angle    
6 5 'Structure model' struct_conn               
7 5 'Structure model' struct_site               
8 6 'Structure model' pdbx_entry_details        
9 6 'Structure model' pdbx_modification_feature 
# 
loop_
_pdbx_audit_revision_item.ordinal 
_pdbx_audit_revision_item.revision_ordinal 
_pdbx_audit_revision_item.data_content_type 
_pdbx_audit_revision_item.item 
1  4 'Structure model' '_software.name'                              
2  5 'Structure model' '_database_2.pdbx_DOI'                        
3  5 'Structure model' '_database_2.pdbx_database_accession'         
4  5 'Structure model' '_pdbx_struct_conn_angle.ptnr1_auth_seq_id'   
5  5 'Structure model' '_pdbx_struct_conn_angle.ptnr1_label_atom_id' 
6  5 'Structure model' '_pdbx_struct_conn_angle.ptnr1_label_seq_id'  
7  5 'Structure model' '_pdbx_struct_conn_angle.ptnr3_auth_seq_id'   
8  5 'Structure model' '_pdbx_struct_conn_angle.ptnr3_label_atom_id' 
9  5 'Structure model' '_pdbx_struct_conn_angle.ptnr3_label_seq_id'  
10 5 'Structure model' '_pdbx_struct_conn_angle.value'               
11 5 'Structure model' '_struct_conn.pdbx_dist_value'                
12 5 'Structure model' '_struct_conn.ptnr1_auth_comp_id'             
13 5 'Structure model' '_struct_conn.ptnr1_auth_seq_id'              
14 5 'Structure model' '_struct_conn.ptnr1_label_asym_id'            
15 5 'Structure model' '_struct_conn.ptnr1_label_atom_id'            
16 5 'Structure model' '_struct_conn.ptnr1_label_comp_id'            
17 5 'Structure model' '_struct_conn.ptnr1_label_seq_id'             
18 5 'Structure model' '_struct_conn.ptnr2_auth_comp_id'             
19 5 'Structure model' '_struct_conn.ptnr2_auth_seq_id'              
20 5 'Structure model' '_struct_conn.ptnr2_label_asym_id'            
21 5 'Structure model' '_struct_conn.ptnr2_label_atom_id'            
22 5 'Structure model' '_struct_conn.ptnr2_label_comp_id'            
23 5 'Structure model' '_struct_conn.ptnr2_label_seq_id'             
24 5 'Structure model' '_struct_site.pdbx_auth_asym_id'              
25 5 'Structure model' '_struct_site.pdbx_auth_comp_id'              
26 5 'Structure model' '_struct_site.pdbx_auth_seq_id'               
# 
_pdbx_database_status.status_code                     REL 
_pdbx_database_status.entry_id                        1B9O 
_pdbx_database_status.recvd_initial_deposition_date   1999-02-14 
_pdbx_database_status.deposit_site                    BNL 
_pdbx_database_status.process_site                    RCSB 
_pdbx_database_status.status_code_sf                  REL 
_pdbx_database_status.SG_entry                        . 
_pdbx_database_status.pdb_format_compatible           Y 
_pdbx_database_status.status_code_mr                  ? 
_pdbx_database_status.status_code_cs                  ? 
_pdbx_database_status.methods_development_category    ? 
_pdbx_database_status.status_code_nmr_data            ? 
# 
loop_
_audit_author.name 
_audit_author.pdbx_ordinal 
'Harata, K.' 1 
'Abe, Y.'    2 
'Muraki, M.' 3 
# 
_citation.id                        primary 
_citation.title                     
'Crystallographic evaluation of internal motion of human alpha-lactalbumin refined by full-matrix least-squares method.' 
_citation.journal_abbrev            J.Mol.Biol. 
_citation.journal_volume            287 
_citation.page_first                347 
_citation.page_last                 358 
_citation.year                      1999 
_citation.journal_id_ASTM           JMOBAK 
_citation.country                   UK 
_citation.journal_id_ISSN           0022-2836 
_citation.journal_id_CSD            0070 
_citation.book_publisher            ? 
_citation.pdbx_database_id_PubMed   10080897 
_citation.pdbx_database_id_DOI      10.1006/jmbi.1999.2598 
# 
loop_
_citation_author.citation_id 
_citation_author.name 
_citation_author.ordinal 
_citation_author.identifier_ORCID 
primary 'Harata, K.' 1 ? 
primary 'Abe, Y.'    2 ? 
primary 'Muraki, M.' 3 ? 
# 
loop_
_entity.id 
_entity.type 
_entity.src_method 
_entity.pdbx_description 
_entity.formula_weight 
_entity.pdbx_number_of_molecules 
_entity.pdbx_ec 
_entity.pdbx_mutation 
_entity.pdbx_fragment 
_entity.details 
1 polymer     nat 'PROTEIN (ALPHA-LACTALBUMIN)' 14094.112 1   ? ? ? ? 
2 non-polymer syn 'CALCIUM ION'                 40.078    1   ? ? ? ? 
3 water       nat water                         18.015    164 ? ? ? ? 
# 
_entity_poly.entity_id                      1 
_entity_poly.type                           'polypeptide(L)' 
_entity_poly.nstd_linkage                   no 
_entity_poly.nstd_monomer                   no 
_entity_poly.pdbx_seq_one_letter_code       
;KQFTKCELSQLLKDIDGYGGIALPELICTMFHTSGYDTQAIVENDESTEYGLFQISNKLWCKSSQVPQSRNICDISCDKF
LDDDITDDIMCAKKILDIKGIDYWLAHKALCTEKLEQWLCEKL
;
_entity_poly.pdbx_seq_one_letter_code_can   
;KQFTKCELSQLLKDIDGYGGIALPELICTMFHTSGYDTQAIVENDESTEYGLFQISNKLWCKSSQVPQSRNICDISCDKF
LDDDITDDIMCAKKILDIKGIDYWLAHKALCTEKLEQWLCEKL
;
_entity_poly.pdbx_strand_id                 A 
_entity_poly.pdbx_target_identifier         ? 
# 
loop_
_pdbx_entity_nonpoly.entity_id 
_pdbx_entity_nonpoly.name 
_pdbx_entity_nonpoly.comp_id 
2 'CALCIUM ION' CA  
3 water         HOH 
# 
loop_
_entity_poly_seq.entity_id 
_entity_poly_seq.num 
_entity_poly_seq.mon_id 
_entity_poly_seq.hetero 
1 1   LYS n 
1 2   GLN n 
1 3   PHE n 
1 4   THR n 
1 5   LYS n 
1 6   CYS n 
1 7   GLU n 
1 8   LEU n 
1 9   SER n 
1 10  GLN n 
1 11  LEU n 
1 12  LEU n 
1 13  LYS n 
1 14  ASP n 
1 15  ILE n 
1 16  ASP n 
1 17  GLY n 
1 18  TYR n 
1 19  GLY n 
1 20  GLY n 
1 21  ILE n 
1 22  ALA n 
1 23  LEU n 
1 24  PRO n 
1 25  GLU n 
1 26  LEU n 
1 27  ILE n 
1 28  CYS n 
1 29  THR n 
1 30  MET n 
1 31  PHE n 
1 32  HIS n 
1 33  THR n 
1 34  SER n 
1 35  GLY n 
1 36  TYR n 
1 37  ASP n 
1 38  THR n 
1 39  GLN n 
1 40  ALA n 
1 41  ILE n 
1 42  VAL n 
1 43  GLU n 
1 44  ASN n 
1 45  ASP n 
1 46  GLU n 
1 47  SER n 
1 48  THR n 
1 49  GLU n 
1 50  TYR n 
1 51  GLY n 
1 52  LEU n 
1 53  PHE n 
1 54  GLN n 
1 55  ILE n 
1 56  SER n 
1 57  ASN n 
1 58  LYS n 
1 59  LEU n 
1 60  TRP n 
1 61  CYS n 
1 62  LYS n 
1 63  SER n 
1 64  SER n 
1 65  GLN n 
1 66  VAL n 
1 67  PRO n 
1 68  GLN n 
1 69  SER n 
1 70  ARG n 
1 71  ASN n 
1 72  ILE n 
1 73  CYS n 
1 74  ASP n 
1 75  ILE n 
1 76  SER n 
1 77  CYS n 
1 78  ASP n 
1 79  LYS n 
1 80  PHE n 
1 81  LEU n 
1 82  ASP n 
1 83  ASP n 
1 84  ASP n 
1 85  ILE n 
1 86  THR n 
1 87  ASP n 
1 88  ASP n 
1 89  ILE n 
1 90  MET n 
1 91  CYS n 
1 92  ALA n 
1 93  LYS n 
1 94  LYS n 
1 95  ILE n 
1 96  LEU n 
1 97  ASP n 
1 98  ILE n 
1 99  LYS n 
1 100 GLY n 
1 101 ILE n 
1 102 ASP n 
1 103 TYR n 
1 104 TRP n 
1 105 LEU n 
1 106 ALA n 
1 107 HIS n 
1 108 LYS n 
1 109 ALA n 
1 110 LEU n 
1 111 CYS n 
1 112 THR n 
1 113 GLU n 
1 114 LYS n 
1 115 LEU n 
1 116 GLU n 
1 117 GLN n 
1 118 TRP n 
1 119 LEU n 
1 120 CYS n 
1 121 GLU n 
1 122 LYS n 
1 123 LEU n 
# 
_entity_src_nat.entity_id                  1 
_entity_src_nat.pdbx_src_id                1 
_entity_src_nat.pdbx_alt_source_flag       sample 
_entity_src_nat.pdbx_beg_seq_num           ? 
_entity_src_nat.pdbx_end_seq_num           ? 
_entity_src_nat.common_name                human 
_entity_src_nat.pdbx_organism_scientific   'Homo sapiens' 
_entity_src_nat.pdbx_ncbi_taxonomy_id      9606 
_entity_src_nat.genus                      Homo 
_entity_src_nat.species                    ? 
_entity_src_nat.strain                     ? 
_entity_src_nat.tissue                     ? 
_entity_src_nat.tissue_fraction            ? 
_entity_src_nat.pdbx_secretion             ? 
_entity_src_nat.pdbx_fragment              ? 
_entity_src_nat.pdbx_variant               ? 
_entity_src_nat.pdbx_cell_line             ? 
_entity_src_nat.pdbx_atcc                  ? 
_entity_src_nat.pdbx_cellular_location     ? 
_entity_src_nat.pdbx_organ                 ? 
_entity_src_nat.pdbx_organelle             ? 
_entity_src_nat.pdbx_cell                  ? 
_entity_src_nat.pdbx_plasmid_name          ? 
_entity_src_nat.pdbx_plasmid_details       ? 
_entity_src_nat.details                    ? 
# 
loop_
_chem_comp.id 
_chem_comp.type 
_chem_comp.mon_nstd_flag 
_chem_comp.name 
_chem_comp.pdbx_synonyms 
_chem_comp.formula 
_chem_comp.formula_weight 
ALA 'L-peptide linking' y ALANINE         ? 'C3 H7 N O2'     89.093  
ARG 'L-peptide linking' y ARGININE        ? 'C6 H15 N4 O2 1' 175.209 
ASN 'L-peptide linking' y ASPARAGINE      ? 'C4 H8 N2 O3'    132.118 
ASP 'L-peptide linking' y 'ASPARTIC ACID' ? 'C4 H7 N O4'     133.103 
CA  non-polymer         . 'CALCIUM ION'   ? 'Ca 2'           40.078  
CYS 'L-peptide linking' y CYSTEINE        ? 'C3 H7 N O2 S'   121.158 
GLN 'L-peptide linking' y GLUTAMINE       ? 'C5 H10 N2 O3'   146.144 
GLU 'L-peptide linking' y 'GLUTAMIC ACID' ? 'C5 H9 N O4'     147.129 
GLY 'peptide linking'   y GLYCINE         ? 'C2 H5 N O2'     75.067  
HIS 'L-peptide linking' y HISTIDINE       ? 'C6 H10 N3 O2 1' 156.162 
HOH non-polymer         . WATER           ? 'H2 O'           18.015  
ILE 'L-peptide linking' y ISOLEUCINE      ? 'C6 H13 N O2'    131.173 
LEU 'L-peptide linking' y LEUCINE         ? 'C6 H13 N O2'    131.173 
LYS 'L-peptide linking' y LYSINE          ? 'C6 H15 N2 O2 1' 147.195 
MET 'L-peptide linking' y METHIONINE      ? 'C5 H11 N O2 S'  149.211 
PHE 'L-peptide linking' y PHENYLALANINE   ? 'C9 H11 N O2'    165.189 
PRO 'L-peptide linking' y PROLINE         ? 'C5 H9 N O2'     115.130 
SER 'L-peptide linking' y SERINE          ? 'C3 H7 N O3'     105.093 
THR 'L-peptide linking' y THREONINE       ? 'C4 H9 N O3'     119.119 
TRP 'L-peptide linking' y TRYPTOPHAN      ? 'C11 H12 N2 O2'  204.225 
TYR 'L-peptide linking' y TYROSINE        ? 'C9 H11 N O3'    181.189 
VAL 'L-peptide linking' y VALINE          ? 'C5 H11 N O2'    117.146 
# 
loop_
_pdbx_poly_seq_scheme.asym_id 
_pdbx_poly_seq_scheme.entity_id 
_pdbx_poly_seq_scheme.seq_id 
_pdbx_poly_seq_scheme.mon_id 
_pdbx_poly_seq_scheme.ndb_seq_num 
_pdbx_poly_seq_scheme.pdb_seq_num 
_pdbx_poly_seq_scheme.auth_seq_num 
_pdbx_poly_seq_scheme.pdb_mon_id 
_pdbx_poly_seq_scheme.auth_mon_id 
_pdbx_poly_seq_scheme.pdb_strand_id 
_pdbx_poly_seq_scheme.pdb_ins_code 
_pdbx_poly_seq_scheme.hetero 
A 1 1   LYS 1   1   1   LYS LYS A . n 
A 1 2   GLN 2   2   2   GLN GLN A . n 
A 1 3   PHE 3   3   3   PHE PHE A . n 
A 1 4   THR 4   4   4   THR THR A . n 
A 1 5   LYS 5   5   5   LYS LYS A . n 
A 1 6   CYS 6   6   6   CYS CYS A . n 
A 1 7   GLU 7   7   7   GLU GLU A . n 
A 1 8   LEU 8   8   8   LEU LEU A . n 
A 1 9   SER 9   9   9   SER SER A . n 
A 1 10  GLN 10  10  10  GLN GLN A . n 
A 1 11  LEU 11  11  11  LEU LEU A . n 
A 1 12  LEU 12  12  12  LEU LEU A . n 
A 1 13  LYS 13  13  13  LYS LYS A . n 
A 1 14  ASP 14  14  14  ASP ASP A . n 
A 1 15  ILE 15  15  15  ILE ILE A . n 
A 1 16  ASP 16  16  16  ASP ASP A . n 
A 1 17  GLY 17  17  17  GLY GLY A . n 
A 1 18  TYR 18  18  18  TYR TYR A . n 
A 1 19  GLY 19  19  19  GLY GLY A . n 
A 1 20  GLY 20  20  20  GLY GLY A . n 
A 1 21  ILE 21  21  21  ILE ILE A . n 
A 1 22  ALA 22  22  22  ALA ALA A . n 
A 1 23  LEU 23  23  23  LEU LEU A . n 
A 1 24  PRO 24  24  24  PRO PRO A . n 
A 1 25  GLU 25  25  25  GLU GLU A . n 
A 1 26  LEU 26  26  26  LEU LEU A . n 
A 1 27  ILE 27  27  27  ILE ILE A . n 
A 1 28  CYS 28  28  28  CYS CYS A . n 
A 1 29  THR 29  29  29  THR THR A . n 
A 1 30  MET 30  30  30  MET MET A . n 
A 1 31  PHE 31  31  31  PHE PHE A . n 
A 1 32  HIS 32  32  32  HIS HIS A . n 
A 1 33  THR 33  33  33  THR THR A . n 
A 1 34  SER 34  34  34  SER SER A . n 
A 1 35  GLY 35  35  35  GLY GLY A . n 
A 1 36  TYR 36  36  36  TYR TYR A . n 
A 1 37  ASP 37  37  37  ASP ASP A . n 
A 1 38  THR 38  38  38  THR THR A . n 
A 1 39  GLN 39  39  39  GLN GLN A . n 
A 1 40  ALA 40  40  40  ALA ALA A . n 
A 1 41  ILE 41  41  41  ILE ILE A . n 
A 1 42  VAL 42  42  42  VAL VAL A . n 
A 1 43  GLU 43  43  43  GLU GLU A . n 
A 1 44  ASN 44  44  44  ASN ASN A . n 
A 1 45  ASP 45  45  45  ASP ASP A . n 
A 1 46  GLU 46  46  46  GLU GLU A . n 
A 1 47  SER 47  47  47  SER SER A . n 
A 1 48  THR 48  48  48  THR THR A . n 
A 1 49  GLU 49  49  49  GLU GLU A . n 
A 1 50  TYR 50  50  50  TYR TYR A . n 
A 1 51  GLY 51  51  51  GLY GLY A . n 
A 1 52  LEU 52  52  52  LEU LEU A . n 
A 1 53  PHE 53  53  53  PHE PHE A . n 
A 1 54  GLN 54  54  54  GLN GLN A . n 
A 1 55  ILE 55  55  55  ILE ILE A . n 
A 1 56  SER 56  56  56  SER SER A . n 
A 1 57  ASN 57  57  57  ASN ASN A . n 
A 1 58  LYS 58  58  58  LYS LYS A . n 
A 1 59  LEU 59  59  59  LEU LEU A . n 
A 1 60  TRP 60  60  60  TRP TRP A . n 
A 1 61  CYS 61  61  61  CYS CYS A . n 
A 1 62  LYS 62  62  62  LYS LYS A . n 
A 1 63  SER 63  63  63  SER SER A . n 
A 1 64  SER 64  64  64  SER SER A . n 
A 1 65  GLN 65  65  65  GLN GLN A . n 
A 1 66  VAL 66  66  66  VAL VAL A . n 
A 1 67  PRO 67  67  67  PRO PRO A . n 
A 1 68  GLN 68  68  68  GLN GLN A . n 
A 1 69  SER 69  69  69  SER SER A . n 
A 1 70  ARG 70  70  70  ARG ARG A . n 
A 1 71  ASN 71  71  71  ASN ASN A . n 
A 1 72  ILE 72  72  72  ILE ILE A . n 
A 1 73  CYS 73  73  73  CYS CYS A . n 
A 1 74  ASP 74  74  74  ASP ASP A . n 
A 1 75  ILE 75  75  75  ILE ILE A . n 
A 1 76  SER 76  76  76  SER SER A . n 
A 1 77  CYS 77  77  77  CYS CYS A . n 
A 1 78  ASP 78  78  78  ASP ASP A . n 
A 1 79  LYS 79  79  79  LYS LYS A . n 
A 1 80  PHE 80  80  80  PHE PHE A . n 
A 1 81  LEU 81  81  81  LEU LEU A . n 
A 1 82  ASP 82  82  82  ASP ASP A . n 
A 1 83  ASP 83  83  83  ASP ASP A . n 
A 1 84  ASP 84  84  84  ASP ASP A . n 
A 1 85  ILE 85  85  85  ILE ILE A . n 
A 1 86  THR 86  86  86  THR THR A . n 
A 1 87  ASP 87  87  87  ASP ASP A . n 
A 1 88  ASP 88  88  88  ASP ASP A . n 
A 1 89  ILE 89  89  89  ILE ILE A . n 
A 1 90  MET 90  90  90  MET MET A . n 
A 1 91  CYS 91  91  91  CYS CYS A . n 
A 1 92  ALA 92  92  92  ALA ALA A . n 
A 1 93  LYS 93  93  93  LYS LYS A . n 
A 1 94  LYS 94  94  94  LYS LYS A . n 
A 1 95  ILE 95  95  95  ILE ILE A . n 
A 1 96  LEU 96  96  96  LEU LEU A . n 
A 1 97  ASP 97  97  97  ASP ASP A . n 
A 1 98  ILE 98  98  98  ILE ILE A . n 
A 1 99  LYS 99  99  99  LYS LYS A . n 
A 1 100 GLY 100 100 100 GLY GLY A . n 
A 1 101 ILE 101 101 101 ILE ILE A . n 
A 1 102 ASP 102 102 102 ASP ASP A . n 
A 1 103 TYR 103 103 103 TYR TYR A . n 
A 1 104 TRP 104 104 104 TRP TRP A . n 
A 1 105 LEU 105 105 105 LEU LEU A . n 
A 1 106 ALA 106 106 106 ALA ALA A . n 
A 1 107 HIS 107 107 107 HIS HIS A . n 
A 1 108 LYS 108 108 108 LYS LYS A . n 
A 1 109 ALA 109 109 109 ALA ALA A . n 
A 1 110 LEU 110 110 110 LEU LEU A . n 
A 1 111 CYS 111 111 111 CYS CYS A . n 
A 1 112 THR 112 112 112 THR THR A . n 
A 1 113 GLU 113 113 113 GLU GLU A . n 
A 1 114 LYS 114 114 114 LYS LYS A . n 
A 1 115 LEU 115 115 115 LEU LEU A . n 
A 1 116 GLU 116 116 116 GLU GLU A . n 
A 1 117 GLN 117 117 117 GLN GLN A . n 
A 1 118 TRP 118 118 118 TRP TRP A . n 
A 1 119 LEU 119 119 119 LEU LEU A . n 
A 1 120 CYS 120 120 120 CYS CYS A . n 
A 1 121 GLU 121 121 121 GLU GLU A . n 
A 1 122 LYS 122 122 122 LYS LYS A . n 
A 1 123 LEU 123 123 123 LEU LEU A . n 
# 
loop_
_pdbx_nonpoly_scheme.asym_id 
_pdbx_nonpoly_scheme.entity_id 
_pdbx_nonpoly_scheme.mon_id 
_pdbx_nonpoly_scheme.ndb_seq_num 
_pdbx_nonpoly_scheme.pdb_seq_num 
_pdbx_nonpoly_scheme.auth_seq_num 
_pdbx_nonpoly_scheme.pdb_mon_id 
_pdbx_nonpoly_scheme.auth_mon_id 
_pdbx_nonpoly_scheme.pdb_strand_id 
_pdbx_nonpoly_scheme.pdb_ins_code 
B 2 CA  1   124 124 CA  CA  A . 
C 3 HOH 1   125 125 HOH HOH A . 
C 3 HOH 2   126 126 HOH HOH A . 
C 3 HOH 3   127 127 HOH HOH A . 
C 3 HOH 4   128 128 HOH HOH A . 
C 3 HOH 5   129 129 HOH HOH A . 
C 3 HOH 6   130 130 HOH HOH A . 
C 3 HOH 7   131 131 HOH HOH A . 
C 3 HOH 8   132 132 HOH HOH A . 
C 3 HOH 9   133 133 HOH HOH A . 
C 3 HOH 10  134 134 HOH HOH A . 
C 3 HOH 11  135 135 HOH HOH A . 
C 3 HOH 12  136 136 HOH HOH A . 
C 3 HOH 13  137 137 HOH HOH A . 
C 3 HOH 14  138 138 HOH HOH A . 
C 3 HOH 15  139 139 HOH HOH A . 
C 3 HOH 16  140 140 HOH HOH A . 
C 3 HOH 17  141 141 HOH HOH A . 
C 3 HOH 18  142 142 HOH HOH A . 
C 3 HOH 19  143 143 HOH HOH A . 
C 3 HOH 20  144 144 HOH HOH A . 
C 3 HOH 21  145 145 HOH HOH A . 
C 3 HOH 22  146 146 HOH HOH A . 
C 3 HOH 23  147 147 HOH HOH A . 
C 3 HOH 24  148 148 HOH HOH A . 
C 3 HOH 25  149 149 HOH HOH A . 
C 3 HOH 26  150 150 HOH HOH A . 
C 3 HOH 27  151 151 HOH HOH A . 
C 3 HOH 28  152 152 HOH HOH A . 
C 3 HOH 29  153 153 HOH HOH A . 
C 3 HOH 30  154 154 HOH HOH A . 
C 3 HOH 31  155 155 HOH HOH A . 
C 3 HOH 32  156 156 HOH HOH A . 
C 3 HOH 33  157 157 HOH HOH A . 
C 3 HOH 34  158 158 HOH HOH A . 
C 3 HOH 35  159 159 HOH HOH A . 
C 3 HOH 36  160 160 HOH HOH A . 
C 3 HOH 37  161 161 HOH HOH A . 
C 3 HOH 38  162 162 HOH HOH A . 
C 3 HOH 39  163 163 HOH HOH A . 
C 3 HOH 40  164 164 HOH HOH A . 
C 3 HOH 41  165 165 HOH HOH A . 
C 3 HOH 42  166 166 HOH HOH A . 
C 3 HOH 43  167 167 HOH HOH A . 
C 3 HOH 44  168 168 HOH HOH A . 
C 3 HOH 45  169 169 HOH HOH A . 
C 3 HOH 46  170 170 HOH HOH A . 
C 3 HOH 47  171 171 HOH HOH A . 
C 3 HOH 48  172 172 HOH HOH A . 
C 3 HOH 49  173 173 HOH HOH A . 
C 3 HOH 50  174 174 HOH HOH A . 
C 3 HOH 51  175 175 HOH HOH A . 
C 3 HOH 52  176 176 HOH HOH A . 
C 3 HOH 53  177 177 HOH HOH A . 
C 3 HOH 54  178 178 HOH HOH A . 
C 3 HOH 55  179 179 HOH HOH A . 
C 3 HOH 56  180 180 HOH HOH A . 
C 3 HOH 57  181 181 HOH HOH A . 
C 3 HOH 58  182 182 HOH HOH A . 
C 3 HOH 59  183 183 HOH HOH A . 
C 3 HOH 60  184 184 HOH HOH A . 
C 3 HOH 61  185 185 HOH HOH A . 
C 3 HOH 62  186 186 HOH HOH A . 
C 3 HOH 63  187 187 HOH HOH A . 
C 3 HOH 64  188 188 HOH HOH A . 
C 3 HOH 65  189 189 HOH HOH A . 
C 3 HOH 66  190 190 HOH HOH A . 
C 3 HOH 67  191 191 HOH HOH A . 
C 3 HOH 68  192 192 HOH HOH A . 
C 3 HOH 69  193 193 HOH HOH A . 
C 3 HOH 70  194 194 HOH HOH A . 
C 3 HOH 71  195 195 HOH HOH A . 
C 3 HOH 72  196 196 HOH HOH A . 
C 3 HOH 73  197 197 HOH HOH A . 
C 3 HOH 74  198 198 HOH HOH A . 
C 3 HOH 75  199 199 HOH HOH A . 
C 3 HOH 76  200 200 HOH HOH A . 
C 3 HOH 77  201 201 HOH HOH A . 
C 3 HOH 78  202 202 HOH HOH A . 
C 3 HOH 79  203 203 HOH HOH A . 
C 3 HOH 80  204 204 HOH HOH A . 
C 3 HOH 81  205 205 HOH HOH A . 
C 3 HOH 82  206 206 HOH HOH A . 
C 3 HOH 83  207 207 HOH HOH A . 
C 3 HOH 84  208 208 HOH HOH A . 
C 3 HOH 85  209 209 HOH HOH A . 
C 3 HOH 86  210 210 HOH HOH A . 
C 3 HOH 87  211 211 HOH HOH A . 
C 3 HOH 88  212 212 HOH HOH A . 
C 3 HOH 89  213 213 HOH HOH A . 
C 3 HOH 90  214 214 HOH HOH A . 
C 3 HOH 91  215 215 HOH HOH A . 
C 3 HOH 92  216 216 HOH HOH A . 
C 3 HOH 93  217 217 HOH HOH A . 
C 3 HOH 94  218 218 HOH HOH A . 
C 3 HOH 95  219 219 HOH HOH A . 
C 3 HOH 96  220 220 HOH HOH A . 
C 3 HOH 97  221 221 HOH HOH A . 
C 3 HOH 98  222 222 HOH HOH A . 
C 3 HOH 99  223 223 HOH HOH A . 
C 3 HOH 100 224 224 HOH HOH A . 
C 3 HOH 101 225 225 HOH HOH A . 
C 3 HOH 102 226 226 HOH HOH A . 
C 3 HOH 103 227 227 HOH HOH A . 
C 3 HOH 104 228 228 HOH HOH A . 
C 3 HOH 105 229 229 HOH HOH A . 
C 3 HOH 106 230 230 HOH HOH A . 
C 3 HOH 107 231 231 HOH HOH A . 
C 3 HOH 108 232 232 HOH HOH A . 
C 3 HOH 109 233 233 HOH HOH A . 
C 3 HOH 110 234 234 HOH HOH A . 
C 3 HOH 111 235 235 HOH HOH A . 
C 3 HOH 112 236 236 HOH HOH A . 
C 3 HOH 113 237 237 HOH HOH A . 
C 3 HOH 114 238 238 HOH HOH A . 
C 3 HOH 115 239 239 HOH HOH A . 
C 3 HOH 116 240 240 HOH HOH A . 
C 3 HOH 117 241 241 HOH HOH A . 
C 3 HOH 118 242 242 HOH HOH A . 
C 3 HOH 119 243 243 HOH HOH A . 
C 3 HOH 120 244 244 HOH HOH A . 
C 3 HOH 121 245 245 HOH HOH A . 
C 3 HOH 122 246 246 HOH HOH A . 
C 3 HOH 123 247 247 HOH HOH A . 
C 3 HOH 124 248 248 HOH HOH A . 
C 3 HOH 125 249 249 HOH HOH A . 
C 3 HOH 126 250 250 HOH HOH A . 
C 3 HOH 127 251 251 HOH HOH A . 
C 3 HOH 128 252 252 HOH HOH A . 
C 3 HOH 129 253 253 HOH HOH A . 
C 3 HOH 130 254 254 HOH HOH A . 
C 3 HOH 131 255 255 HOH HOH A . 
C 3 HOH 132 256 256 HOH HOH A . 
C 3 HOH 133 257 257 HOH HOH A . 
C 3 HOH 134 258 258 HOH HOH A . 
C 3 HOH 135 259 259 HOH HOH A . 
C 3 HOH 136 260 260 HOH HOH A . 
C 3 HOH 137 261 261 HOH HOH A . 
C 3 HOH 138 262 262 HOH HOH A . 
C 3 HOH 139 263 263 HOH HOH A . 
C 3 HOH 140 264 264 HOH HOH A . 
C 3 HOH 141 265 265 HOH HOH A . 
C 3 HOH 142 266 266 HOH HOH A . 
C 3 HOH 143 267 267 HOH HOH A . 
C 3 HOH 144 268 268 HOH HOH A . 
C 3 HOH 145 269 269 HOH HOH A . 
C 3 HOH 146 270 270 HOH HOH A . 
C 3 HOH 147 271 271 HOH HOH A . 
C 3 HOH 148 272 272 HOH HOH A . 
C 3 HOH 149 273 273 HOH HOH A . 
C 3 HOH 150 274 274 HOH HOH A . 
C 3 HOH 151 275 275 HOH HOH A . 
C 3 HOH 152 276 276 HOH HOH A . 
C 3 HOH 153 277 277 HOH HOH A . 
C 3 HOH 154 278 278 HOH HOH A . 
C 3 HOH 155 279 279 HOH HOH A . 
C 3 HOH 156 280 280 HOH HOH A . 
C 3 HOH 157 281 281 HOH HOH A . 
C 3 HOH 158 282 282 HOH HOH A . 
C 3 HOH 159 283 283 HOH HOH A . 
C 3 HOH 160 284 284 HOH HOH A . 
C 3 HOH 161 285 285 HOH HOH A . 
C 3 HOH 162 286 286 HOH HOH A . 
C 3 HOH 163 287 287 HOH HOH A . 
C 3 HOH 164 288 288 HOH HOH A . 
# 
loop_
_software.name 
_software.classification 
_software.version 
_software.citation_id 
_software.pdbx_ordinal 
MADNESS 'data collection' . ? 1 
MERGEF  'data reduction'  . ? 2 
X-PLOR  'model building'  . ? 3 
SHELXL  refinement        . ? 4 
MADNESS 'data reduction'  . ? 5 
MERGEF  'data scaling'    . ? 6 
X-PLOR  phasing           . ? 7 
# 
_cell.entry_id           1B9O 
_cell.length_a           33.190 
_cell.length_b           49.550 
_cell.length_c           64.200 
_cell.angle_alpha        90.00 
_cell.angle_beta         90.00 
_cell.angle_gamma        90.00 
_cell.Z_PDB              4 
_cell.pdbx_unique_axis   ? 
# 
_symmetry.entry_id                         1B9O 
_symmetry.space_group_name_H-M             'P 21 21 21' 
_symmetry.pdbx_full_space_group_name_H-M   ? 
_symmetry.cell_setting                     orthorhombic 
_symmetry.Int_Tables_number                19 
# 
_exptl.entry_id          1B9O 
_exptl.method            'X-RAY DIFFRACTION' 
_exptl.crystals_number   2 
# 
_exptl_crystal.id                    1 
_exptl_crystal.density_meas          ? 
_exptl_crystal.density_Matthews      1.87 
_exptl_crystal.density_percent_sol   34.31 
_exptl_crystal.description           ? 
# 
_exptl_crystal_grow.crystal_id      1 
_exptl_crystal_grow.method          ? 
_exptl_crystal_grow.temp            ? 
_exptl_crystal_grow.temp_details    ? 
_exptl_crystal_grow.pH              4.2 
_exptl_crystal_grow.pdbx_details    'pH 4.2' 
_exptl_crystal_grow.pdbx_pH_range   ? 
# 
_diffrn.id                     1 
_diffrn.ambient_temp           286 
_diffrn.ambient_temp_details   ? 
_diffrn.crystal_id             1 
# 
_diffrn_detector.diffrn_id              1 
_diffrn_detector.detector               CCD 
_diffrn_detector.type                   ENRAF-NONIUS 
_diffrn_detector.pdbx_collection_date   ? 
_diffrn_detector.details                ? 
# 
_diffrn_radiation.diffrn_id                        1 
_diffrn_radiation.wavelength_id                    1 
_diffrn_radiation.pdbx_monochromatic_or_laue_m_l   M 
_diffrn_radiation.monochromator                    GRAPHITE 
_diffrn_radiation.pdbx_diffrn_protocol             'SINGLE WAVELENGTH' 
_diffrn_radiation.pdbx_scattering_type             x-ray 
# 
_diffrn_radiation_wavelength.id           1 
_diffrn_radiation_wavelength.wavelength   1.5418 
_diffrn_radiation_wavelength.wt           1.0 
# 
_diffrn_source.diffrn_id                   1 
_diffrn_source.source                      'ROTATING ANODE' 
_diffrn_source.type                        'ENRAF-NONIUS FR571' 
_diffrn_source.pdbx_synchrotron_site       ? 
_diffrn_source.pdbx_synchrotron_beamline   ? 
_diffrn_source.pdbx_wavelength             1.5418 
_diffrn_source.pdbx_wavelength_list        ? 
# 
_reflns.entry_id                     1B9O 
_reflns.observed_criterion_sigma_I   0 
_reflns.observed_criterion_sigma_F   ? 
_reflns.d_resolution_low             23.1 
_reflns.d_resolution_high            1.15 
_reflns.number_obs                   37696 
_reflns.number_all                   37696 
_reflns.percent_possible_obs         98 
_reflns.pdbx_Rmerge_I_obs            0.055 
_reflns.pdbx_Rsym_value              ? 
_reflns.pdbx_netI_over_sigmaI        10.0 
_reflns.B_iso_Wilson_estimate        ? 
_reflns.pdbx_redundancy              3.5 
_reflns.R_free_details               ? 
_reflns.pdbx_diffrn_id               1 
_reflns.pdbx_ordinal                 1 
# 
_reflns_shell.d_res_high             1.15 
_reflns_shell.d_res_low              1.17 
_reflns_shell.percent_possible_all   96.0 
_reflns_shell.Rmerge_I_obs           0.192 
_reflns_shell.pdbx_Rsym_value        ? 
_reflns_shell.meanI_over_sigI_obs    ? 
_reflns_shell.pdbx_redundancy        ? 
_reflns_shell.percent_possible_obs   ? 
_reflns_shell.number_unique_all      ? 
_reflns_shell.pdbx_diffrn_id         ? 
_reflns_shell.pdbx_ordinal           1 
# 
_refine.entry_id                                 1B9O 
_refine.ls_number_reflns_obs                     37696 
_refine.ls_number_reflns_all                     37696 
_refine.pdbx_ls_sigma_I                          ? 
_refine.pdbx_ls_sigma_F                          0.0 
_refine.pdbx_data_cutoff_high_absF               ? 
_refine.pdbx_data_cutoff_low_absF                ? 
_refine.pdbx_data_cutoff_high_rms_absF           ? 
_refine.ls_d_res_low                             23.1 
_refine.ls_d_res_high                            1.15 
_refine.ls_percent_reflns_obs                    98.2 
_refine.ls_R_factor_obs                          0.122 
_refine.ls_R_factor_all                          0.119 
_refine.ls_R_factor_R_work                       ? 
_refine.ls_R_factor_R_free                       0.162 
_refine.ls_R_factor_R_free_error                 ? 
_refine.ls_R_factor_R_free_error_details         ? 
_refine.ls_percent_reflns_R_free                 10.0 
_refine.ls_number_reflns_R_free                  3769 
_refine.ls_number_parameters                     10757 
_refine.ls_number_restraints                     13066 
_refine.occupancy_min                            ? 
_refine.occupancy_max                            ? 
_refine.B_iso_mean                               ? 
_refine.aniso_B[1][1]                            ? 
_refine.aniso_B[2][2]                            ? 
_refine.aniso_B[3][3]                            ? 
_refine.aniso_B[1][2]                            ? 
_refine.aniso_B[1][3]                            ? 
_refine.aniso_B[2][3]                            ? 
_refine.solvent_model_details                    'MOEWS & KRETSINGER' 
_refine.solvent_model_param_ksol                 ? 
_refine.solvent_model_param_bsol                 ? 
_refine.pdbx_ls_cross_valid_method               ? 
_refine.details                                  ? 
_refine.pdbx_starting_model                      ? 
_refine.pdbx_method_to_determine_struct          'MOLECULAR REPLACEMENT' 
_refine.pdbx_isotropic_thermal_model             ? 
_refine.pdbx_stereochemistry_target_values       ? 
_refine.pdbx_stereochem_target_val_spec_case     ? 
_refine.pdbx_R_Free_selection_details            'EVERY 10TH REFLECTION' 
_refine.pdbx_overall_ESU_R                       ? 
_refine.pdbx_overall_ESU_R_Free                  ? 
_refine.overall_SU_ML                            ? 
_refine.overall_SU_B                             ? 
_refine.ls_redundancy_reflns_obs                 ? 
_refine.pdbx_refine_id                           'X-RAY DIFFRACTION' 
_refine.pdbx_diffrn_id                           1 
_refine.pdbx_TLS_residual_ADP_flag               ? 
_refine.correlation_coeff_Fo_to_Fc               ? 
_refine.correlation_coeff_Fo_to_Fc_free          ? 
_refine.pdbx_solvent_vdw_probe_radii             ? 
_refine.pdbx_solvent_ion_probe_radii             ? 
_refine.pdbx_solvent_shrinkage_radii             ? 
_refine.pdbx_overall_phase_error                 ? 
_refine.overall_SU_R_Cruickshank_DPI             ? 
_refine.pdbx_overall_SU_R_free_Cruickshank_DPI   ? 
_refine.pdbx_overall_SU_R_Blow_DPI               ? 
_refine.pdbx_overall_SU_R_free_Blow_DPI          ? 
# 
_refine_analyze.entry_id                        1B9O 
_refine_analyze.Luzzati_coordinate_error_obs    ? 
_refine_analyze.Luzzati_sigma_a_obs             ? 
_refine_analyze.Luzzati_d_res_low_obs           ? 
_refine_analyze.Luzzati_coordinate_error_free   ? 
_refine_analyze.Luzzati_sigma_a_free            ? 
_refine_analyze.Luzzati_d_res_low_free          ? 
_refine_analyze.number_disordered_residues      11 
_refine_analyze.occupancy_sum_hydrogen          ? 
_refine_analyze.occupancy_sum_non_hydrogen      ? 
_refine_analyze.pdbx_refine_id                  'X-RAY DIFFRACTION' 
# 
_refine_hist.pdbx_refine_id                   'X-RAY DIFFRACTION' 
_refine_hist.cycle_id                         LAST 
_refine_hist.pdbx_number_atoms_protein        1030 
_refine_hist.pdbx_number_atoms_nucleic_acid   0 
_refine_hist.pdbx_number_atoms_ligand         1 
_refine_hist.number_atoms_solvent             164 
_refine_hist.number_atoms_total               1195 
_refine_hist.d_res_high                       1.15 
_refine_hist.d_res_low                        23.1 
# 
loop_
_refine_ls_restr.type 
_refine_ls_restr.dev_ideal 
_refine_ls_restr.dev_ideal_target 
_refine_ls_restr.weight 
_refine_ls_restr.number 
_refine_ls_restr.pdbx_refine_id 
_refine_ls_restr.pdbx_restraint_function 
s_bond_d               0.014 ? ? ? 'X-RAY DIFFRACTION' ? 
s_angle_d              0.014 ? ? ? 'X-RAY DIFFRACTION' ? 
s_similar_dist         ?     ? ? ? 'X-RAY DIFFRACTION' ? 
s_from_restr_planes    ?     ? ? ? 'X-RAY DIFFRACTION' ? 
s_zero_chiral_vol      ?     ? ? ? 'X-RAY DIFFRACTION' ? 
s_non_zero_chiral_vol  ?     ? ? ? 'X-RAY DIFFRACTION' ? 
s_anti_bump_dis_restr  0.1   ? ? ? 'X-RAY DIFFRACTION' ? 
s_rigid_bond_adp_cmpnt 0.016 ? ? ? 'X-RAY DIFFRACTION' ? 
s_similar_adp_cmpnt    0.040 ? ? ? 'X-RAY DIFFRACTION' ? 
s_approx_iso_adps      0.152 ? ? ? 'X-RAY DIFFRACTION' ? 
# 
_pdbx_refine.entry_id                                    1B9O 
_pdbx_refine.R_factor_all_no_cutoff                      0.119 
_pdbx_refine.R_factor_obs_no_cutoff                      0.122 
_pdbx_refine.free_R_factor_no_cutoff                     0.162 
_pdbx_refine.free_R_val_test_set_size_perc_no_cutoff     10.0 
_pdbx_refine.free_R_val_test_set_ct_no_cutoff            3769 
_pdbx_refine.R_factor_all_4sig_cutoff                    0.0959 
_pdbx_refine.R_factor_obs_4sig_cutoff                    ? 
_pdbx_refine.free_R_factor_4sig_cutoff                   ? 
_pdbx_refine.free_R_val_test_set_size_perc_4sig_cutoff   ? 
_pdbx_refine.free_R_val_test_set_ct_4sig_cutoff          ? 
_pdbx_refine.number_reflns_obs_4sig_cutoff               ? 
_pdbx_refine.number_reflns_obs_no_cutoff                 ? 
_pdbx_refine.pdbx_refine_id                              'X-RAY DIFFRACTION' 
_pdbx_refine.free_R_error_no_cutoff                      ? 
# 
_struct.entry_id                  1B9O 
_struct.title                     'HUMAN ALPHA-LACTALBUMIN, LOW TEMPERATURE FORM' 
_struct.pdbx_model_details        ? 
_struct.pdbx_CASP_flag            ? 
_struct.pdbx_model_type_details   ? 
# 
_struct_keywords.entry_id        1B9O 
_struct_keywords.pdbx_keywords   'CALCIUM-BINDING PROTEIN' 
_struct_keywords.text            'CALCIUM-BINDING PROTEIN, HIGH RESOLUTION' 
# 
loop_
_struct_asym.id 
_struct_asym.pdbx_blank_PDB_chainid_flag 
_struct_asym.pdbx_modified 
_struct_asym.entity_id 
_struct_asym.details 
A N N 1 ? 
B N N 2 ? 
C N N 3 ? 
# 
_struct_ref.id                         1 
_struct_ref.db_name                    UNP 
_struct_ref.db_code                    LALBA_HUMAN 
_struct_ref.entity_id                  1 
_struct_ref.pdbx_db_accession          P00709 
_struct_ref.pdbx_db_isoform            ? 
_struct_ref.pdbx_seq_one_letter_code   ? 
_struct_ref.pdbx_align_begin           ? 
# 
_struct_ref_seq.align_id                      1 
_struct_ref_seq.ref_id                        1 
_struct_ref_seq.pdbx_PDB_id_code              1B9O 
_struct_ref_seq.pdbx_strand_id                A 
_struct_ref_seq.seq_align_beg                 1 
_struct_ref_seq.pdbx_seq_align_beg_ins_code   ? 
_struct_ref_seq.seq_align_end                 123 
_struct_ref_seq.pdbx_seq_align_end_ins_code   ? 
_struct_ref_seq.pdbx_db_accession             P00709 
_struct_ref_seq.db_align_beg                  1 
_struct_ref_seq.pdbx_db_align_beg_ins_code    ? 
_struct_ref_seq.db_align_end                  123 
_struct_ref_seq.pdbx_db_align_end_ins_code    ? 
_struct_ref_seq.pdbx_auth_seq_align_beg       1 
_struct_ref_seq.pdbx_auth_seq_align_end       123 
# 
_pdbx_struct_assembly.id                   1 
_pdbx_struct_assembly.details              author_defined_assembly 
_pdbx_struct_assembly.method_details       ? 
_pdbx_struct_assembly.oligomeric_details   monomeric 
_pdbx_struct_assembly.oligomeric_count     1 
# 
_pdbx_struct_assembly_gen.assembly_id       1 
_pdbx_struct_assembly_gen.oper_expression   1 
_pdbx_struct_assembly_gen.asym_id_list      A,B,C 
# 
_pdbx_struct_oper_list.id                   1 
_pdbx_struct_oper_list.type                 'identity operation' 
_pdbx_struct_oper_list.name                 1_555 
_pdbx_struct_oper_list.symmetry_operation   x,y,z 
_pdbx_struct_oper_list.matrix[1][1]         1.0000000000 
_pdbx_struct_oper_list.matrix[1][2]         0.0000000000 
_pdbx_struct_oper_list.matrix[1][3]         0.0000000000 
_pdbx_struct_oper_list.vector[1]            0.0000000000 
_pdbx_struct_oper_list.matrix[2][1]         0.0000000000 
_pdbx_struct_oper_list.matrix[2][2]         1.0000000000 
_pdbx_struct_oper_list.matrix[2][3]         0.0000000000 
_pdbx_struct_oper_list.vector[2]            0.0000000000 
_pdbx_struct_oper_list.matrix[3][1]         0.0000000000 
_pdbx_struct_oper_list.matrix[3][2]         0.0000000000 
_pdbx_struct_oper_list.matrix[3][3]         1.0000000000 
_pdbx_struct_oper_list.vector[3]            0.0000000000 
# 
_struct_biol.id   1 
# 
loop_
_struct_conf.conf_type_id 
_struct_conf.id 
_struct_conf.pdbx_PDB_helix_id 
_struct_conf.beg_label_comp_id 
_struct_conf.beg_label_asym_id 
_struct_conf.beg_label_seq_id 
_struct_conf.pdbx_beg_PDB_ins_code 
_struct_conf.end_label_comp_id 
_struct_conf.end_label_asym_id 
_struct_conf.end_label_seq_id 
_struct_conf.pdbx_end_PDB_ins_code 
_struct_conf.beg_auth_comp_id 
_struct_conf.beg_auth_asym_id 
_struct_conf.beg_auth_seq_id 
_struct_conf.end_auth_comp_id 
_struct_conf.end_auth_asym_id 
_struct_conf.end_auth_seq_id 
_struct_conf.pdbx_PDB_helix_class 
_struct_conf.details 
_struct_conf.pdbx_PDB_helix_length 
HELX_P HELX_P1 1 LYS A 5   ? LEU A 11  ? LYS A 5   LEU A 11  1 ? 7  
HELX_P HELX_P2 2 LYS A 13  ? ILE A 15  ? LYS A 13  ILE A 15  5 ? 3  
HELX_P HELX_P3 3 TYR A 18  ? GLY A 20  ? TYR A 18  GLY A 20  5 ? 3  
HELX_P HELX_P4 4 LEU A 23  ? SER A 34  ? LEU A 23  SER A 34  1 ? 12 
HELX_P HELX_P5 5 CYS A 77  ? LEU A 81  ? CYS A 77  LEU A 81  5 ? 5  
HELX_P HELX_P6 6 THR A 86  ? ILE A 98  ? THR A 86  ILE A 98  1 ? 13 
HELX_P HELX_P7 7 GLY A 100 ? LEU A 105 ? GLY A 100 LEU A 105 5 ? 6  
HELX_P HELX_P8 8 LEU A 115 ? TRP A 118 ? LEU A 115 TRP A 118 5 ? 4  
# 
_struct_conf_type.id          HELX_P 
_struct_conf_type.criteria    ? 
_struct_conf_type.reference   ? 
# 
loop_
_struct_conn.id 
_struct_conn.conn_type_id 
_struct_conn.pdbx_leaving_atom_flag 
_struct_conn.pdbx_PDB_id 
_struct_conn.ptnr1_label_asym_id 
_struct_conn.ptnr1_label_comp_id 
_struct_conn.ptnr1_label_seq_id 
_struct_conn.ptnr1_label_atom_id 
_struct_conn.pdbx_ptnr1_label_alt_id 
_struct_conn.pdbx_ptnr1_PDB_ins_code 
_struct_conn.pdbx_ptnr1_standard_comp_id 
_struct_conn.ptnr1_symmetry 
_struct_conn.ptnr2_label_asym_id 
_struct_conn.ptnr2_label_comp_id 
_struct_conn.ptnr2_label_seq_id 
_struct_conn.ptnr2_label_atom_id 
_struct_conn.pdbx_ptnr2_label_alt_id 
_struct_conn.pdbx_ptnr2_PDB_ins_code 
_struct_conn.ptnr1_auth_asym_id 
_struct_conn.ptnr1_auth_comp_id 
_struct_conn.ptnr1_auth_seq_id 
_struct_conn.ptnr2_auth_asym_id 
_struct_conn.ptnr2_auth_comp_id 
_struct_conn.ptnr2_auth_seq_id 
_struct_conn.ptnr2_symmetry 
_struct_conn.pdbx_ptnr3_label_atom_id 
_struct_conn.pdbx_ptnr3_label_seq_id 
_struct_conn.pdbx_ptnr3_label_comp_id 
_struct_conn.pdbx_ptnr3_label_asym_id 
_struct_conn.pdbx_ptnr3_label_alt_id 
_struct_conn.pdbx_ptnr3_PDB_ins_code 
_struct_conn.details 
_struct_conn.pdbx_dist_value 
_struct_conn.pdbx_value_order 
_struct_conn.pdbx_role 
disulf1 disulf ? ? A CYS 6  SG  ? ? ? 1_555 A CYS 120 SG ? ? A CYS 6   A CYS 120 1_555 ? ? ? ? ? ? ? 2.008 ? ? 
disulf2 disulf ? ? A CYS 28 SG  ? ? ? 1_555 A CYS 111 SG ? ? A CYS 28  A CYS 111 1_555 ? ? ? ? ? ? ? 2.041 ? ? 
disulf3 disulf ? ? A CYS 61 SG  ? ? ? 1_555 A CYS 77  SG ? ? A CYS 61  A CYS 77  1_555 ? ? ? ? ? ? ? 2.014 ? ? 
disulf4 disulf ? ? A CYS 73 SG  ? ? ? 1_555 A CYS 91  SG ? ? A CYS 73  A CYS 91  1_555 ? ? ? ? ? ? ? 2.025 ? ? 
metalc1 metalc ? ? A LYS 79 O   ? ? ? 1_555 B CA  .   CA ? ? A LYS 79  A CA  124 1_555 ? ? ? ? ? ? ? 2.261 ? ? 
metalc2 metalc ? ? A ASP 82 OD1 ? ? ? 1_555 B CA  .   CA ? ? A ASP 82  A CA  124 1_555 ? ? ? ? ? ? ? 2.375 ? ? 
metalc3 metalc ? ? A ASP 84 O   ? ? ? 1_555 B CA  .   CA ? ? A ASP 84  A CA  124 1_555 ? ? ? ? ? ? ? 2.241 ? ? 
metalc4 metalc ? ? A ASP 87 OD1 ? ? ? 1_555 B CA  .   CA ? ? A ASP 87  A CA  124 1_555 ? ? ? ? ? ? ? 2.405 ? ? 
metalc5 metalc ? ? A ASP 88 OD1 ? ? ? 1_555 B CA  .   CA ? ? A ASP 88  A CA  124 1_555 ? ? ? ? ? ? ? 2.373 ? ? 
metalc6 metalc ? ? B CA  .  CA  ? ? ? 1_555 C HOH .   O  ? ? A CA  124 A HOH 125 1_555 ? ? ? ? ? ? ? 2.417 ? ? 
metalc7 metalc ? ? B CA  .  CA  ? ? ? 1_555 C HOH .   O  ? ? A CA  124 A HOH 126 1_555 ? ? ? ? ? ? ? 2.489 ? ? 
# 
loop_
_struct_conn_type.id 
_struct_conn_type.criteria 
_struct_conn_type.reference 
disulf ? ? 
metalc ? ? 
# 
loop_
_pdbx_struct_conn_angle.id 
_pdbx_struct_conn_angle.ptnr1_label_atom_id 
_pdbx_struct_conn_angle.ptnr1_label_alt_id 
_pdbx_struct_conn_angle.ptnr1_label_asym_id 
_pdbx_struct_conn_angle.ptnr1_label_comp_id 
_pdbx_struct_conn_angle.ptnr1_label_seq_id 
_pdbx_struct_conn_angle.ptnr1_auth_atom_id 
_pdbx_struct_conn_angle.ptnr1_auth_asym_id 
_pdbx_struct_conn_angle.ptnr1_auth_comp_id 
_pdbx_struct_conn_angle.ptnr1_auth_seq_id 
_pdbx_struct_conn_angle.ptnr1_PDB_ins_code 
_pdbx_struct_conn_angle.ptnr1_symmetry 
_pdbx_struct_conn_angle.ptnr2_label_atom_id 
_pdbx_struct_conn_angle.ptnr2_label_alt_id 
_pdbx_struct_conn_angle.ptnr2_label_asym_id 
_pdbx_struct_conn_angle.ptnr2_label_comp_id 
_pdbx_struct_conn_angle.ptnr2_label_seq_id 
_pdbx_struct_conn_angle.ptnr2_auth_atom_id 
_pdbx_struct_conn_angle.ptnr2_auth_asym_id 
_pdbx_struct_conn_angle.ptnr2_auth_comp_id 
_pdbx_struct_conn_angle.ptnr2_auth_seq_id 
_pdbx_struct_conn_angle.ptnr2_PDB_ins_code 
_pdbx_struct_conn_angle.ptnr2_symmetry 
_pdbx_struct_conn_angle.ptnr3_label_atom_id 
_pdbx_struct_conn_angle.ptnr3_label_alt_id 
_pdbx_struct_conn_angle.ptnr3_label_asym_id 
_pdbx_struct_conn_angle.ptnr3_label_comp_id 
_pdbx_struct_conn_angle.ptnr3_label_seq_id 
_pdbx_struct_conn_angle.ptnr3_auth_atom_id 
_pdbx_struct_conn_angle.ptnr3_auth_asym_id 
_pdbx_struct_conn_angle.ptnr3_auth_comp_id 
_pdbx_struct_conn_angle.ptnr3_auth_seq_id 
_pdbx_struct_conn_angle.ptnr3_PDB_ins_code 
_pdbx_struct_conn_angle.ptnr3_symmetry 
_pdbx_struct_conn_angle.value 
_pdbx_struct_conn_angle.value_esd 
1  O   ? A LYS 79 ? A LYS 79  ? 1_555 CA ? B CA . ? A CA 124 ? 1_555 OD1 ? A ASP 82 ? A ASP 82  ? 1_555 84.0  ? 
2  O   ? A LYS 79 ? A LYS 79  ? 1_555 CA ? B CA . ? A CA 124 ? 1_555 O   ? A ASP 84 ? A ASP 84  ? 1_555 166.5 ? 
3  OD1 ? A ASP 82 ? A ASP 82  ? 1_555 CA ? B CA . ? A CA 124 ? 1_555 O   ? A ASP 84 ? A ASP 84  ? 1_555 83.2  ? 
4  O   ? A LYS 79 ? A LYS 79  ? 1_555 CA ? B CA . ? A CA 124 ? 1_555 OD1 ? A ASP 87 ? A ASP 87  ? 1_555 95.0  ? 
5  OD1 ? A ASP 82 ? A ASP 82  ? 1_555 CA ? B CA . ? A CA 124 ? 1_555 OD1 ? A ASP 87 ? A ASP 87  ? 1_555 139.1 ? 
6  O   ? A ASP 84 ? A ASP 84  ? 1_555 CA ? B CA . ? A CA 124 ? 1_555 OD1 ? A ASP 87 ? A ASP 87  ? 1_555 92.0  ? 
7  O   ? A LYS 79 ? A LYS 79  ? 1_555 CA ? B CA . ? A CA 124 ? 1_555 OD1 ? A ASP 88 ? A ASP 88  ? 1_555 103.1 ? 
8  OD1 ? A ASP 82 ? A ASP 82  ? 1_555 CA ? B CA . ? A CA 124 ? 1_555 OD1 ? A ASP 88 ? A ASP 88  ? 1_555 143.9 ? 
9  O   ? A ASP 84 ? A ASP 84  ? 1_555 CA ? B CA . ? A CA 124 ? 1_555 OD1 ? A ASP 88 ? A ASP 88  ? 1_555 89.8  ? 
10 OD1 ? A ASP 87 ? A ASP 87  ? 1_555 CA ? B CA . ? A CA 124 ? 1_555 OD1 ? A ASP 88 ? A ASP 88  ? 1_555 76.3  ? 
11 O   ? A LYS 79 ? A LYS 79  ? 1_555 CA ? B CA . ? A CA 124 ? 1_555 O   ? C HOH .  ? A HOH 125 ? 1_555 89.2  ? 
12 OD1 ? A ASP 82 ? A ASP 82  ? 1_555 CA ? B CA . ? A CA 124 ? 1_555 O   ? C HOH .  ? A HOH 125 ? 1_555 71.0  ? 
13 O   ? A ASP 84 ? A ASP 84  ? 1_555 CA ? B CA . ? A CA 124 ? 1_555 O   ? C HOH .  ? A HOH 125 ? 1_555 90.6  ? 
14 OD1 ? A ASP 87 ? A ASP 87  ? 1_555 CA ? B CA . ? A CA 124 ? 1_555 O   ? C HOH .  ? A HOH 125 ? 1_555 149.8 ? 
15 OD1 ? A ASP 88 ? A ASP 88  ? 1_555 CA ? B CA . ? A CA 124 ? 1_555 O   ? C HOH .  ? A HOH 125 ? 1_555 73.7  ? 
16 O   ? A LYS 79 ? A LYS 79  ? 1_555 CA ? B CA . ? A CA 124 ? 1_555 O   ? C HOH .  ? A HOH 126 ? 1_555 87.6  ? 
17 OD1 ? A ASP 82 ? A ASP 82  ? 1_555 CA ? B CA . ? A CA 124 ? 1_555 O   ? C HOH .  ? A HOH 126 ? 1_555 70.0  ? 
18 O   ? A ASP 84 ? A ASP 84  ? 1_555 CA ? B CA . ? A CA 124 ? 1_555 O   ? C HOH .  ? A HOH 126 ? 1_555 84.1  ? 
19 OD1 ? A ASP 87 ? A ASP 87  ? 1_555 CA ? B CA . ? A CA 124 ? 1_555 O   ? C HOH .  ? A HOH 126 ? 1_555 69.1  ? 
20 OD1 ? A ASP 88 ? A ASP 88  ? 1_555 CA ? B CA . ? A CA 124 ? 1_555 O   ? C HOH .  ? A HOH 126 ? 1_555 144.6 ? 
21 O   ? C HOH .  ? A HOH 125 ? 1_555 CA ? B CA . ? A CA 124 ? 1_555 O   ? C HOH .  ? A HOH 126 ? 1_555 141.0 ? 
# 
loop_
_pdbx_modification_feature.ordinal 
_pdbx_modification_feature.label_comp_id 
_pdbx_modification_feature.label_asym_id 
_pdbx_modification_feature.label_seq_id 
_pdbx_modification_feature.label_alt_id 
_pdbx_modification_feature.modified_residue_label_comp_id 
_pdbx_modification_feature.modified_residue_label_asym_id 
_pdbx_modification_feature.modified_residue_label_seq_id 
_pdbx_modification_feature.modified_residue_label_alt_id 
_pdbx_modification_feature.auth_comp_id 
_pdbx_modification_feature.auth_asym_id 
_pdbx_modification_feature.auth_seq_id 
_pdbx_modification_feature.PDB_ins_code 
_pdbx_modification_feature.symmetry 
_pdbx_modification_feature.modified_residue_auth_comp_id 
_pdbx_modification_feature.modified_residue_auth_asym_id 
_pdbx_modification_feature.modified_residue_auth_seq_id 
_pdbx_modification_feature.modified_residue_PDB_ins_code 
_pdbx_modification_feature.modified_residue_symmetry 
_pdbx_modification_feature.comp_id_linking_atom 
_pdbx_modification_feature.modified_residue_id_linking_atom 
_pdbx_modification_feature.modified_residue_id 
_pdbx_modification_feature.ref_pcm_id 
_pdbx_modification_feature.ref_comp_id 
_pdbx_modification_feature.type 
_pdbx_modification_feature.category 
1 CYS A 6  ? CYS A 120 ? CYS A 6  ? 1_555 CYS A 120 ? 1_555 SG SG . . . None 'Disulfide bridge' 
2 CYS A 28 ? CYS A 111 ? CYS A 28 ? 1_555 CYS A 111 ? 1_555 SG SG . . . None 'Disulfide bridge' 
3 CYS A 61 ? CYS A 77  ? CYS A 61 ? 1_555 CYS A 77  ? 1_555 SG SG . . . None 'Disulfide bridge' 
4 CYS A 73 ? CYS A 91  ? CYS A 73 ? 1_555 CYS A 91  ? 1_555 SG SG . . . None 'Disulfide bridge' 
# 
_struct_sheet.id               A 
_struct_sheet.type             ? 
_struct_sheet.number_strands   2 
_struct_sheet.details          ? 
# 
_struct_sheet_order.sheet_id     A 
_struct_sheet_order.range_id_1   1 
_struct_sheet_order.range_id_2   2 
_struct_sheet_order.offset       ? 
_struct_sheet_order.sense        anti-parallel 
# 
loop_
_struct_sheet_range.sheet_id 
_struct_sheet_range.id 
_struct_sheet_range.beg_label_comp_id 
_struct_sheet_range.beg_label_asym_id 
_struct_sheet_range.beg_label_seq_id 
_struct_sheet_range.pdbx_beg_PDB_ins_code 
_struct_sheet_range.end_label_comp_id 
_struct_sheet_range.end_label_asym_id 
_struct_sheet_range.end_label_seq_id 
_struct_sheet_range.pdbx_end_PDB_ins_code 
_struct_sheet_range.beg_auth_comp_id 
_struct_sheet_range.beg_auth_asym_id 
_struct_sheet_range.beg_auth_seq_id 
_struct_sheet_range.end_auth_comp_id 
_struct_sheet_range.end_auth_asym_id 
_struct_sheet_range.end_auth_seq_id 
A 1 ILE A 41 ? GLU A 43 ? ILE A 41 GLU A 43 
A 2 THR A 48 ? TYR A 50 ? THR A 48 TYR A 50 
# 
_pdbx_struct_sheet_hbond.sheet_id                A 
_pdbx_struct_sheet_hbond.range_id_1              1 
_pdbx_struct_sheet_hbond.range_id_2              2 
_pdbx_struct_sheet_hbond.range_1_label_atom_id   O 
_pdbx_struct_sheet_hbond.range_1_label_comp_id   VAL 
_pdbx_struct_sheet_hbond.range_1_label_asym_id   A 
_pdbx_struct_sheet_hbond.range_1_label_seq_id    42 
_pdbx_struct_sheet_hbond.range_1_PDB_ins_code    ? 
_pdbx_struct_sheet_hbond.range_1_auth_atom_id    O 
_pdbx_struct_sheet_hbond.range_1_auth_comp_id    VAL 
_pdbx_struct_sheet_hbond.range_1_auth_asym_id    A 
_pdbx_struct_sheet_hbond.range_1_auth_seq_id     42 
_pdbx_struct_sheet_hbond.range_2_label_atom_id   N 
_pdbx_struct_sheet_hbond.range_2_label_comp_id   GLU 
_pdbx_struct_sheet_hbond.range_2_label_asym_id   A 
_pdbx_struct_sheet_hbond.range_2_label_seq_id    49 
_pdbx_struct_sheet_hbond.range_2_PDB_ins_code    ? 
_pdbx_struct_sheet_hbond.range_2_auth_atom_id    N 
_pdbx_struct_sheet_hbond.range_2_auth_comp_id    GLU 
_pdbx_struct_sheet_hbond.range_2_auth_asym_id    A 
_pdbx_struct_sheet_hbond.range_2_auth_seq_id     49 
# 
_struct_site.id                   AC1 
_struct_site.pdbx_evidence_code   Software 
_struct_site.pdbx_auth_asym_id    A 
_struct_site.pdbx_auth_comp_id    CA 
_struct_site.pdbx_auth_seq_id     124 
_struct_site.pdbx_auth_ins_code   ? 
_struct_site.pdbx_num_residues    7 
_struct_site.details              'BINDING SITE FOR RESIDUE CA A 124' 
# 
loop_
_struct_site_gen.id 
_struct_site_gen.site_id 
_struct_site_gen.pdbx_num_res 
_struct_site_gen.label_comp_id 
_struct_site_gen.label_asym_id 
_struct_site_gen.label_seq_id 
_struct_site_gen.pdbx_auth_ins_code 
_struct_site_gen.auth_comp_id 
_struct_site_gen.auth_asym_id 
_struct_site_gen.auth_seq_id 
_struct_site_gen.label_atom_id 
_struct_site_gen.label_alt_id 
_struct_site_gen.symmetry 
_struct_site_gen.details 
1 AC1 7 LYS A 79 ? LYS A 79  . ? 1_555 ? 
2 AC1 7 ASP A 82 ? ASP A 82  . ? 1_555 ? 
3 AC1 7 ASP A 84 ? ASP A 84  . ? 1_555 ? 
4 AC1 7 ASP A 87 ? ASP A 87  . ? 1_555 ? 
5 AC1 7 ASP A 88 ? ASP A 88  . ? 1_555 ? 
6 AC1 7 HOH C .  ? HOH A 125 . ? 1_555 ? 
7 AC1 7 HOH C .  ? HOH A 126 . ? 1_555 ? 
# 
_pdbx_entry_details.entry_id                   1B9O 
_pdbx_entry_details.compound_details           ? 
_pdbx_entry_details.source_details             ? 
_pdbx_entry_details.nonpolymer_details         ? 
_pdbx_entry_details.sequence_details           ? 
_pdbx_entry_details.has_ligand_of_interest     ? 
_pdbx_entry_details.has_protein_modification   Y 
# 
_pdbx_validate_planes.id              1 
_pdbx_validate_planes.PDB_model_num   1 
_pdbx_validate_planes.auth_comp_id    ARG 
_pdbx_validate_planes.auth_asym_id    A 
_pdbx_validate_planes.auth_seq_id     70 
_pdbx_validate_planes.PDB_ins_code    ? 
_pdbx_validate_planes.label_alt_id    ? 
_pdbx_validate_planes.rmsd            0.152 
_pdbx_validate_planes.type            'SIDE CHAIN' 
# 
loop_
_chem_comp_atom.comp_id 
_chem_comp_atom.atom_id 
_chem_comp_atom.type_symbol 
_chem_comp_atom.pdbx_aromatic_flag 
_chem_comp_atom.pdbx_stereo_config 
_chem_comp_atom.pdbx_ordinal 
ALA N    N  N N 1   
ALA CA   C  N S 2   
ALA C    C  N N 3   
ALA O    O  N N 4   
ALA CB   C  N N 5   
ALA OXT  O  N N 6   
ALA H    H  N N 7   
ALA H2   H  N N 8   
ALA HA   H  N N 9   
ALA HB1  H  N N 10  
ALA HB2  H  N N 11  
ALA HB3  H  N N 12  
ALA HXT  H  N N 13  
ARG N    N  N N 14  
ARG CA   C  N S 15  
ARG C    C  N N 16  
ARG O    O  N N 17  
ARG CB   C  N N 18  
ARG CG   C  N N 19  
ARG CD   C  N N 20  
ARG NE   N  N N 21  
ARG CZ   C  N N 22  
ARG NH1  N  N N 23  
ARG NH2  N  N N 24  
ARG OXT  O  N N 25  
ARG H    H  N N 26  
ARG H2   H  N N 27  
ARG HA   H  N N 28  
ARG HB2  H  N N 29  
ARG HB3  H  N N 30  
ARG HG2  H  N N 31  
ARG HG3  H  N N 32  
ARG HD2  H  N N 33  
ARG HD3  H  N N 34  
ARG HE   H  N N 35  
ARG HH11 H  N N 36  
ARG HH12 H  N N 37  
ARG HH21 H  N N 38  
ARG HH22 H  N N 39  
ARG HXT  H  N N 40  
ASN N    N  N N 41  
ASN CA   C  N S 42  
ASN C    C  N N 43  
ASN O    O  N N 44  
ASN CB   C  N N 45  
ASN CG   C  N N 46  
ASN OD1  O  N N 47  
ASN ND2  N  N N 48  
ASN OXT  O  N N 49  
ASN H    H  N N 50  
ASN H2   H  N N 51  
ASN HA   H  N N 52  
ASN HB2  H  N N 53  
ASN HB3  H  N N 54  
ASN HD21 H  N N 55  
ASN HD22 H  N N 56  
ASN HXT  H  N N 57  
ASP N    N  N N 58  
ASP CA   C  N S 59  
ASP C    C  N N 60  
ASP O    O  N N 61  
ASP CB   C  N N 62  
ASP CG   C  N N 63  
ASP OD1  O  N N 64  
ASP OD2  O  N N 65  
ASP OXT  O  N N 66  
ASP H    H  N N 67  
ASP H2   H  N N 68  
ASP HA   H  N N 69  
ASP HB2  H  N N 70  
ASP HB3  H  N N 71  
ASP HD2  H  N N 72  
ASP HXT  H  N N 73  
CA  CA   CA N N 74  
CYS N    N  N N 75  
CYS CA   C  N R 76  
CYS C    C  N N 77  
CYS O    O  N N 78  
CYS CB   C  N N 79  
CYS SG   S  N N 80  
CYS OXT  O  N N 81  
CYS H    H  N N 82  
CYS H2   H  N N 83  
CYS HA   H  N N 84  
CYS HB2  H  N N 85  
CYS HB3  H  N N 86  
CYS HG   H  N N 87  
CYS HXT  H  N N 88  
GLN N    N  N N 89  
GLN CA   C  N S 90  
GLN C    C  N N 91  
GLN O    O  N N 92  
GLN CB   C  N N 93  
GLN CG   C  N N 94  
GLN CD   C  N N 95  
GLN OE1  O  N N 96  
GLN NE2  N  N N 97  
GLN OXT  O  N N 98  
GLN H    H  N N 99  
GLN H2   H  N N 100 
GLN HA   H  N N 101 
GLN HB2  H  N N 102 
GLN HB3  H  N N 103 
GLN HG2  H  N N 104 
GLN HG3  H  N N 105 
GLN HE21 H  N N 106 
GLN HE22 H  N N 107 
GLN HXT  H  N N 108 
GLU N    N  N N 109 
GLU CA   C  N S 110 
GLU C    C  N N 111 
GLU O    O  N N 112 
GLU CB   C  N N 113 
GLU CG   C  N N 114 
GLU CD   C  N N 115 
GLU OE1  O  N N 116 
GLU OE2  O  N N 117 
GLU OXT  O  N N 118 
GLU H    H  N N 119 
GLU H2   H  N N 120 
GLU HA   H  N N 121 
GLU HB2  H  N N 122 
GLU HB3  H  N N 123 
GLU HG2  H  N N 124 
GLU HG3  H  N N 125 
GLU HE2  H  N N 126 
GLU HXT  H  N N 127 
GLY N    N  N N 128 
GLY CA   C  N N 129 
GLY C    C  N N 130 
GLY O    O  N N 131 
GLY OXT  O  N N 132 
GLY H    H  N N 133 
GLY H2   H  N N 134 
GLY HA2  H  N N 135 
GLY HA3  H  N N 136 
GLY HXT  H  N N 137 
HIS N    N  N N 138 
HIS CA   C  N S 139 
HIS C    C  N N 140 
HIS O    O  N N 141 
HIS CB   C  N N 142 
HIS CG   C  Y N 143 
HIS ND1  N  Y N 144 
HIS CD2  C  Y N 145 
HIS CE1  C  Y N 146 
HIS NE2  N  Y N 147 
HIS OXT  O  N N 148 
HIS H    H  N N 149 
HIS H2   H  N N 150 
HIS HA   H  N N 151 
HIS HB2  H  N N 152 
HIS HB3  H  N N 153 
HIS HD1  H  N N 154 
HIS HD2  H  N N 155 
HIS HE1  H  N N 156 
HIS HE2  H  N N 157 
HIS HXT  H  N N 158 
HOH O    O  N N 159 
HOH H1   H  N N 160 
HOH H2   H  N N 161 
ILE N    N  N N 162 
ILE CA   C  N S 163 
ILE C    C  N N 164 
ILE O    O  N N 165 
ILE CB   C  N S 166 
ILE CG1  C  N N 167 
ILE CG2  C  N N 168 
ILE CD1  C  N N 169 
ILE OXT  O  N N 170 
ILE H    H  N N 171 
ILE H2   H  N N 172 
ILE HA   H  N N 173 
ILE HB   H  N N 174 
ILE HG12 H  N N 175 
ILE HG13 H  N N 176 
ILE HG21 H  N N 177 
ILE HG22 H  N N 178 
ILE HG23 H  N N 179 
ILE HD11 H  N N 180 
ILE HD12 H  N N 181 
ILE HD13 H  N N 182 
ILE HXT  H  N N 183 
LEU N    N  N N 184 
LEU CA   C  N S 185 
LEU C    C  N N 186 
LEU O    O  N N 187 
LEU CB   C  N N 188 
LEU CG   C  N N 189 
LEU CD1  C  N N 190 
LEU CD2  C  N N 191 
LEU OXT  O  N N 192 
LEU H    H  N N 193 
LEU H2   H  N N 194 
LEU HA   H  N N 195 
LEU HB2  H  N N 196 
LEU HB3  H  N N 197 
LEU HG   H  N N 198 
LEU HD11 H  N N 199 
LEU HD12 H  N N 200 
LEU HD13 H  N N 201 
LEU HD21 H  N N 202 
LEU HD22 H  N N 203 
LEU HD23 H  N N 204 
LEU HXT  H  N N 205 
LYS N    N  N N 206 
LYS CA   C  N S 207 
LYS C    C  N N 208 
LYS O    O  N N 209 
LYS CB   C  N N 210 
LYS CG   C  N N 211 
LYS CD   C  N N 212 
LYS CE   C  N N 213 
LYS NZ   N  N N 214 
LYS OXT  O  N N 215 
LYS H    H  N N 216 
LYS H2   H  N N 217 
LYS HA   H  N N 218 
LYS HB2  H  N N 219 
LYS HB3  H  N N 220 
LYS HG2  H  N N 221 
LYS HG3  H  N N 222 
LYS HD2  H  N N 223 
LYS HD3  H  N N 224 
LYS HE2  H  N N 225 
LYS HE3  H  N N 226 
LYS HZ1  H  N N 227 
LYS HZ2  H  N N 228 
LYS HZ3  H  N N 229 
LYS HXT  H  N N 230 
MET N    N  N N 231 
MET CA   C  N S 232 
MET C    C  N N 233 
MET O    O  N N 234 
MET CB   C  N N 235 
MET CG   C  N N 236 
MET SD   S  N N 237 
MET CE   C  N N 238 
MET OXT  O  N N 239 
MET H    H  N N 240 
MET H2   H  N N 241 
MET HA   H  N N 242 
MET HB2  H  N N 243 
MET HB3  H  N N 244 
MET HG2  H  N N 245 
MET HG3  H  N N 246 
MET HE1  H  N N 247 
MET HE2  H  N N 248 
MET HE3  H  N N 249 
MET HXT  H  N N 250 
PHE N    N  N N 251 
PHE CA   C  N S 252 
PHE C    C  N N 253 
PHE O    O  N N 254 
PHE CB   C  N N 255 
PHE CG   C  Y N 256 
PHE CD1  C  Y N 257 
PHE CD2  C  Y N 258 
PHE CE1  C  Y N 259 
PHE CE2  C  Y N 260 
PHE CZ   C  Y N 261 
PHE OXT  O  N N 262 
PHE H    H  N N 263 
PHE H2   H  N N 264 
PHE HA   H  N N 265 
PHE HB2  H  N N 266 
PHE HB3  H  N N 267 
PHE HD1  H  N N 268 
PHE HD2  H  N N 269 
PHE HE1  H  N N 270 
PHE HE2  H  N N 271 
PHE HZ   H  N N 272 
PHE HXT  H  N N 273 
PRO N    N  N N 274 
PRO CA   C  N S 275 
PRO C    C  N N 276 
PRO O    O  N N 277 
PRO CB   C  N N 278 
PRO CG   C  N N 279 
PRO CD   C  N N 280 
PRO OXT  O  N N 281 
PRO H    H  N N 282 
PRO HA   H  N N 283 
PRO HB2  H  N N 284 
PRO HB3  H  N N 285 
PRO HG2  H  N N 286 
PRO HG3  H  N N 287 
PRO HD2  H  N N 288 
PRO HD3  H  N N 289 
PRO HXT  H  N N 290 
SER N    N  N N 291 
SER CA   C  N S 292 
SER C    C  N N 293 
SER O    O  N N 294 
SER CB   C  N N 295 
SER OG   O  N N 296 
SER OXT  O  N N 297 
SER H    H  N N 298 
SER H2   H  N N 299 
SER HA   H  N N 300 
SER HB2  H  N N 301 
SER HB3  H  N N 302 
SER HG   H  N N 303 
SER HXT  H  N N 304 
THR N    N  N N 305 
THR CA   C  N S 306 
THR C    C  N N 307 
THR O    O  N N 308 
THR CB   C  N R 309 
THR OG1  O  N N 310 
THR CG2  C  N N 311 
THR OXT  O  N N 312 
THR H    H  N N 313 
THR H2   H  N N 314 
THR HA   H  N N 315 
THR HB   H  N N 316 
THR HG1  H  N N 317 
THR HG21 H  N N 318 
THR HG22 H  N N 319 
THR HG23 H  N N 320 
THR HXT  H  N N 321 
TRP N    N  N N 322 
TRP CA   C  N S 323 
TRP C    C  N N 324 
TRP O    O  N N 325 
TRP CB   C  N N 326 
TRP CG   C  Y N 327 
TRP CD1  C  Y N 328 
TRP CD2  C  Y N 329 
TRP NE1  N  Y N 330 
TRP CE2  C  Y N 331 
TRP CE3  C  Y N 332 
TRP CZ2  C  Y N 333 
TRP CZ3  C  Y N 334 
TRP CH2  C  Y N 335 
TRP OXT  O  N N 336 
TRP H    H  N N 337 
TRP H2   H  N N 338 
TRP HA   H  N N 339 
TRP HB2  H  N N 340 
TRP HB3  H  N N 341 
TRP HD1  H  N N 342 
TRP HE1  H  N N 343 
TRP HE3  H  N N 344 
TRP HZ2  H  N N 345 
TRP HZ3  H  N N 346 
TRP HH2  H  N N 347 
TRP HXT  H  N N 348 
TYR N    N  N N 349 
TYR CA   C  N S 350 
TYR C    C  N N 351 
TYR O    O  N N 352 
TYR CB   C  N N 353 
TYR CG   C  Y N 354 
TYR CD1  C  Y N 355 
TYR CD2  C  Y N 356 
TYR CE1  C  Y N 357 
TYR CE2  C  Y N 358 
TYR CZ   C  Y N 359 
TYR OH   O  N N 360 
TYR OXT  O  N N 361 
TYR H    H  N N 362 
TYR H2   H  N N 363 
TYR HA   H  N N 364 
TYR HB2  H  N N 365 
TYR HB3  H  N N 366 
TYR HD1  H  N N 367 
TYR HD2  H  N N 368 
TYR HE1  H  N N 369 
TYR HE2  H  N N 370 
TYR HH   H  N N 371 
TYR HXT  H  N N 372 
VAL N    N  N N 373 
VAL CA   C  N S 374 
VAL C    C  N N 375 
VAL O    O  N N 376 
VAL CB   C  N N 377 
VAL CG1  C  N N 378 
VAL CG2  C  N N 379 
VAL OXT  O  N N 380 
VAL H    H  N N 381 
VAL H2   H  N N 382 
VAL HA   H  N N 383 
VAL HB   H  N N 384 
VAL HG11 H  N N 385 
VAL HG12 H  N N 386 
VAL HG13 H  N N 387 
VAL HG21 H  N N 388 
VAL HG22 H  N N 389 
VAL HG23 H  N N 390 
VAL HXT  H  N N 391 
# 
loop_
_chem_comp_bond.comp_id 
_chem_comp_bond.atom_id_1 
_chem_comp_bond.atom_id_2 
_chem_comp_bond.value_order 
_chem_comp_bond.pdbx_aromatic_flag 
_chem_comp_bond.pdbx_stereo_config 
_chem_comp_bond.pdbx_ordinal 
ALA N   CA   sing N N 1   
ALA N   H    sing N N 2   
ALA N   H2   sing N N 3   
ALA CA  C    sing N N 4   
ALA CA  CB   sing N N 5   
ALA CA  HA   sing N N 6   
ALA C   O    doub N N 7   
ALA C   OXT  sing N N 8   
ALA CB  HB1  sing N N 9   
ALA CB  HB2  sing N N 10  
ALA CB  HB3  sing N N 11  
ALA OXT HXT  sing N N 12  
ARG N   CA   sing N N 13  
ARG N   H    sing N N 14  
ARG N   H2   sing N N 15  
ARG CA  C    sing N N 16  
ARG CA  CB   sing N N 17  
ARG CA  HA   sing N N 18  
ARG C   O    doub N N 19  
ARG C   OXT  sing N N 20  
ARG CB  CG   sing N N 21  
ARG CB  HB2  sing N N 22  
ARG CB  HB3  sing N N 23  
ARG CG  CD   sing N N 24  
ARG CG  HG2  sing N N 25  
ARG CG  HG3  sing N N 26  
ARG CD  NE   sing N N 27  
ARG CD  HD2  sing N N 28  
ARG CD  HD3  sing N N 29  
ARG NE  CZ   sing N N 30  
ARG NE  HE   sing N N 31  
ARG CZ  NH1  sing N N 32  
ARG CZ  NH2  doub N N 33  
ARG NH1 HH11 sing N N 34  
ARG NH1 HH12 sing N N 35  
ARG NH2 HH21 sing N N 36  
ARG NH2 HH22 sing N N 37  
ARG OXT HXT  sing N N 38  
ASN N   CA   sing N N 39  
ASN N   H    sing N N 40  
ASN N   H2   sing N N 41  
ASN CA  C    sing N N 42  
ASN CA  CB   sing N N 43  
ASN CA  HA   sing N N 44  
ASN C   O    doub N N 45  
ASN C   OXT  sing N N 46  
ASN CB  CG   sing N N 47  
ASN CB  HB2  sing N N 48  
ASN CB  HB3  sing N N 49  
ASN CG  OD1  doub N N 50  
ASN CG  ND2  sing N N 51  
ASN ND2 HD21 sing N N 52  
ASN ND2 HD22 sing N N 53  
ASN OXT HXT  sing N N 54  
ASP N   CA   sing N N 55  
ASP N   H    sing N N 56  
ASP N   H2   sing N N 57  
ASP CA  C    sing N N 58  
ASP CA  CB   sing N N 59  
ASP CA  HA   sing N N 60  
ASP C   O    doub N N 61  
ASP C   OXT  sing N N 62  
ASP CB  CG   sing N N 63  
ASP CB  HB2  sing N N 64  
ASP CB  HB3  sing N N 65  
ASP CG  OD1  doub N N 66  
ASP CG  OD2  sing N N 67  
ASP OD2 HD2  sing N N 68  
ASP OXT HXT  sing N N 69  
CYS N   CA   sing N N 70  
CYS N   H    sing N N 71  
CYS N   H2   sing N N 72  
CYS CA  C    sing N N 73  
CYS CA  CB   sing N N 74  
CYS CA  HA   sing N N 75  
CYS C   O    doub N N 76  
CYS C   OXT  sing N N 77  
CYS CB  SG   sing N N 78  
CYS CB  HB2  sing N N 79  
CYS CB  HB3  sing N N 80  
CYS SG  HG   sing N N 81  
CYS OXT HXT  sing N N 82  
GLN N   CA   sing N N 83  
GLN N   H    sing N N 84  
GLN N   H2   sing N N 85  
GLN CA  C    sing N N 86  
GLN CA  CB   sing N N 87  
GLN CA  HA   sing N N 88  
GLN C   O    doub N N 89  
GLN C   OXT  sing N N 90  
GLN CB  CG   sing N N 91  
GLN CB  HB2  sing N N 92  
GLN CB  HB3  sing N N 93  
GLN CG  CD   sing N N 94  
GLN CG  HG2  sing N N 95  
GLN CG  HG3  sing N N 96  
GLN CD  OE1  doub N N 97  
GLN CD  NE2  sing N N 98  
GLN NE2 HE21 sing N N 99  
GLN NE2 HE22 sing N N 100 
GLN OXT HXT  sing N N 101 
GLU N   CA   sing N N 102 
GLU N   H    sing N N 103 
GLU N   H2   sing N N 104 
GLU CA  C    sing N N 105 
GLU CA  CB   sing N N 106 
GLU CA  HA   sing N N 107 
GLU C   O    doub N N 108 
GLU C   OXT  sing N N 109 
GLU CB  CG   sing N N 110 
GLU CB  HB2  sing N N 111 
GLU CB  HB3  sing N N 112 
GLU CG  CD   sing N N 113 
GLU CG  HG2  sing N N 114 
GLU CG  HG3  sing N N 115 
GLU CD  OE1  doub N N 116 
GLU CD  OE2  sing N N 117 
GLU OE2 HE2  sing N N 118 
GLU OXT HXT  sing N N 119 
GLY N   CA   sing N N 120 
GLY N   H    sing N N 121 
GLY N   H2   sing N N 122 
GLY CA  C    sing N N 123 
GLY CA  HA2  sing N N 124 
GLY CA  HA3  sing N N 125 
GLY C   O    doub N N 126 
GLY C   OXT  sing N N 127 
GLY OXT HXT  sing N N 128 
HIS N   CA   sing N N 129 
HIS N   H    sing N N 130 
HIS N   H2   sing N N 131 
HIS CA  C    sing N N 132 
HIS CA  CB   sing N N 133 
HIS CA  HA   sing N N 134 
HIS C   O    doub N N 135 
HIS C   OXT  sing N N 136 
HIS CB  CG   sing N N 137 
HIS CB  HB2  sing N N 138 
HIS CB  HB3  sing N N 139 
HIS CG  ND1  sing Y N 140 
HIS CG  CD2  doub Y N 141 
HIS ND1 CE1  doub Y N 142 
HIS ND1 HD1  sing N N 143 
HIS CD2 NE2  sing Y N 144 
HIS CD2 HD2  sing N N 145 
HIS CE1 NE2  sing Y N 146 
HIS CE1 HE1  sing N N 147 
HIS NE2 HE2  sing N N 148 
HIS OXT HXT  sing N N 149 
HOH O   H1   sing N N 150 
HOH O   H2   sing N N 151 
ILE N   CA   sing N N 152 
ILE N   H    sing N N 153 
ILE N   H2   sing N N 154 
ILE CA  C    sing N N 155 
ILE CA  CB   sing N N 156 
ILE CA  HA   sing N N 157 
ILE C   O    doub N N 158 
ILE C   OXT  sing N N 159 
ILE CB  CG1  sing N N 160 
ILE CB  CG2  sing N N 161 
ILE CB  HB   sing N N 162 
ILE CG1 CD1  sing N N 163 
ILE CG1 HG12 sing N N 164 
ILE CG1 HG13 sing N N 165 
ILE CG2 HG21 sing N N 166 
ILE CG2 HG22 sing N N 167 
ILE CG2 HG23 sing N N 168 
ILE CD1 HD11 sing N N 169 
ILE CD1 HD12 sing N N 170 
ILE CD1 HD13 sing N N 171 
ILE OXT HXT  sing N N 172 
LEU N   CA   sing N N 173 
LEU N   H    sing N N 174 
LEU N   H2   sing N N 175 
LEU CA  C    sing N N 176 
LEU CA  CB   sing N N 177 
LEU CA  HA   sing N N 178 
LEU C   O    doub N N 179 
LEU C   OXT  sing N N 180 
LEU CB  CG   sing N N 181 
LEU CB  HB2  sing N N 182 
LEU CB  HB3  sing N N 183 
LEU CG  CD1  sing N N 184 
LEU CG  CD2  sing N N 185 
LEU CG  HG   sing N N 186 
LEU CD1 HD11 sing N N 187 
LEU CD1 HD12 sing N N 188 
LEU CD1 HD13 sing N N 189 
LEU CD2 HD21 sing N N 190 
LEU CD2 HD22 sing N N 191 
LEU CD2 HD23 sing N N 192 
LEU OXT HXT  sing N N 193 
LYS N   CA   sing N N 194 
LYS N   H    sing N N 195 
LYS N   H2   sing N N 196 
LYS CA  C    sing N N 197 
LYS CA  CB   sing N N 198 
LYS CA  HA   sing N N 199 
LYS C   O    doub N N 200 
LYS C   OXT  sing N N 201 
LYS CB  CG   sing N N 202 
LYS CB  HB2  sing N N 203 
LYS CB  HB3  sing N N 204 
LYS CG  CD   sing N N 205 
LYS CG  HG2  sing N N 206 
LYS CG  HG3  sing N N 207 
LYS CD  CE   sing N N 208 
LYS CD  HD2  sing N N 209 
LYS CD  HD3  sing N N 210 
LYS CE  NZ   sing N N 211 
LYS CE  HE2  sing N N 212 
LYS CE  HE3  sing N N 213 
LYS NZ  HZ1  sing N N 214 
LYS NZ  HZ2  sing N N 215 
LYS NZ  HZ3  sing N N 216 
LYS OXT HXT  sing N N 217 
MET N   CA   sing N N 218 
MET N   H    sing N N 219 
MET N   H2   sing N N 220 
MET CA  C    sing N N 221 
MET CA  CB   sing N N 222 
MET CA  HA   sing N N 223 
MET C   O    doub N N 224 
MET C   OXT  sing N N 225 
MET CB  CG   sing N N 226 
MET CB  HB2  sing N N 227 
MET CB  HB3  sing N N 228 
MET CG  SD   sing N N 229 
MET CG  HG2  sing N N 230 
MET CG  HG3  sing N N 231 
MET SD  CE   sing N N 232 
MET CE  HE1  sing N N 233 
MET CE  HE2  sing N N 234 
MET CE  HE3  sing N N 235 
MET OXT HXT  sing N N 236 
PHE N   CA   sing N N 237 
PHE N   H    sing N N 238 
PHE N   H2   sing N N 239 
PHE CA  C    sing N N 240 
PHE CA  CB   sing N N 241 
PHE CA  HA   sing N N 242 
PHE C   O    doub N N 243 
PHE C   OXT  sing N N 244 
PHE CB  CG   sing N N 245 
PHE CB  HB2  sing N N 246 
PHE CB  HB3  sing N N 247 
PHE CG  CD1  doub Y N 248 
PHE CG  CD2  sing Y N 249 
PHE CD1 CE1  sing Y N 250 
PHE CD1 HD1  sing N N 251 
PHE CD2 CE2  doub Y N 252 
PHE CD2 HD2  sing N N 253 
PHE CE1 CZ   doub Y N 254 
PHE CE1 HE1  sing N N 255 
PHE CE2 CZ   sing Y N 256 
PHE CE2 HE2  sing N N 257 
PHE CZ  HZ   sing N N 258 
PHE OXT HXT  sing N N 259 
PRO N   CA   sing N N 260 
PRO N   CD   sing N N 261 
PRO N   H    sing N N 262 
PRO CA  C    sing N N 263 
PRO CA  CB   sing N N 264 
PRO CA  HA   sing N N 265 
PRO C   O    doub N N 266 
PRO C   OXT  sing N N 267 
PRO CB  CG   sing N N 268 
PRO CB  HB2  sing N N 269 
PRO CB  HB3  sing N N 270 
PRO CG  CD   sing N N 271 
PRO CG  HG2  sing N N 272 
PRO CG  HG3  sing N N 273 
PRO CD  HD2  sing N N 274 
PRO CD  HD3  sing N N 275 
PRO OXT HXT  sing N N 276 
SER N   CA   sing N N 277 
SER N   H    sing N N 278 
SER N   H2   sing N N 279 
SER CA  C    sing N N 280 
SER CA  CB   sing N N 281 
SER CA  HA   sing N N 282 
SER C   O    doub N N 283 
SER C   OXT  sing N N 284 
SER CB  OG   sing N N 285 
SER CB  HB2  sing N N 286 
SER CB  HB3  sing N N 287 
SER OG  HG   sing N N 288 
SER OXT HXT  sing N N 289 
THR N   CA   sing N N 290 
THR N   H    sing N N 291 
THR N   H2   sing N N 292 
THR CA  C    sing N N 293 
THR CA  CB   sing N N 294 
THR CA  HA   sing N N 295 
THR C   O    doub N N 296 
THR C   OXT  sing N N 297 
THR CB  OG1  sing N N 298 
THR CB  CG2  sing N N 299 
THR CB  HB   sing N N 300 
THR OG1 HG1  sing N N 301 
THR CG2 HG21 sing N N 302 
THR CG2 HG22 sing N N 303 
THR CG2 HG23 sing N N 304 
THR OXT HXT  sing N N 305 
TRP N   CA   sing N N 306 
TRP N   H    sing N N 307 
TRP N   H2   sing N N 308 
TRP CA  C    sing N N 309 
TRP CA  CB   sing N N 310 
TRP CA  HA   sing N N 311 
TRP C   O    doub N N 312 
TRP C   OXT  sing N N 313 
TRP CB  CG   sing N N 314 
TRP CB  HB2  sing N N 315 
TRP CB  HB3  sing N N 316 
TRP CG  CD1  doub Y N 317 
TRP CG  CD2  sing Y N 318 
TRP CD1 NE1  sing Y N 319 
TRP CD1 HD1  sing N N 320 
TRP CD2 CE2  doub Y N 321 
TRP CD2 CE3  sing Y N 322 
TRP NE1 CE2  sing Y N 323 
TRP NE1 HE1  sing N N 324 
TRP CE2 CZ2  sing Y N 325 
TRP CE3 CZ3  doub Y N 326 
TRP CE3 HE3  sing N N 327 
TRP CZ2 CH2  doub Y N 328 
TRP CZ2 HZ2  sing N N 329 
TRP CZ3 CH2  sing Y N 330 
TRP CZ3 HZ3  sing N N 331 
TRP CH2 HH2  sing N N 332 
TRP OXT HXT  sing N N 333 
TYR N   CA   sing N N 334 
TYR N   H    sing N N 335 
TYR N   H2   sing N N 336 
TYR CA  C    sing N N 337 
TYR CA  CB   sing N N 338 
TYR CA  HA   sing N N 339 
TYR C   O    doub N N 340 
TYR C   OXT  sing N N 341 
TYR CB  CG   sing N N 342 
TYR CB  HB2  sing N N 343 
TYR CB  HB3  sing N N 344 
TYR CG  CD1  doub Y N 345 
TYR CG  CD2  sing Y N 346 
TYR CD1 CE1  sing Y N 347 
TYR CD1 HD1  sing N N 348 
TYR CD2 CE2  doub Y N 349 
TYR CD2 HD2  sing N N 350 
TYR CE1 CZ   doub Y N 351 
TYR CE1 HE1  sing N N 352 
TYR CE2 CZ   sing Y N 353 
TYR CE2 HE2  sing N N 354 
TYR CZ  OH   sing N N 355 
TYR OH  HH   sing N N 356 
TYR OXT HXT  sing N N 357 
VAL N   CA   sing N N 358 
VAL N   H    sing N N 359 
VAL N   H2   sing N N 360 
VAL CA  C    sing N N 361 
VAL CA  CB   sing N N 362 
VAL CA  HA   sing N N 363 
VAL C   O    doub N N 364 
VAL C   OXT  sing N N 365 
VAL CB  CG1  sing N N 366 
VAL CB  CG2  sing N N 367 
VAL CB  HB   sing N N 368 
VAL CG1 HG11 sing N N 369 
VAL CG1 HG12 sing N N 370 
VAL CG1 HG13 sing N N 371 
VAL CG2 HG21 sing N N 372 
VAL CG2 HG22 sing N N 373 
VAL CG2 HG23 sing N N 374 
VAL OXT HXT  sing N N 375 
# 
_atom_sites.entry_id                    1B9O 
_atom_sites.fract_transf_matrix[1][1]   0.02938540 
_atom_sites.fract_transf_matrix[1][2]   -0.00630238 
_atom_sites.fract_transf_matrix[1][3]   -0.00212957 
_atom_sites.fract_transf_matrix[2][1]   0.00140400 
_atom_sites.fract_transf_matrix[2][2]   0.01200702 
_atom_sites.fract_transf_matrix[2][3]   -0.01616086 
_atom_sites.fract_transf_matrix[3][1]   0.00326400 
_atom_sites.fract_transf_matrix[3][2]   0.01208816 
_atom_sites.fract_transf_matrix[3][3]   0.00926469 
_atom_sites.fract_transf_vector[1]      0.057200 
_atom_sites.fract_transf_vector[2]      0.539627 
_atom_sites.fract_transf_vector[3]      0.433528 
# 
loop_
_atom_type.symbol 
C  
CA 
N  
O  
S  
# 
loop_
_atom_site.group_PDB 
_atom_site.id 
_atom_site.type_symbol 
_atom_site.label_atom_id 
_atom_site.label_alt_id 
_atom_site.label_comp_id 
_atom_site.label_asym_id 
_atom_site.label_entity_id 
_atom_site.label_seq_id 
_atom_site.pdbx_PDB_ins_code 
_atom_site.Cartn_x 
_atom_site.Cartn_y 
_atom_site.Cartn_z 
_atom_site.occupancy 
_atom_site.B_iso_or_equiv 
_atom_site.pdbx_formal_charge 
_atom_site.auth_seq_id 
_atom_site.auth_comp_id 
_atom_site.auth_asym_id 
_atom_site.auth_atom_id 
_atom_site.pdbx_PDB_model_num 
ATOM   1    N  N   . LYS A 1 1   ? 8.660   9.811   4.874   1.00 25.02 ? 1   LYS A N   1 
ATOM   2    C  CA  . LYS A 1 1   ? 8.031   10.059  6.158   1.00 24.40 ? 1   LYS A CA  1 
ATOM   3    C  C   . LYS A 1 1   ? 7.668   8.666   6.740   1.00 20.08 ? 1   LYS A C   1 
ATOM   4    O  O   . LYS A 1 1   ? 7.216   7.822   5.980   1.00 21.26 ? 1   LYS A O   1 
ATOM   5    C  CB  . LYS A 1 1   ? 6.721   10.851  6.027   1.00 28.98 ? 1   LYS A CB  1 
ATOM   6    C  CG  . LYS A 1 1   ? 5.835   10.778  7.272   1.00 35.95 ? 1   LYS A CG  1 
ATOM   7    C  CD  . LYS A 1 1   ? 5.348   12.126  7.709   1.00 43.54 ? 1   LYS A CD  1 
ATOM   8    C  CE  . LYS A 1 1   ? 4.249   12.039  8.760   1.00 44.40 ? 1   LYS A CE  1 
ATOM   9    N  NZ  . LYS A 1 1   ? 4.677   12.609  10.066  1.00 54.74 ? 1   LYS A NZ  1 
ATOM   10   N  N   . GLN A 1 2   ? 7.848   8.562   8.012   1.00 23.26 ? 2   GLN A N   1 
ATOM   11   C  CA  . GLN A 1 2   ? 7.515   7.279   8.720   1.00 24.96 ? 2   GLN A CA  1 
ATOM   12   C  C   . GLN A 1 2   ? 6.280   7.620   9.595   1.00 22.87 ? 2   GLN A C   1 
ATOM   13   O  O   . GLN A 1 2   ? 6.463   8.398   10.523  1.00 30.36 ? 2   GLN A O   1 
ATOM   14   C  CB  A GLN A 1 2   ? 8.695   6.969   9.640   0.50 30.77 ? 2   GLN A CB  1 
ATOM   15   C  CB  B GLN A 1 2   ? 8.710   7.122   9.727   0.50 27.69 ? 2   GLN A CB  1 
ATOM   16   C  CG  A GLN A 1 2   ? 8.393   5.940   10.707  0.50 31.90 ? 2   GLN A CG  1 
ATOM   17   C  CG  B GLN A 1 2   ? 8.998   8.411   10.464  0.50 32.94 ? 2   GLN A CG  1 
ATOM   18   C  CD  A GLN A 1 2   ? 8.293   4.538   10.126  0.50 33.36 ? 2   GLN A CD  1 
ATOM   19   C  CD  B GLN A 1 2   ? 9.585   9.522   9.642   0.50 35.63 ? 2   GLN A CD  1 
ATOM   20   O  OE1 A GLN A 1 2   ? 9.305   3.942   9.745   0.50 45.33 ? 2   GLN A OE1 1 
ATOM   21   O  OE1 B GLN A 1 2   ? 9.014   10.613  9.540   0.50 34.94 ? 2   GLN A OE1 1 
ATOM   22   N  NE2 A GLN A 1 2   ? 7.081   4.028   10.063  0.50 37.97 ? 2   GLN A NE2 1 
ATOM   23   N  NE2 B GLN A 1 2   ? 10.770  9.311   9.066   0.50 40.41 ? 2   GLN A NE2 1 
ATOM   24   N  N   . PHE A 1 3   ? 5.129   7.093   9.273   1.00 17.10 ? 3   PHE A N   1 
ATOM   25   C  CA  . PHE A 1 3   ? 3.907   7.382   10.026  1.00 17.12 ? 3   PHE A CA  1 
ATOM   26   C  C   . PHE A 1 3   ? 3.856   6.474   11.267  1.00 17.76 ? 3   PHE A C   1 
ATOM   27   O  O   . PHE A 1 3   ? 4.443   5.404   11.278  1.00 18.97 ? 3   PHE A O   1 
ATOM   28   C  CB  . PHE A 1 3   ? 2.671   7.102   9.205   1.00 19.32 ? 3   PHE A CB  1 
ATOM   29   C  CG  . PHE A 1 3   ? 2.452   7.984   8.009   1.00 18.60 ? 3   PHE A CG  1 
ATOM   30   C  CD1 . PHE A 1 3   ? 1.946   9.272   8.203   1.00 22.83 ? 3   PHE A CD1 1 
ATOM   31   C  CD2 . PHE A 1 3   ? 2.699   7.577   6.730   1.00 18.85 ? 3   PHE A CD2 1 
ATOM   32   C  CE1 . PHE A 1 3   ? 1.764   10.131  7.143   1.00 23.97 ? 3   PHE A CE1 1 
ATOM   33   C  CE2 . PHE A 1 3   ? 2.495   8.438   5.655   1.00 22.47 ? 3   PHE A CE2 1 
ATOM   34   C  CZ  . PHE A 1 3   ? 1.964   9.682   5.863   1.00 23.18 ? 3   PHE A CZ  1 
ATOM   35   N  N   . THR A 1 4   ? 3.096   6.892   12.238  1.00 18.70 ? 4   THR A N   1 
ATOM   36   C  CA  . THR A 1 4   ? 2.685   6.036   13.326  1.00 18.94 ? 4   THR A CA  1 
ATOM   37   C  C   . THR A 1 4   ? 1.353   5.378   12.933  1.00 18.72 ? 4   THR A C   1 
ATOM   38   O  O   . THR A 1 4   ? 0.651   5.799   12.034  1.00 18.74 ? 4   THR A O   1 
ATOM   39   C  CB  . THR A 1 4   ? 2.454   6.788   14.646  1.00 21.13 ? 4   THR A CB  1 
ATOM   40   O  OG1 . THR A 1 4   ? 1.260   7.602   14.504  1.00 20.67 ? 4   THR A OG1 1 
ATOM   41   C  CG2 . THR A 1 4   ? 3.613   7.691   14.971  1.00 25.78 ? 4   THR A CG2 1 
ATOM   42   N  N   . LYS A 1 5   ? 1.055   4.311   13.655  1.00 20.50 ? 5   LYS A N   1 
ATOM   43   C  CA  . LYS A 1 5   ? -0.184  3.620   13.465  1.00 20.58 ? 5   LYS A CA  1 
ATOM   44   C  C   . LYS A 1 5   ? -1.371  4.546   13.593  1.00 19.55 ? 5   LYS A C   1 
ATOM   45   O  O   . LYS A 1 5   ? -2.298  4.501   12.766  1.00 21.05 ? 5   LYS A O   1 
ATOM   46   C  CB  . LYS A 1 5   ? -0.258  2.482   14.510  1.00 21.58 ? 5   LYS A CB  1 
ATOM   47   C  CG  . LYS A 1 5   ? -1.503  1.651   14.409  1.00 24.05 ? 5   LYS A CG  1 
ATOM   48   C  CD  . LYS A 1 5   ? -1.470  0.460   15.330  1.00 26.73 ? 5   LYS A CD  1 
ATOM   49   C  CE  . LYS A 1 5   ? -1.594  0.848   16.779  1.00 26.74 ? 5   LYS A CE  1 
ATOM   50   N  NZ  . LYS A 1 5   ? -1.730  -0.335  17.682  1.00 34.87 ? 5   LYS A NZ  1 
ATOM   51   N  N   . CYS A 1 6   ? -1.369  5.400   14.623  1.00 20.45 ? 6   CYS A N   1 
ATOM   52   C  CA  . CYS A 1 6   ? -2.547  6.275   14.809  1.00 21.17 ? 6   CYS A CA  1 
ATOM   53   C  C   . CYS A 1 6   ? -2.633  7.344   13.741  1.00 21.15 ? 6   CYS A C   1 
ATOM   54   O  O   . CYS A 1 6   ? -3.729  7.773   13.342  1.00 23.33 ? 6   CYS A O   1 
ATOM   55   C  CB  . CYS A 1 6   ? -2.380  6.931   16.186  1.00 22.47 ? 6   CYS A CB  1 
ATOM   56   S  SG  . CYS A 1 6   ? -2.847  5.778   17.525  1.00 23.24 ? 6   CYS A SG  1 
ATOM   57   N  N   . GLU A 1 7   ? -1.481  7.832   13.271  1.00 19.63 ? 7   GLU A N   1 
ATOM   58   C  CA  . GLU A 1 7   ? -1.514  8.793   12.177  1.00 21.93 ? 7   GLU A CA  1 
ATOM   59   C  C   . GLU A 1 7   ? -2.158  8.211   10.919  1.00 22.73 ? 7   GLU A C   1 
ATOM   60   O  O   . GLU A 1 7   ? -2.930  8.859   10.215  1.00 23.06 ? 7   GLU A O   1 
ATOM   61   C  CB  A GLU A 1 7   ? -0.134  9.346   11.850  0.50 22.17 ? 7   GLU A CB  1 
ATOM   62   C  CB  B GLU A 1 7   ? -0.052  9.173   11.824  0.50 22.89 ? 7   GLU A CB  1 
ATOM   63   C  CG  A GLU A 1 7   ? 0.465   10.177  12.949  0.50 22.53 ? 7   GLU A CG  1 
ATOM   64   C  CG  B GLU A 1 7   ? 0.359   10.560  12.249  0.50 24.10 ? 7   GLU A CG  1 
ATOM   65   C  CD  A GLU A 1 7   ? 1.896   10.585  12.661  0.50 23.07 ? 7   GLU A CD  1 
ATOM   66   C  CD  B GLU A 1 7   ? 1.698   10.952  11.623  0.50 23.93 ? 7   GLU A CD  1 
ATOM   67   O  OE1 A GLU A 1 7   ? 2.621   9.832   11.988  0.50 21.81 ? 7   GLU A OE1 1 
ATOM   68   O  OE1 B GLU A 1 7   ? 2.608   10.102  11.652  0.50 26.44 ? 7   GLU A OE1 1 
ATOM   69   O  OE2 A GLU A 1 7   ? 2.295   11.650  13.161  0.50 31.39 ? 7   GLU A OE2 1 
ATOM   70   O  OE2 B GLU A 1 7   ? 1.817   12.077  11.119  0.50 30.49 ? 7   GLU A OE2 1 
ATOM   71   N  N   . LEU A 1 8   ? -1.751  6.985   10.592  1.00 22.30 ? 8   LEU A N   1 
ATOM   72   C  CA  . LEU A 1 8   ? -2.294  6.396   9.334   1.00 26.86 ? 8   LEU A CA  1 
ATOM   73   C  C   . LEU A 1 8   ? -3.773  6.103   9.506   1.00 27.09 ? 8   LEU A C   1 
ATOM   74   O  O   . LEU A 1 8   ? -4.566  6.167   8.596   1.00 28.17 ? 8   LEU A O   1 
ATOM   75   C  CB  . LEU A 1 8   ? -1.533  5.070   9.133   1.00 28.58 ? 8   LEU A CB  1 
ATOM   76   C  CG  . LEU A 1 8   ? -0.550  5.010   8.028   1.00 33.01 ? 8   LEU A CG  1 
ATOM   77   C  CD1 . LEU A 1 8   ? 0.115   3.682   7.841   1.00 33.39 ? 8   LEU A CD1 1 
ATOM   78   C  CD2 . LEU A 1 8   ? -0.891  5.726   6.784   1.00 26.90 ? 8   LEU A CD2 1 
ATOM   79   N  N   . SER A 1 9   ? -4.133  5.665   10.751  1.00 26.90 ? 9   SER A N   1 
ATOM   80   C  CA  . SER A 1 9   ? -5.529  5.398   11.008  1.00 29.36 ? 9   SER A CA  1 
ATOM   81   C  C   . SER A 1 9   ? -6.399  6.600   10.714  1.00 29.57 ? 9   SER A C   1 
ATOM   82   O  O   . SER A 1 9   ? -7.454  6.454   10.118  1.00 34.96 ? 9   SER A O   1 
ATOM   83   C  CB  A SER A 1 9   ? -5.760  4.815   12.381  0.60 31.46 ? 9   SER A CB  1 
ATOM   84   C  CB  B SER A 1 9   ? -5.754  4.927   12.447  0.40 30.19 ? 9   SER A CB  1 
ATOM   85   O  OG  A SER A 1 9   ? -4.973  3.623   12.521  0.60 31.89 ? 9   SER A OG  1 
ATOM   86   O  OG  B SER A 1 9   ? -7.145  4.697   12.660  0.40 34.61 ? 9   SER A OG  1 
ATOM   87   N  N   . GLN A 1 10  ? -5.928  7.787   11.087  1.00 27.09 ? 10  GLN A N   1 
ATOM   88   C  CA  . GLN A 1 10  ? -6.657  9.016   10.776  1.00 28.37 ? 10  GLN A CA  1 
ATOM   89   C  C   . GLN A 1 10  ? -6.679  9.295   9.299   1.00 27.66 ? 10  GLN A C   1 
ATOM   90   O  O   . GLN A 1 10  ? -7.678  9.743   8.697   1.00 30.17 ? 10  GLN A O   1 
ATOM   91   C  CB  . GLN A 1 10  ? -6.105  10.211  11.556  1.00 44.34 ? 10  GLN A CB  1 
ATOM   92   C  CG  . GLN A 1 10  ? -6.504  10.279  13.009  1.00 45.79 ? 10  GLN A CG  1 
ATOM   93   C  CD  . GLN A 1 10  ? -7.830  10.967  13.230  1.00 57.82 ? 10  GLN A CD  1 
ATOM   94   O  OE1 . GLN A 1 10  ? -8.841  10.327  13.598  1.00 63.59 ? 10  GLN A OE1 1 
ATOM   95   N  NE2 . GLN A 1 10  ? -7.861  12.300  12.998  1.00 56.61 ? 10  GLN A NE2 1 
ATOM   96   N  N   . LEU A 1 11  ? -5.540  9.058   8.625   1.00 27.04 ? 11  LEU A N   1 
ATOM   97   C  CA  . LEU A 1 11  ? -5.521  9.361   7.209   1.00 28.15 ? 11  LEU A CA  1 
ATOM   98   C  C   . LEU A 1 11  ? -6.370  8.395   6.400   1.00 28.71 ? 11  LEU A C   1 
ATOM   99   O  O   . LEU A 1 11  ? -6.878  8.799   5.347   1.00 33.58 ? 11  LEU A O   1 
ATOM   100  C  CB  . LEU A 1 11  ? -4.106  9.324   6.646   1.00 27.91 ? 11  LEU A CB  1 
ATOM   101  C  CG  . LEU A 1 11  ? -3.217  10.493  6.917   1.00 25.61 ? 11  LEU A CG  1 
ATOM   102  C  CD1 . LEU A 1 11  ? -1.744  10.116  6.701   1.00 33.01 ? 11  LEU A CD1 1 
ATOM   103  C  CD2 . LEU A 1 11  ? -3.615  11.705  6.099   1.00 32.80 ? 11  LEU A CD2 1 
ATOM   104  N  N   . LEU A 1 12  ? -6.396  7.146   6.822   1.00 27.67 ? 12  LEU A N   1 
ATOM   105  C  CA  . LEU A 1 12  ? -7.051  6.106   6.051   1.00 28.18 ? 12  LEU A CA  1 
ATOM   106  C  C   . LEU A 1 12  ? -8.466  5.826   6.509   1.00 29.77 ? 12  LEU A C   1 
ATOM   107  O  O   . LEU A 1 12  ? -9.078  4.878   6.021   1.00 25.88 ? 12  LEU A O   1 
ATOM   108  C  CB  . LEU A 1 12  ? -6.222  4.841   6.003   1.00 28.53 ? 12  LEU A CB  1 
ATOM   109  C  CG  . LEU A 1 12  ? -4.823  4.969   5.392   1.00 31.53 ? 12  LEU A CG  1 
ATOM   110  C  CD1 . LEU A 1 12  ? -4.098  3.629   5.518   1.00 33.82 ? 12  LEU A CD1 1 
ATOM   111  C  CD2 . LEU A 1 12  ? -4.967  5.334   3.904   1.00 36.87 ? 12  LEU A CD2 1 
ATOM   112  N  N   . LYS A 1 13  ? -8.960  6.595   7.470   1.00 32.57 ? 13  LYS A N   1 
ATOM   113  C  CA  . LYS A 1 13  ? -10.260 6.289   8.066   1.00 37.20 ? 13  LYS A CA  1 
ATOM   114  C  C   . LYS A 1 13  ? -11.312 6.072   7.014   1.00 36.17 ? 13  LYS A C   1 
ATOM   115  O  O   . LYS A 1 13  ? -12.205 5.252   7.106   1.00 35.32 ? 13  LYS A O   1 
ATOM   116  C  CB  . LYS A 1 13  ? -10.666 7.405   9.032   1.00 43.76 ? 13  LYS A CB  1 
ATOM   117  C  CG  . LYS A 1 13  ? -11.259 8.622   8.334   1.00 44.40 ? 13  LYS A CG  1 
ATOM   118  C  CD  . LYS A 1 13  ? -11.255 9.826   9.258   1.00 49.75 ? 13  LYS A CD  1 
ATOM   119  C  CE  . LYS A 1 13  ? -11.635 11.109  8.513   1.00 52.72 ? 13  LYS A CE  1 
ATOM   120  N  NZ  . LYS A 1 13  ? -12.880 10.841  7.695   1.00 54.22 ? 13  LYS A NZ  1 
ATOM   121  N  N   . ASP A 1 14  ? -11.264 6.889   5.943   1.00 37.97 ? 14  ASP A N   1 
ATOM   122  C  CA  . ASP A 1 14  ? -12.359 6.817   4.987   1.00 38.62 ? 14  ASP A CA  1 
ATOM   123  C  C   . ASP A 1 14  ? -12.268 5.647   4.047   1.00 37.72 ? 14  ASP A C   1 
ATOM   124  O  O   . ASP A 1 14  ? -13.179 5.337   3.283   1.00 39.17 ? 14  ASP A O   1 
ATOM   125  C  CB  . ASP A 1 14  ? -12.467 8.119   4.195   1.00 42.87 ? 14  ASP A CB  1 
ATOM   126  C  CG  . ASP A 1 14  ? -13.341 9.121   4.932   1.00 41.75 ? 14  ASP A CG  1 
ATOM   127  O  OD1 . ASP A 1 14  ? -14.163 8.681   5.763   1.00 51.09 ? 14  ASP A OD1 1 
ATOM   128  O  OD2 . ASP A 1 14  ? -13.160 10.334  4.677   1.00 49.16 ? 14  ASP A OD2 1 
ATOM   129  N  N   . ILE A 1 15  ? -11.098 4.967   4.018   1.00 30.39 ? 15  ILE A N   1 
ATOM   130  C  CA  . ILE A 1 15  ? -11.027 3.813   3.167   1.00 31.19 ? 15  ILE A CA  1 
ATOM   131  C  C   . ILE A 1 15  ? -11.481 2.549   3.831   1.00 27.97 ? 15  ILE A C   1 
ATOM   132  O  O   . ILE A 1 15  ? -11.547 1.491   3.208   1.00 28.75 ? 15  ILE A O   1 
ATOM   133  C  CB  . ILE A 1 15  ? -9.914  3.672   2.228   1.00 32.70 ? 15  ILE A CB  1 
ATOM   134  C  CG1 . ILE A 1 15  ? -8.637  3.023   2.644   1.00 41.49 ? 15  ILE A CG1 1 
ATOM   135  C  CG2 . ILE A 1 15  ? -9.743  4.804   1.233   1.00 47.43 ? 15  ILE A CG2 1 
ATOM   136  C  CD1 . ILE A 1 15  ? -7.486  3.208   1.669   1.00 46.49 ? 15  ILE A CD1 1 
ATOM   137  N  N   . ASP A 1 16  ? -11.831 2.643   5.121   1.00 28.20 ? 16  ASP A N   1 
ATOM   138  C  CA  . ASP A 1 16  ? -12.335 1.463   5.839   1.00 29.92 ? 16  ASP A CA  1 
ATOM   139  C  C   . ASP A 1 16  ? -13.567 0.925   5.073   1.00 29.12 ? 16  ASP A C   1 
ATOM   140  O  O   . ASP A 1 16  ? -14.480 1.699   4.803   1.00 32.18 ? 16  ASP A O   1 
ATOM   141  C  CB  . ASP A 1 16  ? -12.721 1.817   7.237   1.00 32.22 ? 16  ASP A CB  1 
ATOM   142  C  CG  . ASP A 1 16  ? -13.052 0.740   8.206   1.00 38.26 ? 16  ASP A CG  1 
ATOM   143  O  OD1 . ASP A 1 16  ? -12.858 -0.450  7.986   1.00 30.96 ? 16  ASP A OD1 1 
ATOM   144  O  OD2 . ASP A 1 16  ? -13.537 1.117   9.340   1.00 40.61 ? 16  ASP A OD2 1 
ATOM   145  N  N   . GLY A 1 17  ? -13.496 -0.335  4.739   1.00 27.93 ? 17  GLY A N   1 
ATOM   146  C  CA  . GLY A 1 17  ? -14.469 -1.128  4.058   1.00 29.95 ? 17  GLY A CA  1 
ATOM   147  C  C   . GLY A 1 17  ? -14.319 -1.155  2.562   1.00 27.94 ? 17  GLY A C   1 
ATOM   148  O  O   . GLY A 1 17  ? -15.008 -1.882  1.841   1.00 33.62 ? 17  GLY A O   1 
ATOM   149  N  N   . TYR A 1 18  ? -13.407 -0.324  2.035   1.00 27.06 ? 18  TYR A N   1 
ATOM   150  C  CA  . TYR A 1 18  ? -13.229 -0.315  0.580   1.00 25.74 ? 18  TYR A CA  1 
ATOM   151  C  C   . TYR A 1 18  ? -12.814 -1.695  0.107   1.00 26.43 ? 18  TYR A C   1 
ATOM   152  O  O   . TYR A 1 18  ? -11.920 -2.317  0.670   1.00 25.16 ? 18  TYR A O   1 
ATOM   153  C  CB  . TYR A 1 18  ? -12.115 0.714   0.218   1.00 24.97 ? 18  TYR A CB  1 
ATOM   154  C  CG  . TYR A 1 18  ? -12.127 0.972   -1.282  1.00 22.06 ? 18  TYR A CG  1 
ATOM   155  C  CD1 . TYR A 1 18  ? -11.389 0.158   -2.121  1.00 21.27 ? 18  TYR A CD1 1 
ATOM   156  C  CD2 . TYR A 1 18  ? -12.886 1.969   -1.835  1.00 23.45 ? 18  TYR A CD2 1 
ATOM   157  C  CE1 . TYR A 1 18  ? -11.419 0.378   -3.500  1.00 21.89 ? 18  TYR A CE1 1 
ATOM   158  C  CE2 . TYR A 1 18  ? -12.923 2.203   -3.207  1.00 24.21 ? 18  TYR A CE2 1 
ATOM   159  C  CZ  . TYR A 1 18  ? -12.170 1.404   -4.029  1.00 22.27 ? 18  TYR A CZ  1 
ATOM   160  O  OH  . TYR A 1 18  ? -12.206 1.605   -5.395  1.00 24.65 ? 18  TYR A OH  1 
ATOM   161  N  N   . GLY A 1 19  ? -13.479 -2.215  -0.910  1.00 27.07 ? 19  GLY A N   1 
ATOM   162  C  CA  . GLY A 1 19  ? -13.177 -3.556  -1.377  1.00 30.37 ? 19  GLY A CA  1 
ATOM   163  C  C   . GLY A 1 19  ? -13.432 -4.615  -0.331  1.00 31.22 ? 19  GLY A C   1 
ATOM   164  O  O   . GLY A 1 19  ? -12.913 -5.731  -0.444  1.00 33.71 ? 19  GLY A O   1 
ATOM   165  N  N   . GLY A 1 20  ? -14.166 -4.286  0.736   1.00 32.82 ? 20  GLY A N   1 
ATOM   166  C  CA  . GLY A 1 20  ? -14.472 -5.255  1.775   1.00 30.97 ? 20  GLY A CA  1 
ATOM   167  C  C   . GLY A 1 20  ? -13.317 -5.517  2.718   1.00 29.00 ? 20  GLY A C   1 
ATOM   168  O  O   . GLY A 1 20  ? -13.288 -6.497  3.429   1.00 34.62 ? 20  GLY A O   1 
ATOM   169  N  N   . ILE A 1 21  ? -12.346 -4.595  2.723   1.00 28.41 ? 21  ILE A N   1 
ATOM   170  C  CA  . ILE A 1 21  ? -11.229 -4.715  3.655   1.00 27.51 ? 21  ILE A CA  1 
ATOM   171  C  C   . ILE A 1 21  ? -11.399 -3.763  4.826   1.00 25.58 ? 21  ILE A C   1 
ATOM   172  O  O   . ILE A 1 21  ? -11.620 -2.560  4.625   1.00 32.62 ? 21  ILE A O   1 
ATOM   173  C  CB  . ILE A 1 21  ? -9.911  -4.369  2.894   1.00 28.80 ? 21  ILE A CB  1 
ATOM   174  C  CG1 . ILE A 1 21  ? -9.719  -5.291  1.672   1.00 29.46 ? 21  ILE A CG1 1 
ATOM   175  C  CG2 . ILE A 1 21  ? -8.718  -4.484  3.836   1.00 32.92 ? 21  ILE A CG2 1 
ATOM   176  C  CD1 . ILE A 1 21  ? -9.961  -6.756  1.999   1.00 37.84 ? 21  ILE A CD1 1 
ATOM   177  N  N   . ALA A 1 22  ? -11.299 -4.268  6.035   1.00 24.29 ? 22  ALA A N   1 
ATOM   178  C  CA  . ALA A 1 22  ? -11.423 -3.449  7.242   1.00 23.45 ? 22  ALA A CA  1 
ATOM   179  C  C   . ALA A 1 22  ? -10.130 -2.679  7.488   1.00 23.51 ? 22  ALA A C   1 
ATOM   180  O  O   . ALA A 1 22  ? -9.026  -3.187  7.219   1.00 21.46 ? 22  ALA A O   1 
ATOM   181  C  CB  . ALA A 1 22  ? -11.665 -4.365  8.456   1.00 30.55 ? 22  ALA A CB  1 
ATOM   182  N  N   . LEU A 1 23  ? -10.253 -1.489  8.045   1.00 21.39 ? 23  LEU A N   1 
ATOM   183  C  CA  . LEU A 1 23  ? -9.119  -0.656  8.362   1.00 19.96 ? 23  LEU A CA  1 
ATOM   184  C  C   . LEU A 1 23  ? -8.006  -1.366  9.062   1.00 19.24 ? 23  LEU A C   1 
ATOM   185  O  O   . LEU A 1 23  ? -6.828  -1.315  8.689   1.00 18.60 ? 23  LEU A O   1 
ATOM   186  C  CB  . LEU A 1 23  ? -9.582  0.600   9.101   1.00 24.62 ? 23  LEU A CB  1 
ATOM   187  C  CG  . LEU A 1 23  ? -8.490  1.535   9.576   1.00 26.34 ? 23  LEU A CG  1 
ATOM   188  C  CD1 . LEU A 1 23  ? -7.676  2.053   8.395   1.00 30.54 ? 23  LEU A CD1 1 
ATOM   189  C  CD2 . LEU A 1 23  ? -9.109  2.710   10.349  1.00 33.97 ? 23  LEU A CD2 1 
ATOM   190  N  N   . PRO A 1 24  ? -8.289  -2.125  10.147  1.00 19.19 ? 24  PRO A N   1 
ATOM   191  C  CA  . PRO A 1 24  ? -7.197  -2.808  10.834  1.00 18.13 ? 24  PRO A CA  1 
ATOM   192  C  C   . PRO A 1 24  ? -6.443  -3.776  9.977   1.00 17.17 ? 24  PRO A C   1 
ATOM   193  O  O   . PRO A 1 24  ? -5.238  -3.978  10.107  1.00 16.99 ? 24  PRO A O   1 
ATOM   194  C  CB  . PRO A 1 24  ? -7.837  -3.486  12.025  1.00 19.82 ? 24  PRO A CB  1 
ATOM   195  C  CG  . PRO A 1 24  ? -9.275  -3.334  11.886  1.00 22.54 ? 24  PRO A CG  1 
ATOM   196  C  CD  . PRO A 1 24  ? -9.548  -2.253  10.899  1.00 21.83 ? 24  PRO A CD  1 
ATOM   197  N  N   . GLU A 1 25  ? -7.179  -4.435  9.071   1.00 17.55 ? 25  GLU A N   1 
ATOM   198  C  CA  . GLU A 1 25  ? -6.510  -5.371  8.162   1.00 16.84 ? 25  GLU A CA  1 
ATOM   199  C  C   . GLU A 1 25  ? -5.539  -4.629  7.266   1.00 16.58 ? 25  GLU A C   1 
ATOM   200  O  O   . GLU A 1 25  ? -4.424  -5.126  6.962   1.00 16.78 ? 25  GLU A O   1 
ATOM   201  C  CB  . GLU A 1 25  ? -7.575  -6.116  7.373   1.00 21.56 ? 25  GLU A CB  1 
ATOM   202  C  CG  . GLU A 1 25  ? -7.074  -7.220  6.493   1.00 31.71 ? 25  GLU A CG  1 
ATOM   203  C  CD  . GLU A 1 25  ? -8.223  -8.118  6.009   1.00 34.94 ? 25  GLU A CD  1 
ATOM   204  O  OE1 . GLU A 1 25  ? -9.393  -7.728  6.204   1.00 46.15 ? 25  GLU A OE1 1 
ATOM   205  O  OE2 . GLU A 1 25  ? -7.922  -9.201  5.482   1.00 45.69 ? 25  GLU A OE2 1 
ATOM   206  N  N   . LEU A 1 26  ? -5.935  -3.452  6.788   1.00 16.28 ? 26  LEU A N   1 
ATOM   207  C  CA  . LEU A 1 26  ? -5.061  -2.667  5.903   1.00 16.66 ? 26  LEU A CA  1 
ATOM   208  C  C   . LEU A 1 26  ? -3.832  -2.141  6.628   1.00 15.94 ? 26  LEU A C   1 
ATOM   209  O  O   . LEU A 1 26  ? -2.721  -2.119  6.137   1.00 15.74 ? 26  LEU A O   1 
ATOM   210  C  CB  . LEU A 1 26  ? -5.824  -1.535  5.223   1.00 23.31 ? 26  LEU A CB  1 
ATOM   211  C  CG  . LEU A 1 26  ? -5.115  -0.855  4.046   1.00 25.47 ? 26  LEU A CG  1 
ATOM   212  C  CD1 . LEU A 1 26  ? -4.982  -1.806  2.852   1.00 33.47 ? 26  LEU A CD1 1 
ATOM   213  C  CD2 . LEU A 1 26  ? -5.911  0.366   3.586   1.00 30.44 ? 26  LEU A CD2 1 
ATOM   214  N  N   . ILE A 1 27  ? -4.048  -1.696  7.881   1.00 14.76 ? 27  ILE A N   1 
ATOM   215  C  CA  . ILE A 1 27  ? -2.924  -1.191  8.663   1.00 15.19 ? 27  ILE A CA  1 
ATOM   216  C  C   . ILE A 1 27  ? -1.925  -2.304  8.955   1.00 13.90 ? 27  ILE A C   1 
ATOM   217  O  O   . ILE A 1 27  ? -0.727  -2.138  8.806   1.00 14.36 ? 27  ILE A O   1 
ATOM   218  C  CB  A ILE A 1 27  ? -3.456  -0.625  10.010  0.55 17.18 ? 27  ILE A CB  1 
ATOM   219  C  CB  B ILE A 1 27  ? -3.408  -0.524  9.949   0.45 15.74 ? 27  ILE A CB  1 
ATOM   220  C  CG1 A ILE A 1 27  ? -4.418  0.565   9.723   0.55 19.29 ? 27  ILE A CG1 1 
ATOM   221  C  CG1 B ILE A 1 27  ? -4.146  0.789   9.730   0.45 17.24 ? 27  ILE A CG1 1 
ATOM   222  C  CG2 A ILE A 1 27  ? -2.261  -0.146  10.831  0.55 18.54 ? 27  ILE A CG2 1 
ATOM   223  C  CG2 B ILE A 1 27  ? -2.306  -0.419  10.975  0.45 15.30 ? 27  ILE A CG2 1 
ATOM   224  C  CD1 A ILE A 1 27  ? -3.625  1.745   9.161   0.55 22.54 ? 27  ILE A CD1 1 
ATOM   225  C  CD1 B ILE A 1 27  ? -4.421  1.580   10.992  0.45 24.98 ? 27  ILE A CD1 1 
ATOM   226  N  N   . CYS A 1 28  ? -2.451  -3.462  9.317   1.00 13.92 ? 28  CYS A N   1 
ATOM   227  C  CA  . CYS A 1 28  ? -1.629  -4.640  9.461   1.00 14.10 ? 28  CYS A CA  1 
ATOM   228  C  C   . CYS A 1 28  ? -0.788  -4.893  8.218   1.00 13.28 ? 28  CYS A C   1 
ATOM   229  O  O   . CYS A 1 28  ? 0.401   -5.171  8.268   1.00 13.99 ? 28  CYS A O   1 
ATOM   230  C  CB  . CYS A 1 28  ? -2.477  -5.846  9.815   1.00 14.98 ? 28  CYS A CB  1 
ATOM   231  S  SG  . CYS A 1 28  ? -1.607  -7.402  10.019  1.00 16.24 ? 28  CYS A SG  1 
ATOM   232  N  N   . THR A 1 29  ? -1.463  -4.864  7.073   1.00 13.42 ? 29  THR A N   1 
ATOM   233  C  CA  . THR A 1 29  ? -0.822  -5.122  5.802   1.00 14.92 ? 29  THR A CA  1 
ATOM   234  C  C   . THR A 1 29  ? 0.299   -4.134  5.541   1.00 14.60 ? 29  THR A C   1 
ATOM   235  O  O   . THR A 1 29  ? 1.413   -4.495  5.126   1.00 15.86 ? 29  THR A O   1 
ATOM   236  C  CB  . THR A 1 29  ? -1.896  -5.058  4.663   1.00 16.68 ? 29  THR A CB  1 
ATOM   237  O  OG1 . THR A 1 29  ? -2.828  -6.117  4.882   1.00 18.22 ? 29  THR A OG1 1 
ATOM   238  C  CG2 . THR A 1 29  ? -1.224  -5.341  3.331   1.00 19.98 ? 29  THR A CG2 1 
ATOM   239  N  N   . MET A 1 30  ? 0.049   -2.845  5.806   1.00 15.00 ? 30  MET A N   1 
ATOM   240  C  CA  . MET A 1 30  ? 1.064   -1.832  5.571   1.00 14.62 ? 30  MET A CA  1 
ATOM   241  C  C   . MET A 1 30  ? 2.269   -2.002  6.476   1.00 14.24 ? 30  MET A C   1 
ATOM   242  O  O   . MET A 1 30  ? 3.410   -1.773  6.095   1.00 16.49 ? 30  MET A O   1 
ATOM   243  C  CB  A MET A 1 30  ? 0.408   -0.451  5.936   0.40 17.75 ? 30  MET A CB  1 
ATOM   244  C  CB  B MET A 1 30  ? 0.509   -0.441  5.658   0.60 17.88 ? 30  MET A CB  1 
ATOM   245  C  CG  A MET A 1 30  ? -0.779  -0.170  5.012   0.40 21.84 ? 30  MET A CG  1 
ATOM   246  C  CG  B MET A 1 30  ? -0.513  -0.063  4.613   0.60 21.03 ? 30  MET A CG  1 
ATOM   247  S  SD  A MET A 1 30  ? -0.223  0.115   3.328   0.40 31.18 ? 30  MET A SD  1 
ATOM   248  S  SD  B MET A 1 30  ? -1.148  1.594   4.930   0.60 30.06 ? 30  MET A SD  1 
ATOM   249  C  CE  A MET A 1 30  ? -0.255  -1.517  2.645   0.40 18.30 ? 30  MET A CE  1 
ATOM   250  C  CE  B MET A 1 30  ? -2.300  1.272   6.252   0.60 29.70 ? 30  MET A CE  1 
ATOM   251  N  N   . PHE A 1 31  ? 1.991   -2.397  7.738   1.00 13.57 ? 31  PHE A N   1 
ATOM   252  C  CA  . PHE A 1 31  ? 3.111   -2.620  8.640   1.00 13.58 ? 31  PHE A CA  1 
ATOM   253  C  C   . PHE A 1 31  ? 4.040   -3.672  8.103   1.00 13.94 ? 31  PHE A C   1 
ATOM   254  O  O   . PHE A 1 31  ? 5.255   -3.533  8.064   1.00 15.35 ? 31  PHE A O   1 
ATOM   255  C  CB  . PHE A 1 31  ? 2.638   -2.979  10.039  1.00 14.54 ? 31  PHE A CB  1 
ATOM   256  C  CG  . PHE A 1 31  ? 3.809   -2.972  11.044  1.00 17.20 ? 31  PHE A CG  1 
ATOM   257  C  CD1 . PHE A 1 31  ? 4.517   -1.818  11.284  1.00 20.81 ? 31  PHE A CD1 1 
ATOM   258  C  CD2 . PHE A 1 31  ? 4.168   -4.167  11.649  1.00 20.26 ? 31  PHE A CD2 1 
ATOM   259  C  CE1 . PHE A 1 31  ? 5.575   -1.836  12.168  1.00 23.11 ? 31  PHE A CE1 1 
ATOM   260  C  CE2 . PHE A 1 31  ? 5.250   -4.170  12.575  1.00 23.32 ? 31  PHE A CE2 1 
ATOM   261  C  CZ  . PHE A 1 31  ? 5.963   -3.034  12.748  1.00 25.46 ? 31  PHE A CZ  1 
ATOM   262  N  N   . HIS A 1 32  ? 3.453   -4.814  7.717   1.00 14.72 ? 32  HIS A N   1 
ATOM   263  C  CA  . HIS A 1 32  ? 4.244   -5.903  7.195   1.00 16.08 ? 32  HIS A CA  1 
ATOM   264  C  C   . HIS A 1 32  ? 5.026   -5.577  5.948   1.00 17.83 ? 32  HIS A C   1 
ATOM   265  O  O   . HIS A 1 32  ? 6.095   -6.120  5.696   1.00 25.47 ? 32  HIS A O   1 
ATOM   266  C  CB  . HIS A 1 32  ? 3.326   -7.103  6.897   1.00 16.23 ? 32  HIS A CB  1 
ATOM   267  C  CG  . HIS A 1 32  ? 2.989   -7.877  8.111   1.00 17.49 ? 32  HIS A CG  1 
ATOM   268  N  ND1 . HIS A 1 32  ? 3.680   -9.016  8.485   1.00 20.76 ? 32  HIS A ND1 1 
ATOM   269  C  CD2 . HIS A 1 32  ? 1.973   -7.711  9.006   1.00 19.49 ? 32  HIS A CD2 1 
ATOM   270  C  CE1 . HIS A 1 32  ? 3.124   -9.499  9.596   1.00 20.51 ? 32  HIS A CE1 1 
ATOM   271  N  NE2 . HIS A 1 32  ? 2.078   -8.770  9.888   1.00 21.34 ? 32  HIS A NE2 1 
ATOM   272  N  N   . THR A 1 33  ? 4.483   -4.696  5.119   1.00 16.56 ? 33  THR A N   1 
ATOM   273  C  CA  . THR A 1 33  ? 5.079   -4.495  3.814   1.00 18.81 ? 33  THR A CA  1 
ATOM   274  C  C   . THR A 1 33  ? 5.966   -3.297  3.712   1.00 17.66 ? 33  THR A C   1 
ATOM   275  O  O   . THR A 1 33  ? 6.967   -3.361  3.022   1.00 20.81 ? 33  THR A O   1 
ATOM   276  C  CB  . THR A 1 33  ? 4.025   -4.454  2.732   1.00 21.32 ? 33  THR A CB  1 
ATOM   277  O  OG1 . THR A 1 33  ? 3.110   -3.461  3.075   1.00 23.82 ? 33  THR A OG1 1 
ATOM   278  C  CG2 . THR A 1 33  ? 3.293   -5.782  2.616   1.00 28.94 ? 33  THR A CG2 1 
ATOM   279  N  N   . SER A 1 34  ? 5.621   -2.175  4.310   1.00 15.03 ? 34  SER A N   1 
ATOM   280  C  CA  . SER A 1 34  ? 6.469   -1.027  4.242   1.00 14.89 ? 34  SER A CA  1 
ATOM   281  C  C   . SER A 1 34  ? 6.896   -0.505  5.596   1.00 14.35 ? 34  SER A C   1 
ATOM   282  O  O   . SER A 1 34  ? 7.670   0.437   5.641   1.00 14.99 ? 34  SER A O   1 
ATOM   283  C  CB  . SER A 1 34  ? 5.800   0.129   3.502   1.00 15.40 ? 34  SER A CB  1 
ATOM   284  O  OG  . SER A 1 34  ? 4.664   0.532   4.253   1.00 14.37 ? 34  SER A OG  1 
ATOM   285  N  N   . GLY A 1 35  ? 6.360   -1.040  6.676   1.00 14.92 ? 35  GLY A N   1 
ATOM   286  C  CA  . GLY A 1 35  ? 6.657   -0.476  7.993   1.00 16.28 ? 35  GLY A CA  1 
ATOM   287  C  C   . GLY A 1 35  ? 6.168   0.970   8.124   1.00 14.84 ? 35  GLY A C   1 
ATOM   288  O  O   . GLY A 1 35  ? 6.705   1.699   8.953   1.00 18.29 ? 35  GLY A O   1 
ATOM   289  N  N   . TYR A 1 36  ? 5.185   1.363   7.348   1.00 13.98 ? 36  TYR A N   1 
ATOM   290  C  CA  . TYR A 1 36  ? 4.570   2.680   7.382   1.00 13.85 ? 36  TYR A CA  1 
ATOM   291  C  C   . TYR A 1 36  ? 5.502   3.767   6.831   1.00 14.59 ? 36  TYR A C   1 
ATOM   292  O  O   . TYR A 1 36  ? 5.337   4.938   7.172   1.00 15.99 ? 36  TYR A O   1 
ATOM   293  C  CB  . TYR A 1 36  ? 4.124   3.080   8.776   1.00 16.73 ? 36  TYR A CB  1 
ATOM   294  C  CG  . TYR A 1 36  ? 3.304   2.131   9.581   1.00 14.94 ? 36  TYR A CG  1 
ATOM   295  C  CD1 . TYR A 1 36  ? 2.329   1.317   9.050   1.00 15.33 ? 36  TYR A CD1 1 
ATOM   296  C  CD2 . TYR A 1 36  ? 3.469   2.076   10.954  1.00 16.47 ? 36  TYR A CD2 1 
ATOM   297  C  CE1 . TYR A 1 36  ? 1.585   0.477   9.841   1.00 15.04 ? 36  TYR A CE1 1 
ATOM   298  C  CE2 . TYR A 1 36  ? 2.734   1.259   11.747  1.00 16.65 ? 36  TYR A CE2 1 
ATOM   299  C  CZ  . TYR A 1 36  ? 1.768   0.445   11.194  1.00 16.13 ? 36  TYR A CZ  1 
ATOM   300  O  OH  . TYR A 1 36  ? 1.037   -0.388  11.980  1.00 18.36 ? 36  TYR A OH  1 
ATOM   301  N  N   . ASP A 1 37  ? 6.416   3.402   5.971   1.00 14.53 ? 37  ASP A N   1 
ATOM   302  C  CA  . ASP A 1 37  ? 7.407   4.363   5.456   1.00 14.18 ? 37  ASP A CA  1 
ATOM   303  C  C   . ASP A 1 37  ? 7.111   4.690   3.985   1.00 14.36 ? 37  ASP A C   1 
ATOM   304  O  O   . ASP A 1 37  ? 7.057   3.834   3.137   1.00 14.95 ? 37  ASP A O   1 
ATOM   305  C  CB  . ASP A 1 37  ? 8.782   3.670   5.555   1.00 16.78 ? 37  ASP A CB  1 
ATOM   306  C  CG  . ASP A 1 37  ? 9.946   4.518   5.240   1.00 18.05 ? 37  ASP A CG  1 
ATOM   307  O  OD1 . ASP A 1 37  ? 9.804   5.590   4.642   1.00 18.85 ? 37  ASP A OD1 1 
ATOM   308  O  OD2 . ASP A 1 37  ? 11.091  4.083   5.503   1.00 31.34 ? 37  ASP A OD2 1 
ATOM   309  N  N   . THR A 1 38  ? 6.907   5.996   3.725   1.00 13.17 ? 38  THR A N   1 
ATOM   310  C  CA  . THR A 1 38  ? 6.590   6.467   2.423   1.00 14.28 ? 38  THR A CA  1 
ATOM   311  C  C   . THR A 1 38  ? 7.731   6.309   1.439   1.00 14.20 ? 38  THR A C   1 
ATOM   312  O  O   . THR A 1 38  ? 7.489   6.437   0.222   1.00 16.03 ? 38  THR A O   1 
ATOM   313  C  CB  . THR A 1 38  ? 6.117   7.923   2.396   1.00 16.18 ? 38  THR A CB  1 
ATOM   314  O  OG1 . THR A 1 38  ? 7.209   8.765   2.816   1.00 18.43 ? 38  THR A OG1 1 
ATOM   315  C  CG2 . THR A 1 38  ? 4.938   8.146   3.293   1.00 19.25 ? 38  THR A CG2 1 
ATOM   316  N  N   . GLN A 1 39  ? 8.937   6.152   1.909   1.00 14.41 ? 39  GLN A N   1 
ATOM   317  C  CA  . GLN A 1 39  ? 10.130  6.067   1.097   1.00 16.67 ? 39  GLN A CA  1 
ATOM   318  C  C   . GLN A 1 39  ? 10.646  4.671   0.919   1.00 15.40 ? 39  GLN A C   1 
ATOM   319  O  O   . GLN A 1 39  ? 11.745  4.446   0.427   1.00 18.25 ? 39  GLN A O   1 
ATOM   320  C  CB  A GLN A 1 39  ? 11.180  7.087   1.441   0.50 18.37 ? 39  GLN A CB  1 
ATOM   321  C  CB  B GLN A 1 39  ? 11.217  6.950   1.785   0.50 23.50 ? 39  GLN A CB  1 
ATOM   322  C  CG  A GLN A 1 39  ? 11.990  7.580   0.225   0.50 20.81 ? 39  GLN A CG  1 
ATOM   323  C  CG  B GLN A 1 39  ? 10.847  8.415   1.696   0.50 26.87 ? 39  GLN A CG  1 
ATOM   324  C  CD  A GLN A 1 39  ? 13.059  8.574   0.615   0.50 20.28 ? 39  GLN A CD  1 
ATOM   325  C  CD  B GLN A 1 39  ? 9.680   8.681   0.789   0.50 30.78 ? 39  GLN A CD  1 
ATOM   326  O  OE1 A GLN A 1 39  ? 12.751  9.620   1.204   0.50 26.45 ? 39  GLN A OE1 1 
ATOM   327  O  OE1 B GLN A 1 39  ? 8.942   9.649   1.015   0.50 35.53 ? 39  GLN A OE1 1 
ATOM   328  N  NE2 A GLN A 1 39  ? 14.317  8.278   0.298   0.50 21.45 ? 39  GLN A NE2 1 
ATOM   329  N  NE2 B GLN A 1 39  ? 9.502   7.846   -0.220  0.50 33.18 ? 39  GLN A NE2 1 
ATOM   330  N  N   . ALA A 1 40  ? 9.872   3.681   1.358   1.00 15.01 ? 40  ALA A N   1 
ATOM   331  C  CA  . ALA A 1 40  ? 10.328  2.304   1.255   1.00 15.32 ? 40  ALA A CA  1 
ATOM   332  C  C   . ALA A 1 40  ? 10.487  1.903   -0.220  1.00 15.39 ? 40  ALA A C   1 
ATOM   333  O  O   . ALA A 1 40  ? 9.625   2.167   -1.044  1.00 15.67 ? 40  ALA A O   1 
ATOM   334  C  CB  . ALA A 1 40  ? 9.308   1.357   1.912   1.00 17.72 ? 40  ALA A CB  1 
ATOM   335  N  N   . ILE A 1 41  ? 11.613  1.245   -0.514  1.00 16.97 ? 41  ILE A N   1 
ATOM   336  C  CA  . ILE A 1 41  ? 11.820  0.742   -1.865  1.00 18.66 ? 41  ILE A CA  1 
ATOM   337  C  C   . ILE A 1 41  ? 12.307  -0.719  -1.742  1.00 18.87 ? 41  ILE A C   1 
ATOM   338  O  O   . ILE A 1 41  ? 13.305  -0.925  -1.018  1.00 23.64 ? 41  ILE A O   1 
ATOM   339  C  CB  . ILE A 1 41  ? 12.921  1.547   -2.608  1.00 19.12 ? 41  ILE A CB  1 
ATOM   340  C  CG1 . ILE A 1 41  ? 12.496  3.007   -2.825  1.00 20.27 ? 41  ILE A CG1 1 
ATOM   341  C  CG2 . ILE A 1 41  ? 13.248  0.873   -3.937  1.00 23.20 ? 41  ILE A CG2 1 
ATOM   342  C  CD1 . ILE A 1 41  ? 13.561  3.881   -3.456  1.00 23.60 ? 41  ILE A CD1 1 
ATOM   343  N  N   . VAL A 1 42  ? 11.618  -1.652  -2.322  1.00 17.86 ? 42  VAL A N   1 
ATOM   344  C  CA  . VAL A 1 42  ? 12.022  -3.062  -2.321  1.00 18.57 ? 42  VAL A CA  1 
ATOM   345  C  C   . VAL A 1 42  ? 12.360  -3.448  -3.760  1.00 18.35 ? 42  VAL A C   1 
ATOM   346  O  O   . VAL A 1 42  ? 11.475  -3.340  -4.636  1.00 17.34 ? 42  VAL A O   1 
ATOM   347  C  CB  . VAL A 1 42  ? 10.915  -3.985  -1.783  1.00 21.76 ? 42  VAL A CB  1 
ATOM   348  C  CG1 . VAL A 1 42  ? 11.302  -5.456  -2.000  1.00 26.46 ? 42  VAL A CG1 1 
ATOM   349  C  CG2 . VAL A 1 42  ? 10.704  -3.715  -0.305  1.00 25.85 ? 42  VAL A CG2 1 
ATOM   350  N  N   . GLU A 1 43  ? 13.597  -3.836  -4.018  1.00 24.92 ? 43  GLU A N   1 
ATOM   351  C  CA  . GLU A 1 43  ? 14.012  -4.177  -5.355  1.00 27.22 ? 43  GLU A CA  1 
ATOM   352  C  C   . GLU A 1 43  ? 14.033  -5.706  -5.522  1.00 29.66 ? 43  GLU A C   1 
ATOM   353  O  O   . GLU A 1 43  ? 14.635  -6.403  -4.730  1.00 31.83 ? 43  GLU A O   1 
ATOM   354  C  CB  . GLU A 1 43  ? 15.446  -3.679  -5.623  1.00 29.76 ? 43  GLU A CB  1 
ATOM   355  C  CG  . GLU A 1 43  ? 15.443  -2.149  -5.745  1.00 32.72 ? 43  GLU A CG  1 
ATOM   356  C  CD  . GLU A 1 43  ? 16.816  -1.641  -5.315  1.00 36.87 ? 43  GLU A CD  1 
ATOM   357  O  OE1 . GLU A 1 43  ? 17.727  -1.790  -6.143  1.00 45.22 ? 43  GLU A OE1 1 
ATOM   358  O  OE2 . GLU A 1 43  ? 16.915  -1.211  -4.169  1.00 49.62 ? 43  GLU A OE2 1 
ATOM   359  N  N   . ASN A 1 44  ? 13.307  -6.125  -6.543  1.00 33.48 ? 44  ASN A N   1 
ATOM   360  C  CA  . ASN A 1 44  ? 13.290  -7.576  -6.833  1.00 40.56 ? 44  ASN A CA  1 
ATOM   361  C  C   . ASN A 1 44  ? 14.102  -7.744  -8.117  1.00 41.46 ? 44  ASN A C   1 
ATOM   362  O  O   . ASN A 1 44  ? 14.629  -6.719  -8.586  1.00 36.04 ? 44  ASN A O   1 
ATOM   363  C  CB  . ASN A 1 44  ? 11.862  -8.064  -6.994  1.00 40.53 ? 44  ASN A CB  1 
ATOM   364  C  CG  . ASN A 1 44  ? 11.062  -7.894  -5.706  1.00 43.14 ? 44  ASN A CG  1 
ATOM   365  O  OD1 . ASN A 1 44  ? 11.447  -8.375  -4.644  1.00 53.95 ? 44  ASN A OD1 1 
ATOM   366  N  ND2 . ASN A 1 44  ? 9.967   -7.158  -5.828  1.00 53.26 ? 44  ASN A ND2 1 
ATOM   367  N  N   . ASP A 1 45  ? 14.177  -8.929  -8.624  1.00 41.02 ? 45  ASP A N   1 
ATOM   368  C  CA  . ASP A 1 45  ? 14.905  -9.250  -9.843  1.00 40.42 ? 45  ASP A CA  1 
ATOM   369  C  C   . ASP A 1 45  ? 14.464  -8.398  -11.035 1.00 35.48 ? 45  ASP A C   1 
ATOM   370  O  O   . ASP A 1 45  ? 15.302  -7.853  -11.772 1.00 48.44 ? 45  ASP A O   1 
ATOM   371  C  CB  . ASP A 1 45  ? 14.591  -10.736 -10.207 1.00 43.35 ? 45  ASP A CB  1 
ATOM   372  C  CG  . ASP A 1 45  ? 15.678  -11.647 -9.700  1.00 47.20 ? 45  ASP A CG  1 
ATOM   373  O  OD1 . ASP A 1 45  ? 16.713  -11.747 -10.398 1.00 68.66 ? 45  ASP A OD1 1 
ATOM   374  O  OD2 . ASP A 1 45  ? 15.495  -12.282 -8.634  1.00 75.11 ? 45  ASP A OD2 1 
ATOM   375  N  N   . GLU A 1 46  ? 13.175  -8.338  -11.252 1.00 31.69 ? 46  GLU A N   1 
ATOM   376  C  CA  . GLU A 1 46  ? 12.601  -7.841  -12.499 1.00 30.89 ? 46  GLU A CA  1 
ATOM   377  C  C   . GLU A 1 46  ? 11.627  -6.693  -12.261 1.00 28.87 ? 46  GLU A C   1 
ATOM   378  O  O   . GLU A 1 46  ? 10.892  -6.276  -13.166 1.00 30.58 ? 46  GLU A O   1 
ATOM   379  C  CB  . GLU A 1 46  ? 11.774  -9.025  -13.086 1.00 29.18 ? 46  GLU A CB  1 
ATOM   380  C  CG  . GLU A 1 46  ? 12.666  -10.262 -13.259 1.00 30.97 ? 46  GLU A CG  1 
ATOM   381  C  CD  . GLU A 1 46  ? 11.952  -11.438 -13.865 1.00 28.53 ? 46  GLU A CD  1 
ATOM   382  O  OE1 . GLU A 1 46  ? 11.299  -11.251 -14.929 1.00 28.87 ? 46  GLU A OE1 1 
ATOM   383  O  OE2 . GLU A 1 46  ? 12.057  -12.568 -13.338 1.00 30.23 ? 46  GLU A OE2 1 
ATOM   384  N  N   . SER A 1 47  ? 11.537  -6.223  -11.028 1.00 23.40 ? 47  SER A N   1 
ATOM   385  C  CA  . SER A 1 47  ? 10.603  -5.144  -10.737 1.00 19.49 ? 47  SER A CA  1 
ATOM   386  C  C   . SER A 1 47  ? 11.029  -4.521  -9.380  1.00 17.34 ? 47  SER A C   1 
ATOM   387  O  O   . SER A 1 47  ? 11.879  -5.061  -8.689  1.00 19.07 ? 47  SER A O   1 
ATOM   388  C  CB  . SER A 1 47  ? 9.182   -5.691  -10.562 1.00 20.75 ? 47  SER A CB  1 
ATOM   389  O  OG  . SER A 1 47  ? 9.133   -6.585  -9.443  1.00 27.91 ? 47  SER A OG  1 
ATOM   390  N  N   . THR A 1 48  ? 10.431  -3.369  -9.132  1.00 14.70 ? 48  THR A N   1 
ATOM   391  C  CA  . THR A 1 48  ? 10.680  -2.645  -7.884  1.00 14.32 ? 48  THR A CA  1 
ATOM   392  C  C   . THR A 1 48  ? 9.303   -2.219  -7.357  1.00 13.45 ? 48  THR A C   1 
ATOM   393  O  O   . THR A 1 48  ? 8.411   -1.881  -8.116  1.00 14.78 ? 48  THR A O   1 
ATOM   394  C  CB  . THR A 1 48  ? 11.541  -1.412  -8.172  1.00 14.40 ? 48  THR A CB  1 
ATOM   395  O  OG1 . THR A 1 48  ? 12.812  -1.913  -8.680  1.00 15.98 ? 48  THR A OG1 1 
ATOM   396  C  CG2 . THR A 1 48  ? 11.853  -0.595  -6.937  1.00 15.65 ? 48  THR A CG2 1 
ATOM   397  N  N   . GLU A 1 49  ? 9.155   -2.236  -6.035  1.00 13.72 ? 49  GLU A N   1 
ATOM   398  C  CA  . GLU A 1 49  ? 7.957   -1.778  -5.373  1.00 13.93 ? 49  GLU A CA  1 
ATOM   399  C  C   . GLU A 1 49  ? 8.287   -0.550  -4.493  1.00 13.49 ? 49  GLU A C   1 
ATOM   400  O  O   . GLU A 1 49  ? 9.315   -0.474  -3.867  1.00 14.69 ? 49  GLU A O   1 
ATOM   401  C  CB  . GLU A 1 49  ? 7.402   -2.914  -4.492  1.00 16.72 ? 49  GLU A CB  1 
ATOM   402  C  CG  . GLU A 1 49  ? 6.836   -4.061  -5.343  1.00 22.45 ? 49  GLU A CG  1 
ATOM   403  C  CD  . GLU A 1 49  ? 6.589   -5.352  -4.649  1.00 29.60 ? 49  GLU A CD  1 
ATOM   404  O  OE1 . GLU A 1 49  ? 6.474   -5.410  -3.420  1.00 43.24 ? 49  GLU A OE1 1 
ATOM   405  O  OE2 . GLU A 1 49  ? 6.471   -6.372  -5.377  1.00 45.26 ? 49  GLU A OE2 1 
ATOM   406  N  N   . TYR A 1 50  ? 7.366   0.420   -4.573  1.00 12.71 ? 50  TYR A N   1 
ATOM   407  C  CA  . TYR A 1 50  ? 7.609   1.738   -4.079  1.00 11.49 ? 50  TYR A CA  1 
ATOM   408  C  C   . TYR A 1 50  ? 6.618   2.218   -3.042  1.00 11.79 ? 50  TYR A C   1 
ATOM   409  O  O   . TYR A 1 50  ? 5.402   2.165   -3.269  1.00 12.33 ? 50  TYR A O   1 
ATOM   410  C  CB  . TYR A 1 50  ? 7.603   2.771   -5.207  1.00 13.62 ? 50  TYR A CB  1 
ATOM   411  C  CG  . TYR A 1 50  ? 8.492   2.468   -6.367  1.00 12.37 ? 50  TYR A CG  1 
ATOM   412  C  CD1 . TYR A 1 50  ? 9.794   2.880   -6.409  1.00 13.04 ? 50  TYR A CD1 1 
ATOM   413  C  CD2 . TYR A 1 50  ? 7.974   1.766   -7.461  1.00 14.77 ? 50  TYR A CD2 1 
ATOM   414  C  CE1 . TYR A 1 50  ? 10.601  2.597   -7.522  1.00 14.03 ? 50  TYR A CE1 1 
ATOM   415  C  CE2 . TYR A 1 50  ? 8.733   1.528   -8.556  1.00 14.71 ? 50  TYR A CE2 1 
ATOM   416  C  CZ  . TYR A 1 50  ? 10.065  1.933   -8.579  1.00 13.50 ? 50  TYR A CZ  1 
ATOM   417  O  OH  . TYR A 1 50  ? 10.784  1.677   -9.728  1.00 15.73 ? 50  TYR A OH  1 
ATOM   418  N  N   . GLY A 1 51  ? 7.125   2.849   -1.990  1.00 11.79 ? 51  GLY A N   1 
ATOM   419  C  CA  . GLY A 1 51  ? 6.339   3.631   -1.104  1.00 11.65 ? 51  GLY A CA  1 
ATOM   420  C  C   . GLY A 1 51  ? 5.571   2.848   -0.064  1.00 12.44 ? 51  GLY A C   1 
ATOM   421  O  O   . GLY A 1 51  ? 5.746   1.645   0.133   1.00 12.56 ? 51  GLY A O   1 
ATOM   422  N  N   . LEU A 1 52  ? 4.674   3.578   0.607   1.00 12.37 ? 52  LEU A N   1 
ATOM   423  C  CA  . LEU A 1 52  ? 3.891   3.054   1.717   1.00 13.15 ? 52  LEU A CA  1 
ATOM   424  C  C   . LEU A 1 52  ? 3.114   1.799   1.324   1.00 12.17 ? 52  LEU A C   1 
ATOM   425  O  O   . LEU A 1 52  ? 2.950   0.887   2.143   1.00 13.90 ? 52  LEU A O   1 
ATOM   426  C  CB  . LEU A 1 52  ? 2.915   4.173   2.162   1.00 15.71 ? 52  LEU A CB  1 
ATOM   427  C  CG  . LEU A 1 52  ? 1.952   3.851   3.293   1.00 18.67 ? 52  LEU A CG  1 
ATOM   428  C  CD1 . LEU A 1 52  ? 2.738   3.697   4.618   1.00 20.96 ? 52  LEU A CD1 1 
ATOM   429  C  CD2 . LEU A 1 52  ? 0.946   5.007   3.433   1.00 21.58 ? 52  LEU A CD2 1 
ATOM   430  N  N   . PHE A 1 53  ? 2.565   1.802   0.111   1.00 11.91 ? 53  PHE A N   1 
ATOM   431  C  CA  . PHE A 1 53  ? 1.764   0.703   -0.381  1.00 12.78 ? 53  PHE A CA  1 
ATOM   432  C  C   . PHE A 1 53  ? 2.562   -0.230  -1.278  1.00 12.85 ? 53  PHE A C   1 
ATOM   433  O  O   . PHE A 1 53  ? 1.981   -1.168  -1.817  1.00 15.13 ? 53  PHE A O   1 
ATOM   434  C  CB  . PHE A 1 53  ? 0.540   1.215   -1.142  1.00 14.31 ? 53  PHE A CB  1 
ATOM   435  C  CG  . PHE A 1 53  ? -0.522  1.866   -0.239  1.00 15.13 ? 53  PHE A CG  1 
ATOM   436  C  CD1 . PHE A 1 53  ? -1.405  1.060   0.463   1.00 18.49 ? 53  PHE A CD1 1 
ATOM   437  C  CD2 . PHE A 1 53  ? -0.629  3.227   -0.169  1.00 17.93 ? 53  PHE A CD2 1 
ATOM   438  C  CE1 . PHE A 1 53  ? -2.406  1.633   1.210   1.00 21.83 ? 53  PHE A CE1 1 
ATOM   439  C  CE2 . PHE A 1 53  ? -1.594  3.799   0.637   1.00 20.75 ? 53  PHE A CE2 1 
ATOM   440  C  CZ  . PHE A 1 53  ? -2.489  3.023   1.304   1.00 21.06 ? 53  PHE A CZ  1 
ATOM   441  N  N   . GLN A 1 54  ? 3.868   -0.045  -1.423  1.00 13.19 ? 54  GLN A N   1 
ATOM   442  C  CA  . GLN A 1 54  ? 4.686   -0.988  -2.151  1.00 13.68 ? 54  GLN A CA  1 
ATOM   443  C  C   . GLN A 1 54  ? 4.110   -1.311  -3.503  1.00 13.45 ? 54  GLN A C   1 
ATOM   444  O  O   . GLN A 1 54  ? 3.901   -2.487  -3.863  1.00 14.35 ? 54  GLN A O   1 
ATOM   445  C  CB  . GLN A 1 54  ? 4.969   -2.241  -1.306  1.00 15.53 ? 54  GLN A CB  1 
ATOM   446  C  CG  . GLN A 1 54  ? 5.937   -1.878  -0.140  1.00 16.29 ? 54  GLN A CG  1 
ATOM   447  C  CD  . GLN A 1 54  ? 7.323   -1.596  -0.696  1.00 18.20 ? 54  GLN A CD  1 
ATOM   448  O  OE1 . GLN A 1 54  ? 8.023   -2.535  -1.108  1.00 23.46 ? 54  GLN A OE1 1 
ATOM   449  N  NE2 . GLN A 1 54  ? 7.677   -0.322  -0.806  1.00 17.80 ? 54  GLN A NE2 1 
ATOM   450  N  N   . ILE A 1 55  ? 3.847   -0.267  -4.265  1.00 12.63 ? 55  ILE A N   1 
ATOM   451  C  CA  . ILE A 1 55  ? 3.253   -0.366  -5.581  1.00 12.68 ? 55  ILE A CA  1 
ATOM   452  C  C   . ILE A 1 55  ? 4.304   -0.665  -6.635  1.00 12.54 ? 55  ILE A C   1 
ATOM   453  O  O   . ILE A 1 55  ? 5.350   -0.058  -6.675  1.00 13.28 ? 55  ILE A O   1 
ATOM   454  C  CB  . ILE A 1 55  ? 2.511   0.953   -5.904  1.00 13.45 ? 55  ILE A CB  1 
ATOM   455  C  CG1 . ILE A 1 55  ? 1.369   1.160   -4.885  1.00 16.22 ? 55  ILE A CG1 1 
ATOM   456  C  CG2 . ILE A 1 55  ? 1.965   0.866   -7.325  1.00 14.89 ? 55  ILE A CG2 1 
ATOM   457  C  CD1 . ILE A 1 55  ? 0.648   2.438   -4.991  1.00 18.90 ? 55  ILE A CD1 1 
ATOM   458  N  N   . SER A 1 56  ? 4.044   -1.712  -7.422  1.00 13.56 ? 56  SER A N   1 
ATOM   459  C  CA  . SER A 1 56  ? 5.013   -2.256  -8.339  1.00 13.93 ? 56  SER A CA  1 
ATOM   460  C  C   . SER A 1 56  ? 5.032   -1.599  -9.705  1.00 13.86 ? 56  SER A C   1 
ATOM   461  O  O   . SER A 1 56  ? 4.007   -1.372  -10.312 1.00 15.31 ? 56  SER A O   1 
ATOM   462  C  CB  . SER A 1 56  ? 4.784   -3.775  -8.502  1.00 15.52 ? 56  SER A CB  1 
ATOM   463  O  OG  . SER A 1 56  ? 5.731   -4.318  -9.391  1.00 18.79 ? 56  SER A OG  1 
ATOM   464  N  N   . ASN A 1 57  ? 6.244   -1.414  -10.220 1.00 13.65 ? 57  ASN A N   1 
ATOM   465  C  CA  . ASN A 1 57  ? 6.434   -0.935  -11.561 1.00 14.93 ? 57  ASN A CA  1 
ATOM   466  C  C   . ASN A 1 57  ? 6.111   -1.977  -12.620 1.00 15.15 ? 57  ASN A C   1 
ATOM   467  O  O   . ASN A 1 57  ? 6.068   -1.643  -13.796 1.00 17.29 ? 57  ASN A O   1 
ATOM   468  C  CB  . ASN A 1 57  ? 7.775   -0.315  -11.804 1.00 14.64 ? 57  ASN A CB  1 
ATOM   469  C  CG  . ASN A 1 57  ? 8.979   -1.195  -11.576 1.00 13.94 ? 57  ASN A CG  1 
ATOM   470  O  OD1 . ASN A 1 57  ? 10.154  -0.692  -11.619 1.00 18.71 ? 57  ASN A OD1 1 
ATOM   471  N  ND2 . ASN A 1 57  ? 8.762   -2.421  -11.366 1.00 12.72 ? 57  ASN A ND2 1 
ATOM   472  N  N   . LYS A 1 58  ? 5.844   -3.215  -12.226 1.00 15.47 ? 58  LYS A N   1 
ATOM   473  C  CA  . LYS A 1 58  ? 5.569   -4.228  -13.240 1.00 20.96 ? 58  LYS A CA  1 
ATOM   474  C  C   . LYS A 1 58  ? 4.281   -3.951  -13.961 1.00 20.68 ? 58  LYS A C   1 
ATOM   475  O  O   . LYS A 1 58  ? 4.108   -4.334  -15.120 1.00 23.15 ? 58  LYS A O   1 
ATOM   476  C  CB  . LYS A 1 58  ? 5.599   -5.619  -12.637 1.00 25.90 ? 58  LYS A CB  1 
ATOM   477  C  CG  . LYS A 1 58  ? 6.794   -5.880  -11.728 1.00 40.80 ? 58  LYS A CG  1 
ATOM   478  C  CD  . LYS A 1 58  ? 6.404   -7.020  -10.731 1.00 45.67 ? 58  LYS A CD  1 
ATOM   479  C  CE  . LYS A 1 58  ? 5.389   -7.932  -11.453 1.00 55.65 ? 58  LYS A CE  1 
ATOM   480  N  NZ  . LYS A 1 58  ? 5.884   -8.255  -12.857 1.00 60.81 ? 58  LYS A NZ  1 
ATOM   481  N  N   . LEU A 1 59  ? 3.306   -3.397  -13.254 1.00 19.95 ? 59  LEU A N   1 
ATOM   482  C  CA  . LEU A 1 59  ? 1.973   -3.200  -13.799 1.00 17.94 ? 59  LEU A CA  1 
ATOM   483  C  C   . LEU A 1 59  ? 1.378   -1.830  -13.527 1.00 17.98 ? 59  LEU A C   1 
ATOM   484  O  O   . LEU A 1 59  ? 0.486   -1.368  -14.251 1.00 18.86 ? 59  LEU A O   1 
ATOM   485  C  CB  . LEU A 1 59  ? 1.045   -4.255  -13.137 1.00 22.60 ? 59  LEU A CB  1 
ATOM   486  C  CG  . LEU A 1 59  ? -0.257  -4.543  -13.871 1.00 27.94 ? 59  LEU A CG  1 
ATOM   487  C  CD1 . LEU A 1 59  ? 0.065   -5.201  -15.216 1.00 34.63 ? 59  LEU A CD1 1 
ATOM   488  C  CD2 . LEU A 1 59  ? -1.119  -5.468  -13.015 1.00 30.96 ? 59  LEU A CD2 1 
ATOM   489  N  N   . TRP A 1 60  ? 1.750   -1.183  -12.403 1.00 15.01 ? 60  TRP A N   1 
ATOM   490  C  CA  . TRP A 1 60  ? 0.940   -0.151  -11.854 1.00 13.71 ? 60  TRP A CA  1 
ATOM   491  C  C   . TRP A 1 60  ? 1.354   1.273   -12.116 1.00 13.83 ? 60  TRP A C   1 
ATOM   492  O  O   . TRP A 1 60  ? 0.533   2.184   -12.069 1.00 14.87 ? 60  TRP A O   1 
ATOM   493  C  CB  . TRP A 1 60  ? 0.812   -0.349  -10.298 1.00 14.11 ? 60  TRP A CB  1 
ATOM   494  C  CG  . TRP A 1 60  ? 0.273   -1.710  -10.034 1.00 14.77 ? 60  TRP A CG  1 
ATOM   495  C  CD1 . TRP A 1 60  ? 0.954   -2.827  -9.715  1.00 16.93 ? 60  TRP A CD1 1 
ATOM   496  C  CD2 . TRP A 1 60  ? -1.124  -2.088  -10.122 1.00 14.66 ? 60  TRP A CD2 1 
ATOM   497  N  NE1 . TRP A 1 60  ? 0.105   -3.879  -9.580  1.00 18.02 ? 60  TRP A NE1 1 
ATOM   498  C  CE2 . TRP A 1 60  ? -1.170  -3.465  -9.836  1.00 16.21 ? 60  TRP A CE2 1 
ATOM   499  C  CE3 . TRP A 1 60  ? -2.292  -1.416  -10.416 1.00 15.52 ? 60  TRP A CE3 1 
ATOM   500  C  CZ2 . TRP A 1 60  ? -2.381  -4.166  -9.841  1.00 17.77 ? 60  TRP A CZ2 1 
ATOM   501  C  CZ3 . TRP A 1 60  ? -3.488  -2.109  -10.423 1.00 18.23 ? 60  TRP A CZ3 1 
ATOM   502  C  CH2 . TRP A 1 60  ? -3.504  -3.474  -10.126 1.00 18.93 ? 60  TRP A CH2 1 
ATOM   503  N  N   . CYS A 1 61  ? 2.661   1.485   -12.301 1.00 14.09 ? 61  CYS A N   1 
ATOM   504  C  CA  . CYS A 1 61  ? 3.190   2.821   -12.509 1.00 13.84 ? 61  CYS A CA  1 
ATOM   505  C  C   . CYS A 1 61  ? 4.362   2.762   -13.504 1.00 13.83 ? 61  CYS A C   1 
ATOM   506  O  O   . CYS A 1 61  ? 4.881   1.685   -13.768 1.00 16.10 ? 61  CYS A O   1 
ATOM   507  C  CB  . CYS A 1 61  ? 3.571   3.475   -11.209 1.00 14.09 ? 61  CYS A CB  1 
ATOM   508  S  SG  . CYS A 1 61  ? 4.858   2.578   -10.270 1.00 14.56 ? 61  CYS A SG  1 
ATOM   509  N  N   . LYS A 1 62  ? 4.682   3.911   -14.039 1.00 13.87 ? 62  LYS A N   1 
ATOM   510  C  CA  . LYS A 1 62  ? 5.723   4.028   -15.061 1.00 15.44 ? 62  LYS A CA  1 
ATOM   511  C  C   . LYS A 1 62  ? 7.090   4.300   -14.413 1.00 14.48 ? 62  LYS A C   1 
ATOM   512  O  O   . LYS A 1 62  ? 7.263   5.264   -13.684 1.00 15.16 ? 62  LYS A O   1 
ATOM   513  C  CB  A LYS A 1 62  ? 5.367   5.191   -15.999 0.50 19.71 ? 62  LYS A CB  1 
ATOM   514  C  CB  B LYS A 1 62  ? 5.383   5.159   -16.040 0.50 20.58 ? 62  LYS A CB  1 
ATOM   515  C  CG  A LYS A 1 62  ? 6.150   5.228   -17.300 0.50 24.03 ? 62  LYS A CG  1 
ATOM   516  C  CG  B LYS A 1 62  ? 6.525   5.453   -17.018 0.50 24.96 ? 62  LYS A CG  1 
ATOM   517  C  CD  A LYS A 1 62  ? 5.587   6.308   -18.221 0.50 29.00 ? 62  LYS A CD  1 
ATOM   518  C  CD  B LYS A 1 62  ? 7.524   6.415   -16.376 0.50 29.93 ? 62  LYS A CD  1 
ATOM   519  C  CE  A LYS A 1 62  ? 5.885   7.699   -17.705 0.50 28.92 ? 62  LYS A CE  1 
ATOM   520  C  CE  B LYS A 1 62  ? 6.978   7.838   -16.371 0.50 31.63 ? 62  LYS A CE  1 
ATOM   521  N  NZ  A LYS A 1 62  ? 5.558   8.742   -18.736 0.50 32.89 ? 62  LYS A NZ  1 
ATOM   522  N  NZ  B LYS A 1 62  ? 7.773   8.734   -15.499 0.50 31.57 ? 62  LYS A NZ  1 
ATOM   523  N  N   . SER A 1 63  ? 8.057   3.487   -14.794 1.00 16.51 ? 63  SER A N   1 
ATOM   524  C  CA  . SER A 1 63  ? 9.442   3.585   -14.352 1.00 14.99 ? 63  SER A CA  1 
ATOM   525  C  C   . SER A 1 63  ? 10.331  3.194   -15.548 1.00 15.44 ? 63  SER A C   1 
ATOM   526  O  O   . SER A 1 63  ? 9.921   2.366   -16.369 1.00 19.98 ? 63  SER A O   1 
ATOM   527  C  CB  A SER A 1 63  ? 9.689   2.580   -13.220 0.50 17.78 ? 63  SER A CB  1 
ATOM   528  C  CB  B SER A 1 63  ? 9.694   2.631   -13.194 0.50 16.38 ? 63  SER A CB  1 
ATOM   529  O  OG  A SER A 1 63  ? 11.040  2.173   -13.036 0.50 13.78 ? 63  SER A OG  1 
ATOM   530  O  OG  B SER A 1 63  ? 9.880   1.340   -13.763 0.50 20.29 ? 63  SER A OG  1 
ATOM   531  N  N   . SER A 1 64  ? 11.531  3.717   -15.586 1.00 13.92 ? 64  SER A N   1 
ATOM   532  C  CA  . SER A 1 64  ? 12.450  3.353   -16.658 1.00 14.51 ? 64  SER A CA  1 
ATOM   533  C  C   . SER A 1 64  ? 12.911  1.912   -16.556 1.00 15.61 ? 64  SER A C   1 
ATOM   534  O  O   . SER A 1 64  ? 13.479  1.384   -17.492 1.00 17.93 ? 64  SER A O   1 
ATOM   535  C  CB  . SER A 1 64  ? 13.651  4.269   -16.645 1.00 14.74 ? 64  SER A CB  1 
ATOM   536  O  OG  . SER A 1 64  ? 14.368  4.183   -15.431 1.00 14.43 ? 64  SER A OG  1 
ATOM   537  N  N   . GLN A 1 65  ? 12.763  1.260   -15.390 1.00 14.48 ? 65  GLN A N   1 
ATOM   538  C  CA  . GLN A 1 65  ? 13.185  -0.116  -15.255 1.00 15.83 ? 65  GLN A CA  1 
ATOM   539  C  C   . GLN A 1 65  ? 12.358  -1.077  -16.094 1.00 18.14 ? 65  GLN A C   1 
ATOM   540  O  O   . GLN A 1 65  ? 12.798  -2.137  -16.527 1.00 21.01 ? 65  GLN A O   1 
ATOM   541  C  CB  . GLN A 1 65  ? 13.119  -0.536  -13.768 1.00 16.65 ? 65  GLN A CB  1 
ATOM   542  C  CG  . GLN A 1 65  ? 13.706  -1.944  -13.571 1.00 20.52 ? 65  GLN A CG  1 
ATOM   543  C  CD  . GLN A 1 65  ? 13.668  -2.419  -12.160 1.00 20.15 ? 65  GLN A CD  1 
ATOM   544  O  OE1 . GLN A 1 65  ? 14.548  -3.235  -11.748 1.00 34.51 ? 65  GLN A OE1 1 
ATOM   545  N  NE2 . GLN A 1 65  ? 12.685  -2.065  -11.403 1.00 17.28 ? 65  GLN A NE2 1 
ATOM   546  N  N   . VAL A 1 66  ? 11.055  -0.777  -16.208 1.00 17.96 ? 66  VAL A N   1 
ATOM   547  C  CA  . VAL A 1 66  ? 10.109  -1.632  -16.883 1.00 19.54 ? 66  VAL A CA  1 
ATOM   548  C  C   . VAL A 1 66  ? 9.317   -0.797  -17.898 1.00 20.07 ? 66  VAL A C   1 
ATOM   549  O  O   . VAL A 1 66  ? 8.174   -0.380  -17.598 1.00 21.74 ? 66  VAL A O   1 
ATOM   550  C  CB  . VAL A 1 66  ? 9.129   -2.298  -15.907 1.00 20.05 ? 66  VAL A CB  1 
ATOM   551  C  CG1 . VAL A 1 66  ? 8.262   -3.327  -16.604 1.00 24.41 ? 66  VAL A CG1 1 
ATOM   552  C  CG2 . VAL A 1 66  ? 9.902   -2.993  -14.775 1.00 23.87 ? 66  VAL A CG2 1 
ATOM   553  N  N   . PRO A 1 67  ? 9.938   -0.513  -19.033 1.00 24.79 ? 67  PRO A N   1 
ATOM   554  C  CA  . PRO A 1 67  ? 9.384   0.348   -20.064 1.00 29.07 ? 67  PRO A CA  1 
ATOM   555  C  C   . PRO A 1 67  ? 8.014   -0.072  -20.588 1.00 29.19 ? 67  PRO A C   1 
ATOM   556  O  O   . PRO A 1 67  ? 7.219   0.795   -20.956 1.00 37.78 ? 67  PRO A O   1 
ATOM   557  C  CB  . PRO A 1 67  ? 10.397  0.345   -21.187 1.00 33.12 ? 67  PRO A CB  1 
ATOM   558  C  CG  . PRO A 1 67  ? 11.450  -0.589  -20.823 1.00 32.34 ? 67  PRO A CG  1 
ATOM   559  C  CD  . PRO A 1 67  ? 11.358  -0.884  -19.371 1.00 27.34 ? 67  PRO A CD  1 
ATOM   560  N  N   . GLN A 1 68  ? 7.789   -1.373  -20.598 1.00 35.32 ? 68  GLN A N   1 
ATOM   561  C  CA  . GLN A 1 68  ? 6.577   -1.981  -21.104 1.00 36.79 ? 68  GLN A CA  1 
ATOM   562  C  C   . GLN A 1 68  ? 5.460   -2.051  -20.108 1.00 33.70 ? 68  GLN A C   1 
ATOM   563  O  O   . GLN A 1 68  ? 4.403   -2.661  -20.368 1.00 41.59 ? 68  GLN A O   1 
ATOM   564  C  CB  . GLN A 1 68  ? 6.932   -3.423  -21.601 1.00 48.24 ? 68  GLN A CB  1 
ATOM   565  C  CG  . GLN A 1 68  ? 7.703   -3.403  -22.931 1.00 52.27 ? 68  GLN A CG  1 
ATOM   566  C  CD  . GLN A 1 68  ? 8.075   -4.791  -23.394 1.00 54.14 ? 68  GLN A CD  1 
ATOM   567  O  OE1 . GLN A 1 68  ? 7.315   -5.761  -23.204 1.00 56.07 ? 68  GLN A OE1 1 
ATOM   568  N  NE2 . GLN A 1 68  ? 9.231   -4.947  -24.046 1.00 59.42 ? 68  GLN A NE2 1 
ATOM   569  N  N   . SER A 1 69  ? 5.623   -1.471  -18.920 1.00 28.99 ? 69  SER A N   1 
ATOM   570  C  CA  . SER A 1 69  ? 4.589   -1.614  -17.902 1.00 26.87 ? 69  SER A CA  1 
ATOM   571  C  C   . SER A 1 69  ? 3.250   -1.072  -18.445 1.00 23.33 ? 69  SER A C   1 
ATOM   572  O  O   . SER A 1 69  ? 3.211   -0.025  -19.049 1.00 24.63 ? 69  SER A O   1 
ATOM   573  C  CB  . SER A 1 69  ? 4.975   -0.734  -16.684 1.00 25.54 ? 69  SER A CB  1 
ATOM   574  O  OG  . SER A 1 69  ? 3.925   -0.791  -15.731 1.00 25.66 ? 69  SER A OG  1 
ATOM   575  N  N   . ARG A 1 70  ? 2.180   -1.787  -18.129 1.00 20.95 ? 70  ARG A N   1 
ATOM   576  C  CA  . ARG A 1 70  ? 0.829   -1.333  -18.369 1.00 21.11 ? 70  ARG A CA  1 
ATOM   577  C  C   . ARG A 1 70  ? 0.480   -0.016  -17.719 1.00 21.44 ? 70  ARG A C   1 
ATOM   578  O  O   . ARG A 1 70  ? -0.382  0.757   -18.167 1.00 24.83 ? 70  ARG A O   1 
ATOM   579  C  CB  . ARG A 1 70  ? -0.147  -2.444  -17.982 1.00 21.64 ? 70  ARG A CB  1 
ATOM   580  C  CG  . ARG A 1 70  ? -0.073  -3.632  -18.921 1.00 23.49 ? 70  ARG A CG  1 
ATOM   581  C  CD  . ARG A 1 70  ? -0.651  -3.267  -20.302 1.00 24.48 ? 70  ARG A CD  1 
ATOM   582  N  NE  . ARG A 1 70  ? -2.062  -3.213  -20.327 1.00 29.81 ? 70  ARG A NE  1 
ATOM   583  C  CZ  . ARG A 1 70  ? -2.925  -4.235  -20.276 1.00 27.81 ? 70  ARG A CZ  1 
ATOM   584  N  NH1 . ARG A 1 70  ? -2.687  -5.396  -20.872 1.00 29.92 ? 70  ARG A NH1 1 
ATOM   585  N  NH2 . ARG A 1 70  ? -4.057  -4.048  -19.642 1.00 27.01 ? 70  ARG A NH2 1 
ATOM   586  N  N   . ASN A 1 71  ? 1.118   0.333   -16.637 1.00 20.71 ? 71  ASN A N   1 
ATOM   587  C  CA  . ASN A 1 71  ? 0.891   1.624   -15.976 1.00 17.08 ? 71  ASN A CA  1 
ATOM   588  C  C   . ASN A 1 71  ? -0.579  1.869   -15.681 1.00 16.59 ? 71  ASN A C   1 
ATOM   589  O  O   . ASN A 1 71  ? -1.183  2.855   -16.044 1.00 17.73 ? 71  ASN A O   1 
ATOM   590  C  CB  . ASN A 1 71  ? 1.487   2.754   -16.785 1.00 18.49 ? 71  ASN A CB  1 
ATOM   591  C  CG  . ASN A 1 71  ? 1.483   4.091   -16.032 1.00 16.67 ? 71  ASN A CG  1 
ATOM   592  O  OD1 . ASN A 1 71  ? 1.306   4.126   -14.819 1.00 17.15 ? 71  ASN A OD1 1 
ATOM   593  N  ND2 . ASN A 1 71  ? 1.726   5.160   -16.791 1.00 19.98 ? 71  ASN A ND2 1 
ATOM   594  N  N   . ILE A 1 72  ? -1.186  0.916   -14.984 1.00 15.88 ? 72  ILE A N   1 
ATOM   595  C  CA  . ILE A 1 72  ? -2.601  0.970   -14.661 1.00 16.69 ? 72  ILE A CA  1 
ATOM   596  C  C   . ILE A 1 72  ? -3.019  2.207   -13.914 1.00 16.39 ? 72  ILE A C   1 
ATOM   597  O  O   . ILE A 1 72  ? -4.101  2.764   -14.180 1.00 18.56 ? 72  ILE A O   1 
ATOM   598  C  CB  A ILE A 1 72  ? -3.152  -0.315  -14.067 0.50 16.88 ? 72  ILE A CB  1 
ATOM   599  C  CB  B ILE A 1 72  ? -2.958  -0.296  -13.814 0.50 16.55 ? 72  ILE A CB  1 
ATOM   600  C  CG1 A ILE A 1 72  ? -3.133  -1.487  -15.093 0.50 18.18 ? 72  ILE A CG1 1 
ATOM   601  C  CG1 B ILE A 1 72  ? -2.795  -1.594  -14.591 0.50 19.51 ? 72  ILE A CG1 1 
ATOM   602  C  CG2 A ILE A 1 72  ? -4.604  -0.125  -13.583 0.50 17.83 ? 72  ILE A CG2 1 
ATOM   603  C  CG2 B ILE A 1 72  ? -4.317  -0.152  -13.173 0.50 20.79 ? 72  ILE A CG2 1 
ATOM   604  C  CD1 A ILE A 1 72  ? -3.394  -2.819  -14.413 0.50 22.07 ? 72  ILE A CD1 1 
ATOM   605  C  CD1 B ILE A 1 72  ? -3.589  -1.707  -15.860 0.50 21.00 ? 72  ILE A CD1 1 
ATOM   606  N  N   . CYS A 1 73  ? -2.211  2.703   -12.981 1.00 14.73 ? 73  CYS A N   1 
ATOM   607  C  CA  . CYS A 1 73  ? -2.560  3.906   -12.253 1.00 14.63 ? 73  CYS A CA  1 
ATOM   608  C  C   . CYS A 1 73  ? -2.239  5.201   -12.977 1.00 15.21 ? 73  CYS A C   1 
ATOM   609  O  O   . CYS A 1 73  ? -2.532  6.267   -12.464 1.00 18.23 ? 73  CYS A O   1 
ATOM   610  C  CB  . CYS A 1 73  ? -1.906  3.899   -10.871 1.00 13.77 ? 73  CYS A CB  1 
ATOM   611  S  SG  . CYS A 1 73  ? -2.579  2.572   -9.891  1.00 14.68 ? 73  CYS A SG  1 
ATOM   612  N  N   . ASP A 1 74  ? -1.643  5.109   -14.147 1.00 15.81 ? 74  ASP A N   1 
ATOM   613  C  CA  . ASP A 1 74  ? -1.381  6.186   -15.077 1.00 15.98 ? 74  ASP A CA  1 
ATOM   614  C  C   . ASP A 1 74  ? -0.579  7.285   -14.395 1.00 15.80 ? 74  ASP A C   1 
ATOM   615  O  O   . ASP A 1 74  ? -0.971  8.426   -14.337 1.00 18.64 ? 74  ASP A O   1 
ATOM   616  C  CB  . ASP A 1 74  ? -2.683  6.738   -15.641 1.00 18.17 ? 74  ASP A CB  1 
ATOM   617  C  CG  . ASP A 1 74  ? -2.464  7.562   -16.900 1.00 23.29 ? 74  ASP A CG  1 
ATOM   618  O  OD1 . ASP A 1 74  ? -1.387  7.482   -17.495 1.00 25.24 ? 74  ASP A OD1 1 
ATOM   619  O  OD2 . ASP A 1 74  ? -3.433  8.235   -17.304 1.00 30.01 ? 74  ASP A OD2 1 
ATOM   620  N  N   . ILE A 1 75  ? 0.557   6.891   -13.850 1.00 15.63 ? 75  ILE A N   1 
ATOM   621  C  CA  . ILE A 1 75  ? 1.345   7.825   -13.039 1.00 14.77 ? 75  ILE A CA  1 
ATOM   622  C  C   . ILE A 1 75  ? 2.770   7.334   -12.989 1.00 14.77 ? 75  ILE A C   1 
ATOM   623  O  O   . ILE A 1 75  ? 3.038   6.136   -13.063 1.00 16.14 ? 75  ILE A O   1 
ATOM   624  C  CB  . ILE A 1 75  ? 0.741   7.852   -11.593 1.00 15.44 ? 75  ILE A CB  1 
ATOM   625  C  CG1 . ILE A 1 75  ? 1.140   9.028   -10.768 1.00 17.71 ? 75  ILE A CG1 1 
ATOM   626  C  CG2 . ILE A 1 75  ? 0.984   6.539   -10.933 1.00 19.34 ? 75  ILE A CG2 1 
ATOM   627  C  CD1 . ILE A 1 75  ? 0.320   9.285   -9.516  1.00 20.48 ? 75  ILE A CD1 1 
ATOM   628  N  N   . SER A 1 76  ? 3.698   8.257   -12.846 1.00 14.30 ? 76  SER A N   1 
ATOM   629  C  CA  . SER A 1 76  ? 5.101   7.917   -12.662 1.00 14.10 ? 76  SER A CA  1 
ATOM   630  C  C   . SER A 1 76  ? 5.315   7.372   -11.276 1.00 12.11 ? 76  SER A C   1 
ATOM   631  O  O   . SER A 1 76  ? 4.808   7.904   -10.287 1.00 13.22 ? 76  SER A O   1 
ATOM   632  C  CB  A SER A 1 76  ? 5.955   9.197   -12.838 0.45 15.74 ? 76  SER A CB  1 
ATOM   633  C  CB  B SER A 1 76  ? 5.953   9.170   -12.906 0.55 16.65 ? 76  SER A CB  1 
ATOM   634  O  OG  A SER A 1 76  ? 7.317   8.854   -12.601 0.45 15.67 ? 76  SER A OG  1 
ATOM   635  O  OG  B SER A 1 76  ? 5.789   9.552   -14.269 0.55 23.38 ? 76  SER A OG  1 
ATOM   636  N  N   . CYS A 1 77  ? 6.144   6.358   -11.166 1.00 12.34 ? 77  CYS A N   1 
ATOM   637  C  CA  . CYS A 1 77  ? 6.358   5.725   -9.879  1.00 12.41 ? 77  CYS A CA  1 
ATOM   638  C  C   . CYS A 1 77  ? 6.998   6.643   -8.847  1.00 10.87 ? 77  CYS A C   1 
ATOM   639  O  O   . CYS A 1 77  ? 6.860   6.382   -7.647  1.00 12.18 ? 77  CYS A O   1 
ATOM   640  C  CB  . CYS A 1 77  ? 7.231   4.482   -10.038 1.00 13.28 ? 77  CYS A CB  1 
ATOM   641  S  SG  . CYS A 1 77  ? 6.591   3.178   -11.103 1.00 13.69 ? 77  CYS A SG  1 
ATOM   642  N  N   . ASP A 1 78  ? 7.672   7.698   -9.260  1.00 11.44 ? 78  ASP A N   1 
ATOM   643  C  CA  . ASP A 1 78  ? 8.293   8.595   -8.309  1.00 12.28 ? 78  ASP A CA  1 
ATOM   644  C  C   . ASP A 1 78  ? 7.288   9.252   -7.388  1.00 12.53 ? 78  ASP A C   1 
ATOM   645  O  O   . ASP A 1 78  ? 7.622   9.653   -6.279  1.00 13.06 ? 78  ASP A O   1 
ATOM   646  C  CB  . ASP A 1 78  ? 9.172   9.625   -8.969  1.00 14.72 ? 78  ASP A CB  1 
ATOM   647  C  CG  . ASP A 1 78  ? 8.377   10.740  -9.617  1.00 16.69 ? 78  ASP A CG  1 
ATOM   648  O  OD1 . ASP A 1 78  ? 7.963   10.549  -10.756 1.00 21.44 ? 78  ASP A OD1 1 
ATOM   649  O  OD2 . ASP A 1 78  ? 8.158   11.762  -8.939  1.00 19.64 ? 78  ASP A OD2 1 
ATOM   650  N  N   . LYS A 1 79  ? 6.038   9.340   -7.846  1.00 11.21 ? 79  LYS A N   1 
ATOM   651  C  CA  . LYS A 1 79  ? 4.985   9.933   -7.040  1.00 12.06 ? 79  LYS A CA  1 
ATOM   652  C  C   . LYS A 1 79  ? 4.708   9.150   -5.787  1.00 11.63 ? 79  LYS A C   1 
ATOM   653  O  O   . LYS A 1 79  ? 4.069   9.655   -4.863  1.00 13.61 ? 79  LYS A O   1 
ATOM   654  C  CB  . LYS A 1 79  ? 3.701   10.107  -7.873  1.00 13.35 ? 79  LYS A CB  1 
ATOM   655  C  CG  . LYS A 1 79  ? 3.825   11.196  -8.937  1.00 19.34 ? 79  LYS A CG  1 
ATOM   656  C  CD  . LYS A 1 79  ? 3.905   12.581  -8.272  1.00 25.95 ? 79  LYS A CD  1 
ATOM   657  C  CE  . LYS A 1 79  ? 2.501   13.032  -7.843  1.00 35.14 ? 79  LYS A CE  1 
ATOM   658  N  NZ  . LYS A 1 79  ? 1.831   13.845  -8.880  1.00 52.56 ? 79  LYS A NZ  1 
ATOM   659  N  N   . PHE A 1 80  ? 5.153   7.898   -5.734  1.00 11.27 ? 80  PHE A N   1 
ATOM   660  C  CA  . PHE A 1 80  ? 4.957   7.040   -4.574  1.00 11.08 ? 80  PHE A CA  1 
ATOM   661  C  C   . PHE A 1 80  ? 6.104   7.110   -3.578  1.00 11.93 ? 80  PHE A C   1 
ATOM   662  O  O   . PHE A 1 80  ? 6.113   6.323   -2.631  1.00 14.37 ? 80  PHE A O   1 
ATOM   663  C  CB  . PHE A 1 80  ? 4.693   5.620   -5.020  1.00 12.12 ? 80  PHE A CB  1 
ATOM   664  C  CG  . PHE A 1 80  ? 3.503   5.485   -5.951  1.00 12.08 ? 80  PHE A CG  1 
ATOM   665  C  CD1 . PHE A 1 80  ? 2.370   6.236   -5.811  1.00 14.07 ? 80  PHE A CD1 1 
ATOM   666  C  CD2 . PHE A 1 80  ? 3.540   4.512   -6.946  1.00 15.21 ? 80  PHE A CD2 1 
ATOM   667  C  CE1 . PHE A 1 80  ? 1.271   6.083   -6.666  1.00 16.04 ? 80  PHE A CE1 1 
ATOM   668  C  CE2 . PHE A 1 80  ? 2.466   4.337   -7.793  1.00 17.10 ? 80  PHE A CE2 1 
ATOM   669  C  CZ  . PHE A 1 80  ? 1.329   5.112   -7.647  1.00 16.91 ? 80  PHE A CZ  1 
ATOM   670  N  N   . LEU A 1 81  ? 6.991   8.084   -3.759  1.00 12.38 ? 81  LEU A N   1 
ATOM   671  C  CA  . LEU A 1 81  ? 8.141   8.243   -2.865  1.00 12.81 ? 81  LEU A CA  1 
ATOM   672  C  C   . LEU A 1 81  ? 8.161   9.597   -2.170  1.00 14.53 ? 81  LEU A C   1 
ATOM   673  O  O   . LEU A 1 81  ? 9.156   10.000  -1.601  1.00 20.54 ? 81  LEU A O   1 
ATOM   674  C  CB  . LEU A 1 81  ? 9.449   8.030   -3.603  1.00 13.57 ? 81  LEU A CB  1 
ATOM   675  C  CG  . LEU A 1 81  ? 9.670   6.620   -4.144  1.00 13.61 ? 81  LEU A CG  1 
ATOM   676  C  CD1 . LEU A 1 81  ? 10.971  6.604   -4.948  1.00 15.45 ? 81  LEU A CD1 1 
ATOM   677  C  CD2 . LEU A 1 81  ? 9.703   5.591   -3.037  1.00 15.88 ? 81  LEU A CD2 1 
ATOM   678  N  N   . ASP A 1 82  ? 7.067   10.311  -2.229  1.00 16.26 ? 82  ASP A N   1 
ATOM   679  C  CA  . ASP A 1 82  ? 6.953   11.611  -1.594  1.00 16.25 ? 82  ASP A CA  1 
ATOM   680  C  C   . ASP A 1 82  ? 6.067   11.518  -0.367  1.00 15.04 ? 82  ASP A C   1 
ATOM   681  O  O   . ASP A 1 82  ? 5.699   10.446  0.080   1.00 17.26 ? 82  ASP A O   1 
ATOM   682  C  CB  . ASP A 1 82  ? 6.544   12.655  -2.566  1.00 17.30 ? 82  ASP A CB  1 
ATOM   683  C  CG  . ASP A 1 82  ? 5.121   12.501  -3.124  1.00 15.82 ? 82  ASP A CG  1 
ATOM   684  O  OD1 . ASP A 1 82  ? 4.357   11.720  -2.565  1.00 15.32 ? 82  ASP A OD1 1 
ATOM   685  O  OD2 . ASP A 1 82  ? 4.845   13.148  -4.158  1.00 20.02 ? 82  ASP A OD2 1 
ATOM   686  N  N   . ASP A 1 83  ? 5.859   12.648  0.298   1.00 17.25 ? 83  ASP A N   1 
ATOM   687  C  CA  . ASP A 1 83  ? 5.173   12.670  1.565   1.00 18.59 ? 83  ASP A CA  1 
ATOM   688  C  C   . ASP A 1 83  ? 3.678   12.838  1.433   1.00 16.03 ? 83  ASP A C   1 
ATOM   689  O  O   . ASP A 1 83  ? 2.994   12.941  2.475   1.00 19.55 ? 83  ASP A O   1 
ATOM   690  C  CB  . ASP A 1 83  ? 5.737   13.755  2.478   1.00 30.73 ? 83  ASP A CB  1 
ATOM   691  C  CG  . ASP A 1 83  ? 7.167   13.467  2.901   1.00 37.94 ? 83  ASP A CG  1 
ATOM   692  O  OD1 . ASP A 1 83  ? 7.591   12.299  2.892   1.00 36.01 ? 83  ASP A OD1 1 
ATOM   693  O  OD2 . ASP A 1 83  ? 7.836   14.444  3.277   1.00 48.84 ? 83  ASP A OD2 1 
ATOM   694  N  N   . ASP A 1 84  ? 3.181   12.885  0.211   1.00 14.31 ? 84  ASP A N   1 
ATOM   695  C  CA  . ASP A 1 84  ? 1.724   13.059  -0.005  1.00 13.30 ? 84  ASP A CA  1 
ATOM   696  C  C   . ASP A 1 84  ? 1.200   11.679  -0.449  1.00 12.27 ? 84  ASP A C   1 
ATOM   697  O  O   . ASP A 1 84  ? 1.492   11.255  -1.578  1.00 13.62 ? 84  ASP A O   1 
ATOM   698  C  CB  . ASP A 1 84  ? 1.493   14.028  -1.147  1.00 13.67 ? 84  ASP A CB  1 
ATOM   699  C  CG  . ASP A 1 84  ? 0.018   14.236  -1.401  1.00 14.03 ? 84  ASP A CG  1 
ATOM   700  O  OD1 . ASP A 1 84  ? -0.791  13.743  -0.614  1.00 13.62 ? 84  ASP A OD1 1 
ATOM   701  O  OD2 . ASP A 1 84  ? -0.286  14.902  -2.443  1.00 16.41 ? 84  ASP A OD2 1 
ATOM   702  N  N   . ILE A 1 85  ? 0.440   11.012  0.395   1.00 11.83 ? 85  ILE A N   1 
ATOM   703  C  CA  . ILE A 1 85  ? -0.042  9.677   0.067   1.00 11.75 ? 85  ILE A CA  1 
ATOM   704  C  C   . ILE A 1 85  ? -1.355  9.689   -0.653  1.00 12.24 ? 85  ILE A C   1 
ATOM   705  O  O   . ILE A 1 85  ? -1.926  8.625   -0.908  1.00 13.25 ? 85  ILE A O   1 
ATOM   706  C  CB  . ILE A 1 85  ? -0.038  8.723   1.264   1.00 13.07 ? 85  ILE A CB  1 
ATOM   707  C  CG1 . ILE A 1 85  ? -1.022  9.112   2.364   1.00 13.71 ? 85  ILE A CG1 1 
ATOM   708  C  CG2 . ILE A 1 85  ? 1.408   8.585   1.790   1.00 16.33 ? 85  ILE A CG2 1 
ATOM   709  C  CD1 . ILE A 1 85  ? -1.267  8.043   3.373   1.00 19.28 ? 85  ILE A CD1 1 
ATOM   710  N  N   . THR A 1 86  ? -1.785  10.860  -1.158  1.00 12.02 ? 86  THR A N   1 
ATOM   711  C  CA  . THR A 1 86  ? -3.053  10.938  -1.876  1.00 11.11 ? 86  THR A CA  1 
ATOM   712  C  C   . THR A 1 86  ? -3.072  10.114  -3.145  1.00 11.65 ? 86  THR A C   1 
ATOM   713  O  O   . THR A 1 86  ? -4.002  9.349   -3.390  1.00 12.44 ? 86  THR A O   1 
ATOM   714  C  CB  . THR A 1 86  ? -3.361  12.393  -2.189  1.00 12.95 ? 86  THR A CB  1 
ATOM   715  O  OG1 . THR A 1 86  ? -3.486  13.110  -0.959  1.00 15.95 ? 86  THR A OG1 1 
ATOM   716  C  CG2 . THR A 1 86  ? -4.626  12.533  -2.999  1.00 13.60 ? 86  THR A CG2 1 
ATOM   717  N  N   . ASP A 1 87  ? -2.050  10.275  -3.974  1.00 11.03 ? 87  ASP A N   1 
ATOM   718  C  CA  . ASP A 1 87  ? -1.965  9.518   -5.195  1.00 11.72 ? 87  ASP A CA  1 
ATOM   719  C  C   . ASP A 1 87  ? -1.674  8.049   -4.910  1.00 11.30 ? 87  ASP A C   1 
ATOM   720  O  O   . ASP A 1 87  ? -2.179  7.159   -5.623  1.00 12.72 ? 87  ASP A O   1 
ATOM   721  C  CB  . ASP A 1 87  ? -1.042  10.161  -6.189  1.00 14.04 ? 87  ASP A CB  1 
ATOM   722  C  CG  . ASP A 1 87  ? 0.289   10.581  -5.762  1.00 15.26 ? 87  ASP A CG  1 
ATOM   723  O  OD1 . ASP A 1 87  ? 0.684   10.243  -4.660  1.00 16.12 ? 87  ASP A OD1 1 
ATOM   724  O  OD2 . ASP A 1 87  ? 0.920   11.408  -6.494  1.00 18.99 ? 87  ASP A OD2 1 
ATOM   725  N  N   . ASP A 1 88  ? -0.933  7.759   -3.851  1.00 11.02 ? 88  ASP A N   1 
ATOM   726  C  CA  . ASP A 1 88  ? -0.708  6.387   -3.427  1.00 11.61 ? 88  ASP A CA  1 
ATOM   727  C  C   . ASP A 1 88  ? -2.035  5.687   -3.130  1.00 11.37 ? 88  ASP A C   1 
ATOM   728  O  O   . ASP A 1 88  ? -2.247  4.537   -3.514  1.00 12.58 ? 88  ASP A O   1 
ATOM   729  C  CB  . ASP A 1 88  ? 0.210   6.283   -2.241  1.00 11.81 ? 88  ASP A CB  1 
ATOM   730  C  CG  . ASP A 1 88  ? 1.542   6.995   -2.413  1.00 11.78 ? 88  ASP A CG  1 
ATOM   731  O  OD1 . ASP A 1 88  ? 1.536   8.199   -2.709  1.00 12.87 ? 88  ASP A OD1 1 
ATOM   732  O  OD2 . ASP A 1 88  ? 2.572   6.326   -2.257  1.00 14.64 ? 88  ASP A OD2 1 
ATOM   733  N  N   . ILE A 1 89  ? -2.889  6.397   -2.399  1.00 12.13 ? 89  ILE A N   1 
ATOM   734  C  CA  . ILE A 1 89  ? -4.183  5.845   -2.042  1.00 11.51 ? 89  ILE A CA  1 
ATOM   735  C  C   . ILE A 1 89  ? -5.043  5.621   -3.271  1.00 12.18 ? 89  ILE A C   1 
ATOM   736  O  O   . ILE A 1 89  ? -5.698  4.590   -3.409  1.00 12.84 ? 89  ILE A O   1 
ATOM   737  C  CB  . ILE A 1 89  ? -4.910  6.736   -1.018  1.00 12.84 ? 89  ILE A CB  1 
ATOM   738  C  CG1 . ILE A 1 89  ? -4.235  6.753   0.354   1.00 13.93 ? 89  ILE A CG1 1 
ATOM   739  C  CG2 . ILE A 1 89  ? -6.362  6.295   -0.890  1.00 13.74 ? 89  ILE A CG2 1 
ATOM   740  C  CD1 . ILE A 1 89  ? -4.739  7.902   1.202   1.00 17.38 ? 89  ILE A CD1 1 
ATOM   741  N  N   . MET A 1 90  ? -5.027  6.577   -4.192  1.00 11.98 ? 90  MET A N   1 
ATOM   742  C  CA  . MET A 1 90  ? -5.768  6.421   -5.445  1.00 12.83 ? 90  MET A CA  1 
ATOM   743  C  C   . MET A 1 90  ? -5.389  5.104   -6.097  1.00 12.57 ? 90  MET A C   1 
ATOM   744  O  O   . MET A 1 90  ? -6.212  4.347   -6.600  1.00 14.06 ? 90  MET A O   1 
ATOM   745  C  CB  A MET A 1 90  ? -5.560  7.601   -6.370  0.45 14.46 ? 90  MET A CB  1 
ATOM   746  C  CB  B MET A 1 90  ? -5.372  7.596   -6.385  0.55 15.25 ? 90  MET A CB  1 
ATOM   747  C  CG  A MET A 1 90  ? -6.145  7.416   -7.767  0.45 15.76 ? 90  MET A CG  1 
ATOM   748  C  CG  B MET A 1 90  ? -5.864  7.442   -7.808  0.55 16.87 ? 90  MET A CG  1 
ATOM   749  S  SD  A MET A 1 90  ? -4.993  6.601   -8.889  0.45 17.62 ? 90  MET A SD  1 
ATOM   750  S  SD  B MET A 1 90  ? -4.955  8.464   -9.008  0.55 19.48 ? 90  MET A SD  1 
ATOM   751  C  CE  A MET A 1 90  ? -3.625  7.764   -8.878  0.45 19.18 ? 90  MET A CE  1 
ATOM   752  C  CE  B MET A 1 90  ? -3.516  7.416   -9.305  0.55 23.38 ? 90  MET A CE  1 
ATOM   753  N  N   . CYS A 1 91  ? -4.075  4.833   -6.163  1.00 12.45 ? 91  CYS A N   1 
ATOM   754  C  CA  . CYS A 1 91  ? -3.582  3.650   -6.846  1.00 12.42 ? 91  CYS A CA  1 
ATOM   755  C  C   . CYS A 1 91  ? -3.834  2.387   -6.055  1.00 11.99 ? 91  CYS A C   1 
ATOM   756  O  O   . CYS A 1 91  ? -4.256  1.360   -6.611  1.00 14.18 ? 91  CYS A O   1 
ATOM   757  C  CB  . CYS A 1 91  ? -2.111  3.831   -7.188  1.00 12.47 ? 91  CYS A CB  1 
ATOM   758  S  SG  . CYS A 1 91  ? -1.422  2.529   -8.230  1.00 13.87 ? 91  CYS A SG  1 
ATOM   759  N  N   . ALA A 1 92  ? -3.683  2.467   -4.739  1.00 12.42 ? 92  ALA A N   1 
ATOM   760  C  CA  . ALA A 1 92  ? -3.991  1.337   -3.878  1.00 12.65 ? 92  ALA A CA  1 
ATOM   761  C  C   . ALA A 1 92  ? -5.449  0.904   -4.036  1.00 13.21 ? 92  ALA A C   1 
ATOM   762  O  O   . ALA A 1 92  ? -5.751  -0.274  -3.958  1.00 14.01 ? 92  ALA A O   1 
ATOM   763  C  CB  . ALA A 1 92  ? -3.645  1.620   -2.431  1.00 14.77 ? 92  ALA A CB  1 
ATOM   764  N  N   . LYS A 1 93  ? -6.351  1.869   -4.197  1.00 13.64 ? 93  LYS A N   1 
ATOM   765  C  CA  . LYS A 1 93  ? -7.753  1.526   -4.420  1.00 14.09 ? 93  LYS A CA  1 
ATOM   766  C  C   . LYS A 1 93  ? -7.953  0.731   -5.696  1.00 14.45 ? 93  LYS A C   1 
ATOM   767  O  O   . LYS A 1 93  ? -8.722  -0.248  -5.723  1.00 15.01 ? 93  LYS A O   1 
ATOM   768  C  CB  . LYS A 1 93  ? -8.645  2.788   -4.438  1.00 14.43 ? 93  LYS A CB  1 
ATOM   769  C  CG  . LYS A 1 93  ? -8.853  3.366   -3.044  1.00 16.75 ? 93  LYS A CG  1 
ATOM   770  C  CD  . LYS A 1 93  ? -9.647  4.659   -3.102  1.00 20.01 ? 93  LYS A CD  1 
ATOM   771  C  CE  . LYS A 1 93  ? -10.124 5.130   -1.761  1.00 24.81 ? 93  LYS A CE  1 
ATOM   772  N  NZ  . LYS A 1 93  ? -10.988 6.352   -1.873  1.00 28.79 ? 93  LYS A NZ  1 
ATOM   773  N  N   . LYS A 1 94  ? -7.241  1.086   -6.744  1.00 14.30 ? 94  LYS A N   1 
ATOM   774  C  CA  . LYS A 1 94  ? -7.263  0.320   -7.977  1.00 15.28 ? 94  LYS A CA  1 
ATOM   775  C  C   . LYS A 1 94  ? -6.769  -1.104  -7.751  1.00 15.25 ? 94  LYS A C   1 
ATOM   776  O  O   . LYS A 1 94  ? -7.352  -2.061  -8.252  1.00 16.87 ? 94  LYS A O   1 
ATOM   777  C  CB  . LYS A 1 94  ? -6.483  0.994   -9.099  1.00 19.41 ? 94  LYS A CB  1 
ATOM   778  C  CG  . LYS A 1 94  ? -7.145  2.306   -9.537  1.00 22.55 ? 94  LYS A CG  1 
ATOM   779  C  CD  . LYS A 1 94  ? -6.527  2.879   -10.789 1.00 41.25 ? 94  LYS A CD  1 
ATOM   780  C  CE  . LYS A 1 94  ? -7.515  3.004   -11.933 1.00 43.89 ? 94  LYS A CE  1 
ATOM   781  N  NZ  . LYS A 1 94  ? -6.803  3.098   -13.255 1.00 45.64 ? 94  LYS A NZ  1 
ATOM   782  N  N   . ILE A 1 95  ? -5.678  -1.238  -6.989  1.00 13.84 ? 95  ILE A N   1 
ATOM   783  C  CA  . ILE A 1 95  ? -5.149  -2.530  -6.657  1.00 13.97 ? 95  ILE A CA  1 
ATOM   784  C  C   . ILE A 1 95  ? -6.145  -3.369  -5.896  1.00 14.99 ? 95  ILE A C   1 
ATOM   785  O  O   . ILE A 1 95  ? -6.376  -4.544  -6.229  1.00 16.40 ? 95  ILE A O   1 
ATOM   786  C  CB  . ILE A 1 95  ? -3.806  -2.439  -5.910  1.00 14.84 ? 95  ILE A CB  1 
ATOM   787  C  CG1 . ILE A 1 95  ? -2.691  -1.822  -6.750  1.00 16.03 ? 95  ILE A CG1 1 
ATOM   788  C  CG2 . ILE A 1 95  ? -3.401  -3.818  -5.426  1.00 17.01 ? 95  ILE A CG2 1 
ATOM   789  C  CD1 . ILE A 1 95  ? -1.422  -1.457  -6.045  1.00 18.90 ? 95  ILE A CD1 1 
ATOM   790  N  N   . LEU A 1 96  ? -6.818  -2.776  -4.908  1.00 14.39 ? 96  LEU A N   1 
ATOM   791  C  CA  . LEU A 1 96  ? -7.849  -3.470  -4.154  1.00 16.41 ? 96  LEU A CA  1 
ATOM   792  C  C   . LEU A 1 96  ? -8.990  -3.924  -5.016  1.00 17.53 ? 96  LEU A C   1 
ATOM   793  O  O   . LEU A 1 96  ? -9.529  -5.028  -4.799  1.00 20.65 ? 96  LEU A O   1 
ATOM   794  C  CB  . LEU A 1 96  ? -8.350  -2.556  -3.021  1.00 16.37 ? 96  LEU A CB  1 
ATOM   795  C  CG  . LEU A 1 96  ? -7.396  -2.456  -1.826  1.00 17.50 ? 96  LEU A CG  1 
ATOM   796  C  CD1 . LEU A 1 96  ? -7.853  -1.346  -0.877  1.00 23.23 ? 96  LEU A CD1 1 
ATOM   797  C  CD2 . LEU A 1 96  ? -7.339  -3.797  -1.095  1.00 20.97 ? 96  LEU A CD2 1 
ATOM   798  N  N   . ASP A 1 97  ? -9.352  -3.120  -5.997  1.00 16.42 ? 97  ASP A N   1 
ATOM   799  C  CA  . ASP A 1 97  ? -10.426 -3.472  -6.925  1.00 20.12 ? 97  ASP A CA  1 
ATOM   800  C  C   . ASP A 1 97  ? -10.052 -4.634  -7.803  1.00 20.54 ? 97  ASP A C   1 
ATOM   801  O  O   . ASP A 1 97  ? -10.898 -5.467  -8.146  1.00 25.62 ? 97  ASP A O   1 
ATOM   802  C  CB  . ASP A 1 97  ? -10.826 -2.292  -7.767  1.00 23.29 ? 97  ASP A CB  1 
ATOM   803  C  CG  . ASP A 1 97  ? -11.580 -1.227  -6.996  1.00 28.62 ? 97  ASP A CG  1 
ATOM   804  O  OD1 . ASP A 1 97  ? -12.242 -1.542  -5.988  1.00 31.62 ? 97  ASP A OD1 1 
ATOM   805  O  OD2 . ASP A 1 97  ? -11.587 -0.108  -7.509  1.00 34.23 ? 97  ASP A OD2 1 
ATOM   806  N  N   . ILE A 1 98  ? -8.814  -4.696  -8.239  1.00 18.50 ? 98  ILE A N   1 
ATOM   807  C  CA  . ILE A 1 98  ? -8.404  -5.665  -9.274  1.00 19.73 ? 98  ILE A CA  1 
ATOM   808  C  C   . ILE A 1 98  ? -7.816  -6.917  -8.697  1.00 20.25 ? 98  ILE A C   1 
ATOM   809  O  O   . ILE A 1 98  ? -8.237  -8.010  -9.058  1.00 24.41 ? 98  ILE A O   1 
ATOM   810  C  CB  . ILE A 1 98  ? -7.457  -4.981  -10.262 1.00 19.79 ? 98  ILE A CB  1 
ATOM   811  C  CG1 . ILE A 1 98  ? -8.046  -3.826  -11.035 1.00 20.76 ? 98  ILE A CG1 1 
ATOM   812  C  CG2 . ILE A 1 98  ? -6.761  -5.968  -11.168 1.00 22.45 ? 98  ILE A CG2 1 
ATOM   813  C  CD1 . ILE A 1 98  ? -7.093  -2.855  -11.661 1.00 24.39 ? 98  ILE A CD1 1 
ATOM   814  N  N   . LYS A 1 99  ? -6.887  -6.806  -7.738  1.00 19.48 ? 99  LYS A N   1 
ATOM   815  C  CA  . LYS A 1 99  ? -6.162  -7.874  -7.126  1.00 20.49 ? 99  LYS A CA  1 
ATOM   816  C  C   . LYS A 1 99  ? -6.586  -8.176  -5.694  1.00 21.25 ? 99  LYS A C   1 
ATOM   817  O  O   . LYS A 1 99  ? -6.393  -9.305  -5.227  1.00 25.01 ? 99  LYS A O   1 
ATOM   818  C  CB  . LYS A 1 99  ? -4.645  -7.579  -7.121  1.00 23.70 ? 99  LYS A CB  1 
ATOM   819  C  CG  . LYS A 1 99  ? -4.103  -7.271  -8.495  1.00 26.25 ? 99  LYS A CG  1 
ATOM   820  C  CD  . LYS A 1 99  ? -3.957  -8.503  -9.363  1.00 32.51 ? 99  LYS A CD  1 
ATOM   821  C  CE  . LYS A 1 99  ? -3.108  -8.179  -10.611 1.00 33.54 ? 99  LYS A CE  1 
ATOM   822  N  NZ  . LYS A 1 99  ? -2.940  -9.432  -11.428 1.00 40.83 ? 99  LYS A NZ  1 
ATOM   823  N  N   . GLY A 1 100 ? -7.189  -7.243  -5.026  1.00 20.15 ? 100 GLY A N   1 
ATOM   824  C  CA  . GLY A 1 100 ? -7.576  -7.393  -3.628  1.00 19.14 ? 100 GLY A CA  1 
ATOM   825  C  C   . GLY A 1 100 ? -6.376  -7.375  -2.716  1.00 17.38 ? 100 GLY A C   1 
ATOM   826  O  O   . GLY A 1 100 ? -5.259  -7.029  -3.120  1.00 18.06 ? 100 GLY A O   1 
ATOM   827  N  N   . ILE A 1 101 ? -6.588  -7.722  -1.438  1.00 17.79 ? 101 ILE A N   1 
ATOM   828  C  CA  . ILE A 1 101 ? -5.538  -7.702  -0.465  1.00 16.69 ? 101 ILE A CA  1 
ATOM   829  C  C   . ILE A 1 101 ? -4.390  -8.631  -0.772  1.00 16.44 ? 101 ILE A C   1 
ATOM   830  O  O   . ILE A 1 101 ? -3.271  -8.450  -0.270  1.00 15.92 ? 101 ILE A O   1 
ATOM   831  C  CB  . ILE A 1 101 ? -6.042  -7.869  0.969   1.00 20.09 ? 101 ILE A CB  1 
ATOM   832  C  CG1 . ILE A 1 101 ? -5.133  -7.277  2.048   1.00 25.90 ? 101 ILE A CG1 1 
ATOM   833  C  CG2 . ILE A 1 101 ? -6.492  -9.255  1.262   1.00 21.95 ? 101 ILE A CG2 1 
ATOM   834  C  CD1 . ILE A 1 101 ? -5.836  -6.704  3.226   1.00 36.25 ? 101 ILE A CD1 1 
ATOM   835  N  N   . ASP A 1 102 ? -4.604  -9.662  -1.592  1.00 17.51 ? 102 ASP A N   1 
ATOM   836  C  CA  . ASP A 1 102 ? -3.539  -10.601 -1.903  1.00 17.64 ? 102 ASP A CA  1 
ATOM   837  C  C   . ASP A 1 102 ? -2.436  -10.035 -2.752  1.00 17.10 ? 102 ASP A C   1 
ATOM   838  O  O   . ASP A 1 102 ? -1.347  -10.622 -2.857  1.00 18.50 ? 102 ASP A O   1 
ATOM   839  C  CB  . ASP A 1 102 ? -4.093  -11.865 -2.556  1.00 23.67 ? 102 ASP A CB  1 
ATOM   840  C  CG  . ASP A 1 102 ? -4.863  -12.702 -1.550  1.00 24.54 ? 102 ASP A CG  1 
ATOM   841  O  OD1 . ASP A 1 102 ? -4.351  -12.887 -0.448  1.00 27.85 ? 102 ASP A OD1 1 
ATOM   842  O  OD2 . ASP A 1 102 ? -5.989  -13.054 -1.898  1.00 32.64 ? 102 ASP A OD2 1 
ATOM   843  N  N   . TYR A 1 103 ? -2.638  -8.824  -3.321  1.00 16.13 ? 103 TYR A N   1 
ATOM   844  C  CA  . TYR A 1 103 ? -1.489  -8.151  -3.910  1.00 15.38 ? 103 TYR A CA  1 
ATOM   845  C  C   . TYR A 1 103 ? -0.340  -8.095  -2.921  1.00 14.68 ? 103 TYR A C   1 
ATOM   846  O  O   . TYR A 1 103 ? 0.827   -8.287  -3.279  1.00 17.12 ? 103 TYR A O   1 
ATOM   847  C  CB  . TYR A 1 103 ? -1.910  -6.731  -4.335  1.00 15.05 ? 103 TYR A CB  1 
ATOM   848  C  CG  . TYR A 1 103 ? -0.712  -5.931  -4.788  1.00 14.56 ? 103 TYR A CG  1 
ATOM   849  C  CD1 . TYR A 1 103 ? -0.159  -6.026  -6.038  1.00 15.42 ? 103 TYR A CD1 1 
ATOM   850  C  CD2 . TYR A 1 103 ? -0.084  -5.058  -3.902  1.00 14.29 ? 103 TYR A CD2 1 
ATOM   851  C  CE1 . TYR A 1 103 ? 0.928   -5.298  -6.423  1.00 16.19 ? 103 TYR A CE1 1 
ATOM   852  C  CE2 . TYR A 1 103 ? 1.009   -4.319  -4.253  1.00 15.22 ? 103 TYR A CE2 1 
ATOM   853  C  CZ  . TYR A 1 103 ? 1.522   -4.426  -5.528  1.00 15.38 ? 103 TYR A CZ  1 
ATOM   854  O  OH  . TYR A 1 103 ? 2.636   -3.765  -5.929  1.00 17.60 ? 103 TYR A OH  1 
ATOM   855  N  N   . TRP A 1 104 ? -0.665  -7.739  -1.690  1.00 14.22 ? 104 TRP A N   1 
ATOM   856  C  CA  . TRP A 1 104 ? 0.300   -7.625  -0.600  1.00 14.90 ? 104 TRP A CA  1 
ATOM   857  C  C   . TRP A 1 104 ? 0.573   -8.931  0.096   1.00 16.52 ? 104 TRP A C   1 
ATOM   858  O  O   . TRP A 1 104 ? 1.694   -9.250  0.473   1.00 20.20 ? 104 TRP A O   1 
ATOM   859  C  CB  . TRP A 1 104 ? -0.126  -6.552  0.401   1.00 15.23 ? 104 TRP A CB  1 
ATOM   860  C  CG  . TRP A 1 104 ? -0.227  -5.181  -0.159  1.00 15.32 ? 104 TRP A CG  1 
ATOM   861  C  CD1 . TRP A 1 104 ? 0.802   -4.286  -0.347  1.00 17.07 ? 104 TRP A CD1 1 
ATOM   862  C  CD2 . TRP A 1 104 ? -1.404  -4.513  -0.638  1.00 16.08 ? 104 TRP A CD2 1 
ATOM   863  N  NE1 . TRP A 1 104 ? 0.317   -3.139  -0.871  1.00 17.27 ? 104 TRP A NE1 1 
ATOM   864  C  CE2 . TRP A 1 104 ? -1.012  -3.228  -1.105  1.00 16.07 ? 104 TRP A CE2 1 
ATOM   865  C  CE3 . TRP A 1 104 ? -2.738  -4.858  -0.789  1.00 18.59 ? 104 TRP A CE3 1 
ATOM   866  C  CZ2 . TRP A 1 104 ? -1.905  -2.331  -1.645  1.00 17.78 ? 104 TRP A CZ2 1 
ATOM   867  C  CZ3 . TRP A 1 104 ? -3.620  -3.962  -1.324  1.00 20.83 ? 104 TRP A CZ3 1 
ATOM   868  C  CH2 . TRP A 1 104 ? -3.214  -2.704  -1.755  1.00 21.05 ? 104 TRP A CH2 1 
ATOM   869  N  N   . LEU A 1 105 ? -0.480  -9.666  0.430   1.00 16.97 ? 105 LEU A N   1 
ATOM   870  C  CA  . LEU A 1 105 ? -0.395  -10.777 1.334   1.00 17.96 ? 105 LEU A CA  1 
ATOM   871  C  C   . LEU A 1 105 ? -0.234  -12.117 0.680   1.00 18.36 ? 105 LEU A C   1 
ATOM   872  O  O   . LEU A 1 105 ? 0.087   -13.103 1.377   1.00 21.96 ? 105 LEU A O   1 
ATOM   873  C  CB  . LEU A 1 105 ? -1.604  -10.762 2.297   1.00 18.94 ? 105 LEU A CB  1 
ATOM   874  C  CG  . LEU A 1 105 ? -1.713  -9.475  3.139   1.00 19.85 ? 105 LEU A CG  1 
ATOM   875  C  CD1 . LEU A 1 105 ? -2.847  -9.611  4.143   1.00 22.09 ? 105 LEU A CD1 1 
ATOM   876  C  CD2 . LEU A 1 105 ? -0.409  -9.122  3.811   1.00 23.04 ? 105 LEU A CD2 1 
ATOM   877  N  N   . ALA A 1 106 ? -0.467  -12.240 -0.612  1.00 19.63 ? 106 ALA A N   1 
ATOM   878  C  CA  . ALA A 1 106 ? -0.130  -13.428 -1.367  1.00 21.89 ? 106 ALA A CA  1 
ATOM   879  C  C   . ALA A 1 106 ? -0.744  -14.681 -0.843  1.00 22.93 ? 106 ALA A C   1 
ATOM   880  O  O   . ALA A 1 106 ? -0.101  -15.733 -0.772  1.00 25.48 ? 106 ALA A O   1 
ATOM   881  C  CB  . ALA A 1 106 ? 1.420   -13.555 -1.394  1.00 27.35 ? 106 ALA A CB  1 
ATOM   882  N  N   . HIS A 1 107 ? -2.008  -14.635 -0.424  1.00 21.26 ? 107 HIS A N   1 
ATOM   883  C  CA  . HIS A 1 107 ? -2.630  -15.848 0.079   1.00 23.48 ? 107 HIS A CA  1 
ATOM   884  C  C   . HIS A 1 107 ? -1.977  -16.443 1.306   1.00 22.88 ? 107 HIS A C   1 
ATOM   885  O  O   . HIS A 1 107 ? -2.197  -17.616 1.625   1.00 27.32 ? 107 HIS A O   1 
ATOM   886  C  CB  . HIS A 1 107 ? -2.863  -16.913 -0.976  1.00 33.30 ? 107 HIS A CB  1 
ATOM   887  C  CG  . HIS A 1 107 ? -3.614  -16.378 -2.169  1.00 33.61 ? 107 HIS A CG  1 
ATOM   888  N  ND1 . HIS A 1 107 ? -4.995  -16.413 -2.246  1.00 37.56 ? 107 HIS A ND1 1 
ATOM   889  C  CD2 . HIS A 1 107 ? -3.176  -15.826 -3.310  1.00 35.67 ? 107 HIS A CD2 1 
ATOM   890  C  CE1 . HIS A 1 107 ? -5.374  -15.879 -3.416  1.00 40.29 ? 107 HIS A CE1 1 
ATOM   891  N  NE2 . HIS A 1 107 ? -4.290  -15.505 -4.060  1.00 36.46 ? 107 HIS A NE2 1 
ATOM   892  N  N   . LYS A 1 108 ? -1.289  -15.640 2.091   1.00 21.47 ? 108 LYS A N   1 
ATOM   893  C  CA  . LYS A 1 108 ? -0.838  -16.059 3.403   1.00 21.77 ? 108 LYS A CA  1 
ATOM   894  C  C   . LYS A 1 108 ? -1.839  -15.619 4.470   1.00 21.14 ? 108 LYS A C   1 
ATOM   895  O  O   . LYS A 1 108 ? -2.649  -14.747 4.252   1.00 25.51 ? 108 LYS A O   1 
ATOM   896  C  CB  . LYS A 1 108 ? 0.505   -15.327 3.687   1.00 22.29 ? 108 LYS A CB  1 
ATOM   897  C  CG  . LYS A 1 108 ? 1.551   -15.792 2.671   1.00 27.40 ? 108 LYS A CG  1 
ATOM   898  C  CD  . LYS A 1 108 ? 2.918   -15.823 3.241   1.00 39.81 ? 108 LYS A CD  1 
ATOM   899  C  CE  . LYS A 1 108 ? 3.967   -15.505 2.200   1.00 42.56 ? 108 LYS A CE  1 
ATOM   900  N  NZ  . LYS A 1 108 ? 4.972   -14.547 2.747   1.00 46.37 ? 108 LYS A NZ  1 
ATOM   901  N  N   . ALA A 1 109 ? -1.754  -16.284 5.625   1.00 19.74 ? 109 ALA A N   1 
ATOM   902  C  CA  . ALA A 1 109 ? -2.636  -16.022 6.732   1.00 19.23 ? 109 ALA A CA  1 
ATOM   903  C  C   . ALA A 1 109 ? -2.241  -14.840 7.572   1.00 19.48 ? 109 ALA A C   1 
ATOM   904  O  O   . ALA A 1 109 ? -2.804  -14.638 8.656   1.00 22.70 ? 109 ALA A O   1 
ATOM   905  C  CB  . ALA A 1 109 ? -2.911  -17.266 7.558   1.00 24.74 ? 109 ALA A CB  1 
ATOM   906  N  N   . LEU A 1 110 ? -1.351  -13.972 7.104   1.00 17.22 ? 110 LEU A N   1 
ATOM   907  C  CA  . LEU A 1 110 ? -1.044  -12.723 7.762   1.00 16.83 ? 110 LEU A CA  1 
ATOM   908  C  C   . LEU A 1 110 ? -2.315  -11.886 7.928   1.00 16.11 ? 110 LEU A C   1 
ATOM   909  O  O   . LEU A 1 110 ? -3.158  -11.875 7.055   1.00 16.08 ? 110 LEU A O   1 
ATOM   910  C  CB  . LEU A 1 110 ? -0.076  -11.929 6.846   1.00 18.90 ? 110 LEU A CB  1 
ATOM   911  C  CG  . LEU A 1 110 ? 1.288   -12.534 6.640   1.00 22.86 ? 110 LEU A CG  1 
ATOM   912  C  CD1 . LEU A 1 110 ? 2.145   -11.669 5.700   1.00 27.66 ? 110 LEU A CD1 1 
ATOM   913  C  CD2 . LEU A 1 110 ? 2.005   -12.768 7.942   1.00 27.49 ? 110 LEU A CD2 1 
ATOM   914  N  N   . CYS A 1 111 ? -2.357  -11.124 9.014   1.00 15.12 ? 111 CYS A N   1 
ATOM   915  C  CA  . CYS A 1 111 ? -3.418  -10.155 9.242   1.00 16.50 ? 111 CYS A CA  1 
ATOM   916  C  C   . CYS A 1 111 ? -4.786  -10.791 9.258   1.00 17.04 ? 111 CYS A C   1 
ATOM   917  O  O   . CYS A 1 111 ? -5.725  -10.255 8.665   1.00 20.55 ? 111 CYS A O   1 
ATOM   918  C  CB  . CYS A 1 111 ? -3.351  -9.040  8.182   1.00 16.67 ? 111 CYS A CB  1 
ATOM   919  S  SG  . CYS A 1 111 ? -1.713  -8.236  8.158   1.00 17.87 ? 111 CYS A SG  1 
ATOM   920  N  N   . THR A 1 112 ? -4.919  -11.938 9.891   1.00 18.59 ? 112 THR A N   1 
ATOM   921  C  CA  . THR A 1 112 ? -6.193  -12.627 9.999   1.00 21.85 ? 112 THR A CA  1 
ATOM   922  C  C   . THR A 1 112 ? -6.644  -12.760 11.447  1.00 22.81 ? 112 THR A C   1 
ATOM   923  O  O   . THR A 1 112 ? -7.809  -13.066 11.697  1.00 30.06 ? 112 THR A O   1 
ATOM   924  C  CB  . THR A 1 112 ? -6.194  -14.009 9.357   1.00 24.67 ? 112 THR A CB  1 
ATOM   925  O  OG1 . THR A 1 112 ? -5.227  -14.875 9.940   1.00 24.74 ? 112 THR A OG1 1 
ATOM   926  C  CG2 . THR A 1 112 ? -6.046  -13.965 7.876   1.00 29.24 ? 112 THR A CG2 1 
ATOM   927  N  N   . GLU A 1 113 ? -5.723  -12.607 12.408  1.00 23.55 ? 113 GLU A N   1 
ATOM   928  C  CA  . GLU A 1 113 ? -6.063  -12.795 13.791  1.00 31.51 ? 113 GLU A CA  1 
ATOM   929  C  C   . GLU A 1 113 ? -5.765  -11.570 14.643  1.00 25.00 ? 113 GLU A C   1 
ATOM   930  O  O   . GLU A 1 113 ? -4.874  -10.806 14.350  1.00 24.38 ? 113 GLU A O   1 
ATOM   931  C  CB  . GLU A 1 113 ? -5.308  -13.978 14.400  1.00 33.97 ? 113 GLU A CB  1 
ATOM   932  C  CG  . GLU A 1 113 ? -4.774  -14.963 13.391  1.00 42.40 ? 113 GLU A CG  1 
ATOM   933  C  CD  . GLU A 1 113 ? -4.856  -16.370 13.997  1.00 49.87 ? 113 GLU A CD  1 
ATOM   934  O  OE1 . GLU A 1 113 ? -4.279  -16.482 15.093  1.00 53.51 ? 113 GLU A OE1 1 
ATOM   935  O  OE2 . GLU A 1 113 ? -5.574  -17.194 13.420  1.00 67.44 ? 113 GLU A OE2 1 
ATOM   936  N  N   . LYS A 1 114 ? -6.519  -11.443 15.729  1.00 25.09 ? 114 LYS A N   1 
ATOM   937  C  CA  . LYS A 1 114 ? -6.327  -10.371 16.695  1.00 25.12 ? 114 LYS A CA  1 
ATOM   938  C  C   . LYS A 1 114 ? -6.231  -9.021  16.020  1.00 23.18 ? 114 LYS A C   1 
ATOM   939  O  O   . LYS A 1 114 ? -5.299  -8.260  16.240  1.00 21.02 ? 114 LYS A O   1 
ATOM   940  C  CB  . LYS A 1 114 ? -5.054  -10.671 17.519  1.00 28.43 ? 114 LYS A CB  1 
ATOM   941  C  CG  . LYS A 1 114 ? -5.303  -11.881 18.435  1.00 40.28 ? 114 LYS A CG  1 
ATOM   942  C  CD  . LYS A 1 114 ? -4.036  -12.698 18.611  1.00 51.04 ? 114 LYS A CD  1 
ATOM   943  C  CE  . LYS A 1 114 ? -4.315  -13.982 19.412  1.00 49.85 ? 114 LYS A CE  1 
ATOM   944  N  NZ  . LYS A 1 114 ? -3.314  -15.049 19.069  1.00 54.14 ? 114 LYS A NZ  1 
ATOM   945  N  N   . LEU A 1 115 ? -7.164  -8.770  15.096  1.00 21.38 ? 115 LEU A N   1 
ATOM   946  C  CA  . LEU A 1 115 ? -7.091  -7.539  14.311  1.00 20.72 ? 115 LEU A CA  1 
ATOM   947  C  C   . LEU A 1 115 ? -7.235  -6.309  15.155  1.00 19.89 ? 115 LEU A C   1 
ATOM   948  O  O   . LEU A 1 115 ? -6.823  -5.207  14.758  1.00 18.94 ? 115 LEU A O   1 
ATOM   949  C  CB  . LEU A 1 115 ? -8.152  -7.573  13.202  1.00 24.46 ? 115 LEU A CB  1 
ATOM   950  C  CG  . LEU A 1 115 ? -7.782  -8.553  12.050  1.00 28.48 ? 115 LEU A CG  1 
ATOM   951  C  CD1 . LEU A 1 115 ? -8.910  -8.503  11.022  1.00 32.01 ? 115 LEU A CD1 1 
ATOM   952  C  CD2 . LEU A 1 115 ? -6.487  -7.994  11.413  1.00 29.65 ? 115 LEU A CD2 1 
ATOM   953  N  N   . GLU A 1 116 ? -7.794  -6.451  16.366  1.00 19.61 ? 116 GLU A N   1 
ATOM   954  C  CA  . GLU A 1 116 ? -7.946  -5.258  17.213  1.00 21.47 ? 116 GLU A CA  1 
ATOM   955  C  C   . GLU A 1 116 ? -6.613  -4.645  17.576  1.00 20.50 ? 116 GLU A C   1 
ATOM   956  O  O   . GLU A 1 116 ? -6.559  -3.485  18.027  1.00 21.81 ? 116 GLU A O   1 
ATOM   957  C  CB  . GLU A 1 116 ? -8.748  -5.597  18.457  1.00 22.10 ? 116 GLU A CB  1 
ATOM   958  C  CG  . GLU A 1 116 ? -8.018  -6.458  19.469  1.00 24.28 ? 116 GLU A CG  1 
ATOM   959  C  CD  . GLU A 1 116 ? -8.101  -7.940  19.210  1.00 24.87 ? 116 GLU A CD  1 
ATOM   960  O  OE1 . GLU A 1 116 ? -8.577  -8.383  18.144  1.00 24.80 ? 116 GLU A OE1 1 
ATOM   961  O  OE2 . GLU A 1 116 ? -7.666  -8.698  20.100  1.00 28.66 ? 116 GLU A OE2 1 
ATOM   962  N  N   . GLN A 1 117 ? -5.540  -5.431  17.461  1.00 19.39 ? 117 GLN A N   1 
ATOM   963  C  CA  . GLN A 1 117 ? -4.221  -4.908  17.800  1.00 22.28 ? 117 GLN A CA  1 
ATOM   964  C  C   . GLN A 1 117 ? -3.793  -3.770  16.898  1.00 19.36 ? 117 GLN A C   1 
ATOM   965  O  O   . GLN A 1 117 ? -2.876  -3.003  17.224  1.00 22.62 ? 117 GLN A O   1 
ATOM   966  C  CB  . GLN A 1 117 ? -3.149  -5.996  17.829  1.00 25.54 ? 117 GLN A CB  1 
ATOM   967  C  CG  . GLN A 1 117 ? -2.615  -6.380  16.465  1.00 28.91 ? 117 GLN A CG  1 
ATOM   968  C  CD  . GLN A 1 117 ? -1.813  -7.668  16.464  1.00 28.44 ? 117 GLN A CD  1 
ATOM   969  O  OE1 . GLN A 1 117 ? -0.597  -7.635  16.667  1.00 40.95 ? 117 GLN A OE1 1 
ATOM   970  N  NE2 . GLN A 1 117 ? -2.469  -8.802  16.196  1.00 38.08 ? 117 GLN A NE2 1 
ATOM   971  N  N   . TRP A 1 118 ? -4.410  -3.665  15.727  1.00 17.38 ? 118 TRP A N   1 
ATOM   972  C  CA  . TRP A 1 118 ? -4.032  -2.672  14.746  1.00 17.94 ? 118 TRP A CA  1 
ATOM   973  C  C   . TRP A 1 118 ? -4.824  -1.388  14.857  1.00 19.78 ? 118 TRP A C   1 
ATOM   974  O  O   . TRP A 1 118 ? -4.610  -0.490  14.054  1.00 24.84 ? 118 TRP A O   1 
ATOM   975  C  CB  . TRP A 1 118 ? -4.126  -3.252  13.316  1.00 17.90 ? 118 TRP A CB  1 
ATOM   976  C  CG  . TRP A 1 118 ? -3.260  -4.476  13.208  1.00 17.02 ? 118 TRP A CG  1 
ATOM   977  C  CD1 . TRP A 1 118 ? -3.668  -5.765  13.240  1.00 18.82 ? 118 TRP A CD1 1 
ATOM   978  C  CD2 . TRP A 1 118 ? -1.835  -4.516  13.140  1.00 17.66 ? 118 TRP A CD2 1 
ATOM   979  N  NE1 . TRP A 1 118 ? -2.608  -6.614  13.153  1.00 19.79 ? 118 TRP A NE1 1 
ATOM   980  C  CE2 . TRP A 1 118 ? -1.458  -5.871  13.081  1.00 19.41 ? 118 TRP A CE2 1 
ATOM   981  C  CE3 . TRP A 1 118 ? -0.840  -3.551  13.091  1.00 17.79 ? 118 TRP A CE3 1 
ATOM   982  C  CZ2 . TRP A 1 118 ? -0.125  -6.272  12.978  1.00 21.14 ? 118 TRP A CZ2 1 
ATOM   983  C  CZ3 . TRP A 1 118 ? 0.490   -3.944  12.980  1.00 20.64 ? 118 TRP A CZ3 1 
ATOM   984  C  CH2 . TRP A 1 118 ? 0.824   -5.297  12.931  1.00 21.09 ? 118 TRP A CH2 1 
ATOM   985  N  N   . LEU A 1 119 ? -5.724  -1.291  15.832  1.00 20.30 ? 119 LEU A N   1 
ATOM   986  C  CA  . LEU A 1 119 ? -6.533  -0.095  16.022  1.00 22.66 ? 119 LEU A CA  1 
ATOM   987  C  C   . LEU A 1 119 ? -5.714  0.960   16.770  1.00 21.63 ? 119 LEU A C   1 
ATOM   988  O  O   . LEU A 1 119 ? -4.874  0.614   17.606  1.00 23.61 ? 119 LEU A O   1 
ATOM   989  C  CB  . LEU A 1 119 ? -7.757  -0.438  16.890  1.00 26.17 ? 119 LEU A CB  1 
ATOM   990  C  CG  . LEU A 1 119 ? -8.725  -1.474  16.231  1.00 28.56 ? 119 LEU A CG  1 
ATOM   991  C  CD1 . LEU A 1 119 ? -9.754  -1.914  17.263  1.00 32.08 ? 119 LEU A CD1 1 
ATOM   992  C  CD2 . LEU A 1 119 ? -9.405  -0.767  15.076  1.00 30.00 ? 119 LEU A CD2 1 
ATOM   993  N  N   . CYS A 1 120 ? -6.050  2.208   16.563  1.00 21.48 ? 120 CYS A N   1 
ATOM   994  C  CA  . CYS A 1 120 ? -5.454  3.254   17.387  1.00 22.93 ? 120 CYS A CA  1 
ATOM   995  C  C   . CYS A 1 120 ? -6.286  3.400   18.686  1.00 23.90 ? 120 CYS A C   1 
ATOM   996  O  O   . CYS A 1 120 ? -7.476  3.601   18.626  1.00 28.71 ? 120 CYS A O   1 
ATOM   997  C  CB  . CYS A 1 120 ? -5.488  4.562   16.620  1.00 24.38 ? 120 CYS A CB  1 
ATOM   998  S  SG  . CYS A 1 120 ? -4.845  5.968   17.578  1.00 25.57 ? 120 CYS A SG  1 
ATOM   999  N  N   . GLU A 1 121 ? -5.588  3.276   19.818  1.00 26.49 ? 121 GLU A N   1 
ATOM   1000 C  CA  . GLU A 1 121 ? -6.250  3.277   21.115  1.00 31.16 ? 121 GLU A CA  1 
ATOM   1001 C  C   . GLU A 1 121 ? -6.014  4.555   21.889  1.00 32.88 ? 121 GLU A C   1 
ATOM   1002 O  O   . GLU A 1 121 ? -6.383  4.591   23.080  1.00 35.21 ? 121 GLU A O   1 
ATOM   1003 C  CB  A GLU A 1 121 ? -5.553  2.130   21.958  0.50 34.31 ? 121 GLU A CB  1 
ATOM   1004 C  CB  B GLU A 1 121 ? -5.837  2.091   21.986  0.50 33.97 ? 121 GLU A CB  1 
ATOM   1005 C  CG  A GLU A 1 121 ? -4.046  2.392   22.035  0.50 38.00 ? 121 GLU A CG  1 
ATOM   1006 C  CG  B GLU A 1 121 ? -6.015  0.731   21.348  0.50 36.35 ? 121 GLU A CG  1 
ATOM   1007 C  CD  A GLU A 1 121 ? -3.280  1.806   20.875  0.50 40.11 ? 121 GLU A CD  1 
ATOM   1008 C  CD  B GLU A 1 121 ? -7.437  0.486   20.895  0.50 38.83 ? 121 GLU A CD  1 
ATOM   1009 O  OE1 A GLU A 1 121 ? -3.015  0.577   20.898  0.50 43.54 ? 121 GLU A OE1 1 
ATOM   1010 O  OE1 B GLU A 1 121 ? -7.826  1.051   19.846  0.50 43.29 ? 121 GLU A OE1 1 
ATOM   1011 O  OE2 A GLU A 1 121 ? -2.892  2.546   19.949  0.50 26.27 ? 121 GLU A OE2 1 
ATOM   1012 O  OE2 B GLU A 1 121 ? -8.135  -0.304  21.546  0.50 42.84 ? 121 GLU A OE2 1 
ATOM   1013 N  N   . LYS A 1 122 ? -5.285  5.494   21.332  1.00 32.85 ? 122 LYS A N   1 
ATOM   1014 C  CA  . LYS A 1 122 ? -4.727  6.590   22.094  1.00 40.77 ? 122 LYS A CA  1 
ATOM   1015 C  C   . LYS A 1 122 ? -5.594  7.767   22.309  1.00 41.71 ? 122 LYS A C   1 
ATOM   1016 O  O   . LYS A 1 122 ? -5.363  8.605   23.227  1.00 63.49 ? 122 LYS A O   1 
ATOM   1017 C  CB  . LYS A 1 122 ? -3.328  6.932   21.616  1.00 39.29 ? 122 LYS A CB  1 
ATOM   1018 C  CG  . LYS A 1 122 ? -3.196  8.170   20.757  1.00 53.05 ? 122 LYS A CG  1 
ATOM   1019 C  CD  . LYS A 1 122 ? -1.743  8.268   20.223  1.00 59.15 ? 122 LYS A CD  1 
ATOM   1020 C  CE  . LYS A 1 122 ? -1.835  8.483   18.693  1.00 59.36 ? 122 LYS A CE  1 
ATOM   1021 N  NZ  . LYS A 1 122 ? -3.214  8.978   18.355  1.00 62.30 ? 122 LYS A NZ  1 
ATOM   1022 N  N   . LEU A 1 123 ? -6.617  7.964   21.473  1.00 45.92 ? 123 LEU A N   1 
ATOM   1023 C  CA  . LEU A 1 123 ? -7.397  9.227   21.629  1.00 46.82 ? 123 LEU A CA  1 
ATOM   1024 C  C   . LEU A 1 123 ? -8.839  8.816   22.052  1.00 42.91 ? 123 LEU A C   1 
ATOM   1025 O  O   . LEU A 1 123 ? -9.254  7.797   21.526  1.00 43.54 ? 123 LEU A O   1 
ATOM   1026 C  CB  . LEU A 1 123 ? -7.516  9.819   20.189  1.00 53.00 ? 123 LEU A CB  1 
ATOM   1027 C  CG  . LEU A 1 123 ? -6.233  10.518  19.715  1.00 52.14 ? 123 LEU A CG  1 
ATOM   1028 C  CD1 . LEU A 1 123 ? -6.223  10.617  18.198  1.00 60.18 ? 123 LEU A CD1 1 
ATOM   1029 C  CD2 . LEU A 1 123 ? -6.119  11.888  20.365  1.00 55.08 ? 123 LEU A CD2 1 
ATOM   1030 O  OXT . LEU A 1 123 ? -9.433  9.581   22.817  1.00 31.47 ? 123 LEU A OXT 1 
HETATM 1031 CA CA  . CA  B 2 .   ? 2.619   10.245  -3.231  1.00 12.16 ? 124 CA  A CA  1 
HETATM 1032 O  O   . HOH C 3 .   ? 4.028   9.121   -1.621  1.00 14.70 ? 125 HOH A O   1 
HETATM 1033 O  O   . HOH C 3 .   ? 2.369   12.433  -4.391  1.00 17.19 ? 126 HOH A O   1 
HETATM 1034 O  O   . HOH C 3 .   ? 4.492   6.338   -0.244  1.00 13.55 ? 127 HOH A O   1 
HETATM 1035 O  O   . HOH C 3 .   ? 2.948   3.523   -2.196  1.00 13.44 ? 128 HOH A O   1 
HETATM 1036 O  O   . HOH C 3 .   ? 11.611  5.960   -13.743 1.00 18.05 ? 129 HOH A O   1 
HETATM 1037 O  O   . HOH C 3 .   ? 0.178   -11.020 11.934  1.00 18.00 ? 130 HOH A O   1 
HETATM 1038 O  O   . HOH C 3 .   ? 11.076  -13.101 -16.936 1.00 22.91 ? 131 HOH A O   1 
HETATM 1039 O  O   . HOH C 3 .   ? 14.840  -0.111  -8.820  1.00 21.38 ? 132 HOH A O   1 
HETATM 1040 O  O   . HOH C 3 .   ? 7.399   0.768   -15.117 1.00 20.48 ? 133 HOH A O   1 
HETATM 1041 O  O   . HOH C 3 .   ? -2.890  -12.982 11.832  1.00 26.35 ? 134 HOH A O   1 
HETATM 1042 O  O   . HOH C 3 .   ? 8.800   12.167  -6.147  1.00 22.14 ? 135 HOH A O   1 
HETATM 1043 O  O   . HOH C 3 .   ? -8.866  5.380   -7.129  1.00 25.43 ? 136 HOH A O   1 
HETATM 1044 O  O   . HOH C 3 .   ? -3.098  -9.496  12.794  1.00 30.20 ? 137 HOH A O   1 
HETATM 1045 O  O   . HOH C 3 .   ? 17.259  -0.884  -9.856  1.00 31.70 ? 138 HOH A O   1 
HETATM 1046 O  O   . HOH C 3 .   ? 2.063   -0.847  14.473  1.00 35.14 ? 139 HOH A O   1 
HETATM 1047 O  O   . HOH C 3 .   ? 10.792  8.041   5.228   1.00 32.81 ? 140 HOH A O   1 
HETATM 1048 O  O   . HOH C 3 .   ? 9.304   7.850   -11.791 1.00 31.71 ? 141 HOH A O   1 
HETATM 1049 O  O   . HOH C 3 .   ? -7.159  -10.645 -2.837  1.00 36.75 ? 142 HOH A O   1 
HETATM 1050 O  O   . HOH C 3 .   ? -0.355  13.356  -4.763  1.00 35.44 ? 143 HOH A O   1 
HETATM 1051 O  O   . HOH C 3 .   ? -9.305  -8.460  -1.015  1.00 30.84 ? 144 HOH A O   1 
HETATM 1052 O  O   . HOH C 3 .   ? 6.283   14.602  -5.951  1.00 33.80 ? 145 HOH A O   1 
HETATM 1053 O  O   . HOH C 3 .   ? 7.433   -5.105  -1.024  1.00 31.81 ? 146 HOH A O   1 
HETATM 1054 O  O   . HOH C 3 .   ? -9.709  2.825   17.246  1.00 31.36 ? 147 HOH A O   1 
HETATM 1055 O  O   . HOH C 3 .   ? 9.168   7.408   -14.301 1.00 30.02 ? 148 HOH A O   1 
HETATM 1056 O  O   . HOH C 3 .   ? -12.931 10.624  2.213   1.00 28.47 ? 149 HOH A O   1 
HETATM 1057 O  O   . HOH C 3 .   ? 14.715  -3.963  -8.774  1.00 33.83 ? 150 HOH A O   1 
HETATM 1058 O  O   . HOH C 3 .   ? 3.197   3.100   15.581  1.00 43.86 ? 151 HOH A O   1 
HETATM 1059 O  O   . HOH C 3 .   ? -10.114 -10.471 17.401  1.00 35.18 ? 152 HOH A O   1 
HETATM 1060 O  O   . HOH C 3 .   ? -7.895  2.901   14.782  1.00 38.68 ? 153 HOH A O   1 
HETATM 1061 O  O   . HOH C 3 .   ? -8.313  -11.282 20.821  1.00 53.64 ? 154 HOH A O   1 
HETATM 1062 O  O   . HOH C 3 .   ? 2.619   -1.883  1.500   1.00 59.08 ? 155 HOH A O   1 
HETATM 1063 O  O   . HOH C 3 .   ? 4.836   2.525   -18.884 1.00 53.53 ? 156 HOH A O   1 
HETATM 1064 O  O   . HOH C 3 .   ? -2.847  11.812  10.597  1.00 40.44 ? 157 HOH A O   1 
HETATM 1065 O  O   . HOH C 3 .   ? 4.591   -5.940  -0.776  1.00 39.58 ? 158 HOH A O   1 
HETATM 1066 O  O   . HOH C 3 .   ? 1.976   -1.542  -22.111 1.00 49.98 ? 159 HOH A O   1 
HETATM 1067 O  O   . HOH C 3 .   ? -9.666  -10.228 14.661  1.00 36.55 ? 160 HOH A O   1 
HETATM 1068 O  O   . HOH C 3 .   ? 6.602   12.577  -12.139 1.00 49.47 ? 161 HOH A O   1 
HETATM 1069 O  O   . HOH C 3 .   ? 2.611   -4.546  -17.471 1.00 38.03 ? 162 HOH A O   1 
HETATM 1070 O  O   . HOH C 3 .   ? -8.290  11.153  24.690  1.00 54.38 ? 163 HOH A O   1 
HETATM 1071 O  O   . HOH C 3 .   ? 13.731  1.490   1.389   0.97 49.00 ? 164 HOH A O   1 
HETATM 1072 O  O   . HOH C 3 .   ? -11.680 4.336   -6.707  0.96 50.79 ? 165 HOH A O   1 
HETATM 1073 O  O   . HOH C 3 .   ? 3.964   -5.189  -2.909  0.96 45.16 ? 166 HOH A O   1 
HETATM 1074 O  O   . HOH C 3 .   ? 9.775   12.392  4.635   0.95 55.75 ? 167 HOH A O   1 
HETATM 1075 O  O   . HOH C 3 .   ? 15.700  0.657   -6.334  0.93 41.25 ? 168 HOH A O   1 
HETATM 1076 O  O   . HOH C 3 .   ? -14.116 3.615   0.723   0.60 52.49 ? 169 HOH A O   1 
HETATM 1077 O  O   . HOH C 3 .   ? -4.176  -8.316  -13.312 0.97 55.68 ? 170 HOH A O   1 
HETATM 1078 O  O   . HOH C 3 .   ? -7.879  6.529   19.625  0.89 41.79 ? 171 HOH A O   1 
HETATM 1079 O  O   . HOH C 3 .   ? 1.155   13.891  7.598   0.87 40.44 ? 172 HOH A O   1 
HETATM 1080 O  O   . HOH C 3 .   ? 14.088  -13.416 -12.020 0.96 44.35 ? 173 HOH A O   1 
HETATM 1081 O  O   . HOH C 3 .   ? 7.958   14.632  0.023   0.95 45.31 ? 174 HOH A O   1 
HETATM 1082 O  O   . HOH C 3 .   ? 16.619  -3.987  -13.841 0.83 51.59 ? 175 HOH A O   1 
HETATM 1083 O  O   . HOH C 3 .   ? 8.467   10.534  1.439   0.89 41.86 ? 176 HOH A O   1 
HETATM 1084 O  O   . HOH C 3 .   ? 1.591   13.347  -11.279 1.00 51.37 ? 177 HOH A O   1 
HETATM 1085 O  O   . HOH C 3 .   ? -1.441  -3.144  19.945  0.79 44.54 ? 178 HOH A O   1 
HETATM 1086 O  O   . HOH C 3 .   ? 1.758   8.219   -16.874 0.79 50.10 ? 179 HOH A O   1 
HETATM 1087 O  O   . HOH C 3 .   ? -5.096  -13.857 1.770   0.80 48.58 ? 180 HOH A O   1 
HETATM 1088 O  O   . HOH C 3 .   ? -8.450  6.803   -10.443 0.79 51.84 ? 181 HOH A O   1 
HETATM 1089 O  O   . HOH C 3 .   ? 1.642   -9.038  14.785  0.82 42.85 ? 182 HOH A O   1 
HETATM 1090 O  O   . HOH C 3 .   ? 11.449  -6.495  -16.045 0.83 53.83 ? 183 HOH A O   1 
HETATM 1091 O  O   . HOH C 3 .   ? -6.194  -11.724 -5.106  0.75 76.17 ? 184 HOH A O   1 
HETATM 1092 O  O   . HOH C 3 .   ? 0.415   -2.660  16.396  0.76 46.15 ? 185 HOH A O   1 
HETATM 1093 O  O   . HOH C 3 .   ? 0.952   -9.489  12.342  0.61 26.71 ? 186 HOH A O   1 
HETATM 1094 O  O   . HOH C 3 .   ? 7.180   -5.914  -7.926  0.78 55.85 ? 187 HOH A O   1 
HETATM 1095 O  O   . HOH C 3 .   ? 2.310   4.378   -19.916 0.75 56.87 ? 188 HOH A O   1 
HETATM 1096 O  O   . HOH C 3 .   ? 11.553  2.536   7.692   0.91 58.23 ? 189 HOH A O   1 
HETATM 1097 O  O   . HOH C 3 .   ? 17.572  -0.831  -13.192 0.89 45.45 ? 190 HOH A O   1 
HETATM 1098 O  O   . HOH C 3 .   ? 7.521   -5.465  1.386   0.77 49.19 ? 191 HOH A O   1 
HETATM 1099 O  O   . HOH C 3 .   ? 4.194   -6.844  -6.739  0.66 65.04 ? 192 HOH A O   1 
HETATM 1100 O  O   . HOH C 3 .   ? 6.994   2.240   -17.500 0.63 49.46 ? 193 HOH A O   1 
HETATM 1101 O  O   . HOH C 3 .   ? 5.078   10.513  11.710  0.67 43.93 ? 194 HOH A O   1 
HETATM 1102 O  O   . HOH C 3 .   ? 6.586   -19.584 1.947   0.48 50.79 ? 195 HOH A O   1 
HETATM 1103 O  O   . HOH C 3 .   ? -9.815  -9.562  3.703   0.58 48.37 ? 196 HOH A O   1 
HETATM 1104 O  O   . HOH C 3 .   ? -10.539 1.676   -8.585  0.61 49.44 ? 197 HOH A O   1 
HETATM 1105 O  O   . HOH C 3 .   ? -11.989 -8.321  4.741   0.74 67.03 ? 198 HOH A O   1 
HETATM 1106 O  O   . HOH C 3 .   ? -11.392 -10.810 -4.086  0.64 56.38 ? 199 HOH A O   1 
HETATM 1107 O  O   . HOH C 3 .   ? 9.613   -3.776  -19.773 0.77 47.54 ? 200 HOH A O   1 
HETATM 1108 O  O   . HOH C 3 .   ? -1.402  -11.562 15.616  0.57 45.69 ? 201 HOH A O   1 
HETATM 1109 O  O   . HOH C 3 .   ? 10.931  -6.473  6.274   0.64 59.52 ? 202 HOH A O   1 
HETATM 1110 O  O   . HOH C 3 .   ? 5.843   4.233   13.229  0.47 35.61 ? 203 HOH A O   1 
HETATM 1111 O  O   . HOH C 3 .   ? 12.326  -4.662  -17.536 0.70 58.27 ? 204 HOH A O   1 
HETATM 1112 O  O   . HOH C 3 .   ? 2.236   2.917   19.454  0.43 53.61 ? 205 HOH A O   1 
HETATM 1113 O  O   . HOH C 3 .   ? 3.950   -10.087 2.496   0.59 49.70 ? 206 HOH A O   1 
HETATM 1114 O  O   . HOH C 3 .   ? 3.872   -5.885  16.056  0.44 53.75 ? 207 HOH A O   1 
HETATM 1115 O  O   . HOH C 3 .   ? 10.621  -4.615  3.446   0.54 74.20 ? 208 HOH A O   1 
HETATM 1116 O  O   . HOH C 3 .   ? -6.992  -7.481  22.306  0.77 51.10 ? 209 HOH A O   1 
HETATM 1117 O  O   . HOH C 3 .   ? 7.641   -0.520  -23.994 0.66 56.29 ? 210 HOH A O   1 
HETATM 1118 O  O   . HOH C 3 .   ? 8.611   -9.858  -14.767 0.54 44.10 ? 211 HOH A O   1 
HETATM 1119 O  O   . HOH C 3 .   ? -15.629 -4.607  5.044   0.62 55.14 ? 212 HOH A O   1 
HETATM 1120 O  O   . HOH C 3 .   ? -8.991  -15.731 11.079  0.47 69.38 ? 213 HOH A O   1 
HETATM 1121 O  O   . HOH C 3 .   ? 6.560   1.126   11.872  0.47 39.82 ? 214 HOH A O   1 
HETATM 1122 O  O   . HOH C 3 .   ? 1.989   15.773  -10.702 0.71 49.17 ? 215 HOH A O   1 
HETATM 1123 O  O   . HOH C 3 .   ? -4.642  -1.395  19.749  0.69 50.35 ? 216 HOH A O   1 
HETATM 1124 O  O   . HOH C 3 .   ? 8.152   -6.446  -18.031 0.67 49.86 ? 217 HOH A O   1 
HETATM 1125 O  O   . HOH C 3 .   ? -8.510  -11.073 7.006   0.64 54.05 ? 218 HOH A O   1 
HETATM 1126 O  O   . HOH C 3 .   ? 11.807  5.001   8.408   0.69 56.03 ? 219 HOH A O   1 
HETATM 1127 O  O   . HOH C 3 .   ? -11.190 2.229   13.068  0.58 76.60 ? 220 HOH A O   1 
HETATM 1128 O  O   . HOH C 3 .   ? 5.382   -5.577  -17.170 0.43 42.97 ? 221 HOH A O   1 
HETATM 1129 O  O   . HOH C 3 .   ? -5.205  -14.523 -6.685  0.64 51.37 ? 222 HOH A O   1 
HETATM 1130 O  O   . HOH C 3 .   ? -11.494 -5.871  11.846  0.58 49.71 ? 223 HOH A O   1 
HETATM 1131 O  O   . HOH C 3 .   ? -9.506  8.433   4.062   0.73 39.55 ? 224 HOH A O   1 
HETATM 1132 O  O   . HOH C 3 .   ? 4.337   -8.329  -0.184  0.64 38.63 ? 225 HOH A O   1 
HETATM 1133 O  O   . HOH C 3 .   ? 9.539   -2.334  2.504   0.49 45.91 ? 226 HOH A O   1 
HETATM 1134 O  O   . HOH C 3 .   ? 8.196   -7.478  6.479   0.51 56.10 ? 227 HOH A O   1 
HETATM 1135 O  O   . HOH C 3 .   ? -0.260  3.283   18.817  0.55 34.79 ? 228 HOH A O   1 
HETATM 1136 O  O   . HOH C 3 .   ? 3.556   15.737  5.598   0.37 46.45 ? 229 HOH A O   1 
HETATM 1137 O  O   . HOH C 3 .   ? 14.360  -9.540  -3.885  0.56 62.52 ? 230 HOH A O   1 
HETATM 1138 O  O   . HOH C 3 .   ? 4.695   -12.644 -1.381  0.61 46.50 ? 231 HOH A O   1 
HETATM 1139 O  O   . HOH C 3 .   ? -17.884 4.194   3.380   0.49 56.74 ? 232 HOH A O   1 
HETATM 1140 O  O   . HOH C 3 .   ? 4.732   -14.979 -2.082  0.55 55.62 ? 233 HOH A O   1 
HETATM 1141 O  O   . HOH C 3 .   ? -12.778 6.096   0.119   0.61 38.81 ? 234 HOH A O   1 
HETATM 1142 O  O   . HOH C 3 .   ? 14.270  5.537   -0.327  0.59 39.21 ? 235 HOH A O   1 
HETATM 1143 O  O   . HOH C 3 .   ? -6.983  -11.530 -8.432  0.54 57.73 ? 236 HOH A O   1 
HETATM 1144 O  O   . HOH C 3 .   ? -3.624  12.542  -16.688 0.52 55.21 ? 237 HOH A O   1 
HETATM 1145 O  O   . HOH C 3 .   ? -1.078  13.358  9.208   0.53 49.70 ? 238 HOH A O   1 
HETATM 1146 O  O   . HOH C 3 .   ? -14.984 3.250   2.865   0.42 47.20 ? 239 HOH A O   1 
HETATM 1147 O  O   . HOH C 3 .   ? -4.093  -8.528  20.705  0.56 50.26 ? 240 HOH A O   1 
HETATM 1148 O  O   . HOH C 3 .   ? -15.793 4.628   5.008   0.55 59.29 ? 241 HOH A O   1 
HETATM 1149 O  O   . HOH C 3 .   ? -0.045  -18.361 10.880  0.49 50.31 ? 242 HOH A O   1 
HETATM 1150 O  O   . HOH C 3 .   ? 12.493  -13.751 -8.550  0.55 52.57 ? 243 HOH A O   1 
HETATM 1151 O  O   . HOH C 3 .   ? 9.994   -9.387  -9.891  0.53 49.78 ? 244 HOH A O   1 
HETATM 1152 O  O   . HOH C 3 .   ? -8.375  5.870   14.884  0.51 59.79 ? 245 HOH A O   1 
HETATM 1153 O  O   . HOH C 3 .   ? 0.835   -11.174 -4.826  0.39 38.13 ? 246 HOH A O   1 
HETATM 1154 O  O   . HOH C 3 .   ? 12.771  -11.010 -6.091  0.47 60.06 ? 247 HOH A O   1 
HETATM 1155 O  O   . HOH C 3 .   ? 7.391   4.882   14.305  0.35 46.67 ? 248 HOH A O   1 
HETATM 1156 O  O   . HOH C 3 .   ? 11.610  6.993   10.375  0.39 45.18 ? 249 HOH A O   1 
HETATM 1157 O  O   . HOH C 3 .   ? -1.593  -10.659 -6.753  0.50 47.00 ? 250 HOH A O   1 
HETATM 1158 O  O   . HOH C 3 .   ? 0.333   -10.778 9.701   0.47 83.67 ? 251 HOH A O   1 
HETATM 1159 O  O   . HOH C 3 .   ? -1.372  -10.966 12.185  0.52 29.97 ? 252 HOH A O   1 
HETATM 1160 O  O   . HOH C 3 .   ? 15.960  -16.085 -10.931 0.43 63.14 ? 253 HOH A O   1 
HETATM 1161 O  O   . HOH C 3 .   ? 4.991   -8.070  -16.385 0.62 49.23 ? 254 HOH A O   1 
HETATM 1162 O  O   . HOH C 3 .   ? 13.194  12.165  -0.011  0.52 56.03 ? 255 HOH A O   1 
HETATM 1163 O  O   . HOH C 3 .   ? 0.768   -6.809  19.706  0.37 51.96 ? 256 HOH A O   1 
HETATM 1164 O  O   . HOH C 3 .   ? 12.330  0.655   -24.474 0.56 46.60 ? 257 HOH A O   1 
HETATM 1165 O  O   . HOH C 3 .   ? 5.332   -1.575  -24.057 0.63 45.64 ? 258 HOH A O   1 
HETATM 1166 O  O   . HOH C 3 .   ? 0.598   -6.970  -17.750 0.60 55.51 ? 259 HOH A O   1 
HETATM 1167 O  O   . HOH C 3 .   ? -13.277 -6.343  -7.761  0.53 45.96 ? 260 HOH A O   1 
HETATM 1168 O  O   . HOH C 3 .   ? -6.279  1.451   12.697  0.42 28.96 ? 261 HOH A O   1 
HETATM 1169 O  O   A HOH C 3 .   ? 3.275   -7.507  -3.833  0.51 44.87 ? 262 HOH A O   1 
HETATM 1170 O  O   B HOH C 3 .   ? -8.089  1.377   -14.491 0.49 32.62 ? 263 HOH A O   1 
HETATM 1171 O  O   A HOH C 3 .   ? 16.859  -8.098  -4.876  0.65 40.59 ? 264 HOH A O   1 
HETATM 1172 O  O   B HOH C 3 .   ? 17.802  -7.706  -7.416  0.35 31.15 ? 265 HOH A O   1 
HETATM 1173 O  O   A HOH C 3 .   ? -5.851  4.998   -14.357 0.70 34.76 ? 266 HOH A O   1 
HETATM 1174 O  O   B HOH C 3 .   ? -5.885  7.021   -16.249 0.30 36.69 ? 267 HOH A O   1 
HETATM 1175 O  O   A HOH C 3 .   ? 0.680   -6.792  -9.568  0.58 40.73 ? 268 HOH A O   1 
HETATM 1176 O  O   B HOH C 3 .   ? 2.912   -5.098  -10.786 0.42 49.22 ? 269 HOH A O   1 
HETATM 1177 O  O   A HOH C 3 .   ? 0.055   10.891  -14.959 0.57 45.44 ? 270 HOH A O   1 
HETATM 1178 O  O   B HOH C 3 .   ? -2.191  10.803  -15.000 0.43 34.43 ? 271 HOH A O   1 
HETATM 1179 O  O   C HOH C 3 .   ? -4.631  9.877   -15.758 0.50 35.88 ? 272 HOH A O   1 
HETATM 1180 O  O   A HOH C 3 .   ? -11.918 -9.127  13.321  0.65 38.11 ? 273 HOH A O   1 
HETATM 1181 O  O   B HOH C 3 .   ? -12.248 -10.265 10.947  0.35 43.97 ? 274 HOH A O   1 
HETATM 1182 O  O   A HOH C 3 .   ? 14.848  -5.607  -1.988  0.50 48.36 ? 275 HOH A O   1 
HETATM 1183 O  O   B HOH C 3 .   ? 15.361  -3.962  -1.621  0.50 46.06 ? 276 HOH A O   1 
HETATM 1184 O  O   A HOH C 3 .   ? -7.332  -14.743 17.422  0.55 53.67 ? 277 HOH A O   1 
HETATM 1185 O  O   B HOH C 3 .   ? -8.460  -13.362 16.467  0.45 41.81 ? 278 HOH A O   1 
HETATM 1186 O  O   A HOH C 3 .   ? -4.545  8.834   -19.646 0.55 52.36 ? 279 HOH A O   1 
HETATM 1187 O  O   B HOH C 3 .   ? -7.022  8.273   -19.995 0.45 57.92 ? 280 HOH A O   1 
HETATM 1188 O  O   A HOH C 3 .   ? 17.396  -3.268  -8.100  0.55 53.40 ? 281 HOH A O   1 
HETATM 1189 O  O   B HOH C 3 .   ? 17.812  -5.175  -9.575  0.45 39.51 ? 282 HOH A O   1 
HETATM 1190 O  O   A HOH C 3 .   ? 0.328   -9.297  -7.573  0.48 66.69 ? 283 HOH A O   1 
HETATM 1191 O  O   B HOH C 3 .   ? 0.702   -10.787 -8.656  0.52 69.80 ? 284 HOH A O   1 
HETATM 1192 O  O   A HOH C 3 .   ? 15.095  -5.682  -15.150 0.48 55.76 ? 285 HOH A O   1 
HETATM 1193 O  O   B HOH C 3 .   ? 15.276  -2.980  -17.082 0.52 67.80 ? 286 HOH A O   1 
HETATM 1194 O  O   A HOH C 3 .   ? -11.213 -6.999  -4.682  0.60 54.86 ? 287 HOH A O   1 
HETATM 1195 O  O   B HOH C 3 .   ? -10.705 -6.141  -2.266  0.40 38.17 ? 288 HOH A O   1 
# 
